data_2CUB
#
_entry.id   2CUB
#
_entity_poly.entity_id   1
_entity_poly.type   'polypeptide(L)'
_entity_poly.pdbx_seq_one_letter_code
;GSSGSSGDPGERLYDLNMPAYVKFNYMAEREDELSLIKGTKVIVMEKCSDGWWRGSYNGQVGWFPSNYVTEEGDSPLGDH
VGSGPSSG
;
_entity_poly.pdbx_strand_id   A
#
# COMPACT_ATOMS: atom_id res chain seq x y z
N GLY A 1 8.55 -34.35 -2.90
CA GLY A 1 7.30 -34.31 -2.15
C GLY A 1 6.82 -32.90 -1.88
N SER A 2 5.88 -32.44 -2.67
CA SER A 2 5.33 -31.09 -2.51
C SER A 2 3.92 -31.00 -3.09
N SER A 3 3.24 -29.91 -2.78
CA SER A 3 1.87 -29.70 -3.26
C SER A 3 1.83 -28.57 -4.29
N GLY A 4 1.75 -28.95 -5.57
CA GLY A 4 1.71 -27.96 -6.63
C GLY A 4 0.35 -27.29 -6.74
N SER A 5 0.20 -26.15 -6.08
CA SER A 5 -1.05 -25.42 -6.10
C SER A 5 -0.99 -24.25 -7.09
N SER A 6 -0.03 -23.35 -6.86
CA SER A 6 0.13 -22.19 -7.73
C SER A 6 1.36 -22.35 -8.62
N GLY A 7 1.17 -22.99 -9.77
CA GLY A 7 2.27 -23.20 -10.69
C GLY A 7 2.55 -21.98 -11.56
N ASP A 8 2.77 -20.85 -10.91
CA ASP A 8 3.04 -19.60 -11.63
C ASP A 8 3.92 -18.68 -10.79
N PRO A 9 4.61 -17.75 -11.47
CA PRO A 9 5.51 -16.79 -10.81
C PRO A 9 4.73 -15.76 -9.99
N GLY A 10 5.40 -15.18 -8.99
CA GLY A 10 4.76 -14.19 -8.16
C GLY A 10 3.85 -14.80 -7.12
N GLU A 11 3.04 -13.97 -6.46
CA GLU A 11 2.12 -14.44 -5.43
C GLU A 11 1.07 -13.37 -5.12
N ARG A 12 -0.06 -13.82 -4.60
CA ARG A 12 -1.16 -12.91 -4.26
C ARG A 12 -1.01 -12.41 -2.81
N LEU A 13 -0.74 -11.12 -2.66
CA LEU A 13 -0.58 -10.52 -1.34
C LEU A 13 -1.80 -9.67 -0.98
N TYR A 14 -2.52 -10.10 0.06
CA TYR A 14 -3.71 -9.39 0.51
C TYR A 14 -3.76 -9.32 2.03
N ASP A 15 -4.80 -8.70 2.55
CA ASP A 15 -4.98 -8.56 4.00
C ASP A 15 -3.65 -8.21 4.67
N LEU A 16 -2.91 -7.28 4.07
CA LEU A 16 -1.63 -6.86 4.61
C LEU A 16 -1.82 -5.93 5.80
N ASN A 17 -2.71 -4.96 5.65
CA ASN A 17 -2.99 -4.00 6.72
C ASN A 17 -1.79 -3.08 6.96
N MET A 18 -1.12 -2.71 5.87
CA MET A 18 0.05 -1.84 5.97
C MET A 18 -0.36 -0.38 5.84
N PRO A 19 -0.01 0.44 6.84
CA PRO A 19 -0.33 1.86 6.87
C PRO A 19 0.46 2.65 5.83
N ALA A 20 -0.25 3.33 4.94
CA ALA A 20 0.38 4.12 3.89
C ALA A 20 0.10 5.61 4.09
N TYR A 21 0.89 6.45 3.43
CA TYR A 21 0.73 7.89 3.52
C TYR A 21 0.43 8.51 2.17
N VAL A 22 -0.78 9.06 2.02
CA VAL A 22 -1.20 9.68 0.78
C VAL A 22 -0.38 10.93 0.49
N LYS A 23 0.58 10.82 -0.41
CA LYS A 23 1.44 11.94 -0.78
C LYS A 23 0.72 12.87 -1.76
N PHE A 24 -0.23 12.32 -2.51
CA PHE A 24 -0.99 13.09 -3.48
C PHE A 24 -2.47 12.70 -3.45
N ASN A 25 -3.34 13.69 -3.36
CA ASN A 25 -4.78 13.45 -3.34
C ASN A 25 -5.24 12.83 -4.64
N TYR A 26 -5.84 11.64 -4.56
CA TYR A 26 -6.33 10.94 -5.73
C TYR A 26 -7.83 11.15 -5.90
N MET A 27 -8.26 11.39 -7.13
CA MET A 27 -9.68 11.60 -7.43
C MET A 27 -10.28 10.38 -8.10
N ALA A 28 -11.03 9.60 -7.33
CA ALA A 28 -11.67 8.40 -7.85
C ALA A 28 -12.97 8.73 -8.56
N GLU A 29 -13.35 7.89 -9.53
CA GLU A 29 -14.58 8.11 -10.28
C GLU A 29 -15.50 6.88 -10.19
N ARG A 30 -14.89 5.71 -10.02
CA ARG A 30 -15.64 4.47 -9.92
C ARG A 30 -15.74 4.01 -8.47
N GLU A 31 -16.91 3.46 -8.11
CA GLU A 31 -17.13 2.99 -6.76
C GLU A 31 -16.01 2.06 -6.30
N ASP A 32 -15.40 1.37 -7.27
CA ASP A 32 -14.31 0.46 -6.97
C ASP A 32 -13.05 1.21 -6.55
N GLU A 33 -12.89 2.42 -7.09
CA GLU A 33 -11.73 3.24 -6.77
C GLU A 33 -11.98 4.08 -5.53
N LEU A 34 -10.91 4.39 -4.81
CA LEU A 34 -11.01 5.18 -3.58
C LEU A 34 -10.36 6.55 -3.77
N SER A 35 -10.96 7.57 -3.16
CA SER A 35 -10.43 8.93 -3.26
C SER A 35 -9.47 9.23 -2.10
N LEU A 36 -8.20 9.35 -2.42
CA LEU A 36 -7.18 9.64 -1.41
C LEU A 36 -7.02 11.13 -1.21
N ILE A 37 -6.45 11.52 -0.06
CA ILE A 37 -6.23 12.93 0.24
C ILE A 37 -4.81 13.16 0.74
N LYS A 38 -4.09 14.05 0.06
CA LYS A 38 -2.72 14.38 0.43
C LYS A 38 -2.64 14.91 1.85
N GLY A 39 -1.90 14.22 2.70
CA GLY A 39 -1.76 14.65 4.08
C GLY A 39 -2.49 13.73 5.04
N THR A 40 -2.89 12.55 4.56
CA THR A 40 -3.60 11.59 5.38
C THR A 40 -2.91 10.23 5.36
N LYS A 41 -3.50 9.26 6.05
CA LYS A 41 -2.93 7.92 6.11
C LYS A 41 -4.01 6.86 5.84
N VAL A 42 -3.66 5.86 5.06
CA VAL A 42 -4.60 4.79 4.72
C VAL A 42 -4.06 3.43 5.16
N ILE A 43 -4.88 2.40 5.03
CA ILE A 43 -4.49 1.06 5.41
C ILE A 43 -4.55 0.10 4.23
N VAL A 44 -3.38 -0.18 3.64
CA VAL A 44 -3.29 -1.08 2.50
C VAL A 44 -3.65 -2.51 2.89
N MET A 45 -4.57 -3.10 2.13
CA MET A 45 -5.01 -4.47 2.39
C MET A 45 -4.59 -5.40 1.26
N GLU A 46 -4.63 -4.89 0.04
CA GLU A 46 -4.25 -5.68 -1.12
C GLU A 46 -3.24 -4.93 -1.99
N LYS A 47 -2.50 -5.68 -2.81
CA LYS A 47 -1.49 -5.09 -3.68
C LYS A 47 -1.43 -5.82 -5.01
N CYS A 48 -1.62 -5.08 -6.10
CA CYS A 48 -1.60 -5.65 -7.44
C CYS A 48 -0.23 -5.45 -8.09
N SER A 49 0.47 -6.55 -8.34
CA SER A 49 1.79 -6.49 -8.96
C SER A 49 1.87 -5.36 -9.97
N ASP A 50 0.80 -5.21 -10.75
CA ASP A 50 0.74 -4.17 -11.77
C ASP A 50 1.22 -2.83 -11.21
N GLY A 51 0.65 -2.44 -10.07
CA GLY A 51 1.02 -1.17 -9.45
C GLY A 51 -0.09 -0.60 -8.61
N TRP A 52 -1.32 -0.93 -8.96
CA TRP A 52 -2.49 -0.42 -8.22
C TRP A 52 -2.61 -1.11 -6.87
N TRP A 53 -2.96 -0.33 -5.85
CA TRP A 53 -3.12 -0.86 -4.50
C TRP A 53 -4.57 -0.79 -4.05
N ARG A 54 -4.88 -1.48 -2.96
CA ARG A 54 -6.24 -1.50 -2.42
C ARG A 54 -6.23 -1.37 -0.90
N GLY A 55 -6.67 -0.23 -0.41
CA GLY A 55 -6.71 0.00 1.03
C GLY A 55 -8.01 0.64 1.49
N SER A 56 -8.02 1.11 2.73
CA SER A 56 -9.21 1.74 3.29
C SER A 56 -8.90 3.16 3.76
N TYR A 57 -9.93 3.99 3.80
CA TYR A 57 -9.77 5.38 4.23
C TYR A 57 -11.04 5.88 4.93
N ASN A 58 -10.97 5.99 6.25
CA ASN A 58 -12.10 6.46 7.04
C ASN A 58 -13.25 5.46 6.98
N GLY A 59 -12.92 4.18 6.96
CA GLY A 59 -13.94 3.15 6.90
C GLY A 59 -14.28 2.75 5.48
N GLN A 60 -13.82 3.55 4.51
CA GLN A 60 -14.09 3.27 3.11
C GLN A 60 -13.07 2.28 2.54
N VAL A 61 -13.38 1.74 1.37
CA VAL A 61 -12.49 0.78 0.72
C VAL A 61 -12.56 0.90 -0.80
N GLY A 62 -11.39 0.84 -1.45
CA GLY A 62 -11.35 0.94 -2.90
C GLY A 62 -9.95 0.77 -3.44
N TRP A 63 -9.79 1.00 -4.73
CA TRP A 63 -8.48 0.87 -5.38
C TRP A 63 -7.85 2.23 -5.62
N PHE A 64 -6.56 2.35 -5.32
CA PHE A 64 -5.84 3.60 -5.51
C PHE A 64 -4.39 3.34 -5.90
N PRO A 65 -3.81 4.28 -6.64
CA PRO A 65 -2.42 4.18 -7.10
C PRO A 65 -1.41 4.31 -5.97
N SER A 66 -0.58 3.29 -5.82
CA SER A 66 0.44 3.30 -4.76
C SER A 66 1.44 4.43 -4.96
N ASN A 67 1.65 4.81 -6.22
CA ASN A 67 2.58 5.88 -6.55
C ASN A 67 2.20 7.17 -5.82
N TYR A 68 0.93 7.27 -5.44
CA TYR A 68 0.44 8.45 -4.75
C TYR A 68 0.70 8.34 -3.25
N VAL A 69 0.65 7.12 -2.73
CA VAL A 69 0.87 6.89 -1.30
C VAL A 69 2.26 6.29 -1.06
N THR A 70 2.67 6.25 0.20
CA THR A 70 3.97 5.72 0.57
C THR A 70 3.88 4.90 1.85
N GLU A 71 4.54 3.74 1.86
CA GLU A 71 4.53 2.86 3.03
C GLU A 71 5.19 3.55 4.22
N GLU A 72 4.36 4.18 5.06
CA GLU A 72 4.86 4.87 6.25
C GLU A 72 5.40 3.88 7.27
N GLY A 73 4.64 2.85 7.55
CA GLY A 73 5.06 1.83 8.51
C GLY A 73 5.06 2.36 9.94
N ASP A 74 4.69 1.50 10.87
CA ASP A 74 4.64 1.89 12.28
C ASP A 74 5.01 0.71 13.18
N SER A 75 6.03 0.89 13.99
CA SER A 75 6.49 -0.15 14.90
C SER A 75 5.85 0.00 16.28
N PRO A 76 5.52 -1.14 16.92
CA PRO A 76 4.91 -1.16 18.24
C PRO A 76 5.87 -0.71 19.34
N LEU A 77 5.57 0.42 19.96
CA LEU A 77 6.41 0.96 21.02
C LEU A 77 6.41 0.03 22.24
N GLY A 78 7.60 -0.29 22.73
CA GLY A 78 7.72 -1.16 23.88
C GLY A 78 8.34 -2.49 23.53
N ASP A 79 7.52 -3.43 23.07
CA ASP A 79 8.00 -4.75 22.71
C ASP A 79 8.13 -4.89 21.19
N HIS A 80 9.25 -5.44 20.74
CA HIS A 80 9.49 -5.62 19.31
C HIS A 80 8.30 -6.31 18.64
N VAL A 81 7.99 -5.89 17.42
CA VAL A 81 6.88 -6.45 16.67
C VAL A 81 7.08 -7.95 16.46
N GLY A 82 5.97 -8.67 16.32
CA GLY A 82 6.04 -10.10 16.12
C GLY A 82 4.93 -10.61 15.21
N SER A 83 3.68 -10.41 15.62
CA SER A 83 2.54 -10.84 14.84
C SER A 83 2.59 -10.28 13.42
N GLY A 84 2.60 -11.18 12.43
CA GLY A 84 2.64 -10.75 11.05
C GLY A 84 3.36 -11.75 10.16
N PRO A 85 4.67 -11.53 9.97
CA PRO A 85 5.51 -12.40 9.13
C PRO A 85 5.72 -13.78 9.77
N SER A 86 5.10 -14.80 9.19
CA SER A 86 5.23 -16.16 9.71
C SER A 86 6.05 -17.03 8.76
N SER A 87 7.19 -17.51 9.24
CA SER A 87 8.07 -18.35 8.44
C SER A 87 8.86 -19.31 9.32
N GLY A 88 9.50 -20.29 8.69
CA GLY A 88 10.30 -21.25 9.42
C GLY A 88 11.71 -21.35 8.92
N GLY A 1 18.75 -5.96 -13.97
CA GLY A 1 17.33 -6.22 -13.83
C GLY A 1 16.93 -7.58 -14.39
N SER A 2 15.80 -8.09 -13.94
CA SER A 2 15.31 -9.39 -14.41
C SER A 2 15.29 -9.45 -15.92
N SER A 3 15.71 -10.58 -16.48
CA SER A 3 15.74 -10.76 -17.92
C SER A 3 14.40 -11.31 -18.43
N GLY A 4 13.92 -12.36 -17.79
CA GLY A 4 12.66 -12.95 -18.18
C GLY A 4 12.33 -14.20 -17.38
N SER A 5 11.04 -14.45 -17.20
CA SER A 5 10.59 -15.62 -16.44
C SER A 5 9.07 -15.80 -16.55
N SER A 6 8.64 -17.03 -16.82
CA SER A 6 7.22 -17.32 -16.95
C SER A 6 6.83 -18.48 -16.04
N GLY A 7 5.61 -18.44 -15.53
CA GLY A 7 5.12 -19.50 -14.66
C GLY A 7 5.55 -19.30 -13.22
N ASP A 8 5.10 -18.20 -12.62
CA ASP A 8 5.43 -17.89 -11.23
C ASP A 8 4.55 -18.68 -10.28
N PRO A 9 5.13 -19.10 -9.15
CA PRO A 9 4.41 -19.86 -8.12
C PRO A 9 3.37 -19.02 -7.39
N GLY A 10 2.49 -19.69 -6.66
CA GLY A 10 1.46 -18.98 -5.91
C GLY A 10 1.98 -17.75 -5.21
N GLU A 11 1.78 -16.59 -5.83
CA GLU A 11 2.25 -15.33 -5.25
C GLU A 11 1.12 -14.31 -5.21
N ARG A 12 0.65 -14.00 -4.01
CA ARG A 12 -0.43 -13.03 -3.83
C ARG A 12 -0.30 -12.32 -2.49
N LEU A 13 -0.41 -10.99 -2.52
CA LEU A 13 -0.32 -10.19 -1.30
C LEU A 13 -1.66 -9.55 -0.96
N TYR A 14 -2.25 -9.97 0.15
CA TYR A 14 -3.53 -9.43 0.59
C TYR A 14 -3.58 -9.30 2.11
N ASP A 15 -4.70 -8.79 2.61
CA ASP A 15 -4.87 -8.61 4.05
C ASP A 15 -3.56 -8.19 4.71
N LEU A 16 -2.85 -7.28 4.05
CA LEU A 16 -1.57 -6.79 4.57
C LEU A 16 -1.80 -5.87 5.77
N ASN A 17 -2.73 -4.93 5.62
CA ASN A 17 -3.04 -3.98 6.69
C ASN A 17 -1.86 -3.05 6.95
N MET A 18 -1.12 -2.73 5.89
CA MET A 18 0.03 -1.84 6.00
C MET A 18 -0.39 -0.38 5.86
N PRO A 19 -0.09 0.42 6.89
CA PRO A 19 -0.43 1.86 6.89
C PRO A 19 0.41 2.65 5.90
N ALA A 20 -0.27 3.34 4.98
CA ALA A 20 0.41 4.14 3.98
C ALA A 20 0.13 5.62 4.18
N TYR A 21 0.86 6.46 3.44
CA TYR A 21 0.69 7.91 3.55
C TYR A 21 0.40 8.52 2.18
N VAL A 22 -0.80 9.05 2.02
CA VAL A 22 -1.20 9.67 0.76
C VAL A 22 -0.38 10.91 0.47
N LYS A 23 0.61 10.77 -0.41
CA LYS A 23 1.48 11.88 -0.79
C LYS A 23 0.79 12.81 -1.77
N PHE A 24 -0.06 12.24 -2.62
CA PHE A 24 -0.79 13.03 -3.61
C PHE A 24 -2.29 12.70 -3.57
N ASN A 25 -3.12 13.74 -3.61
CA ASN A 25 -4.56 13.56 -3.58
C ASN A 25 -5.05 12.87 -4.84
N TYR A 26 -5.67 11.71 -4.67
CA TYR A 26 -6.19 10.94 -5.79
C TYR A 26 -7.71 11.01 -5.85
N MET A 27 -8.25 11.37 -7.00
CA MET A 27 -9.69 11.48 -7.19
C MET A 27 -10.25 10.21 -7.83
N ALA A 28 -11.20 9.58 -7.14
CA ALA A 28 -11.81 8.36 -7.64
C ALA A 28 -12.99 8.67 -8.56
N GLU A 29 -13.27 7.77 -9.49
CA GLU A 29 -14.36 7.96 -10.43
C GLU A 29 -15.37 6.81 -10.33
N ARG A 30 -14.91 5.66 -9.83
CA ARG A 30 -15.75 4.49 -9.68
C ARG A 30 -15.78 4.01 -8.23
N GLU A 31 -16.90 3.44 -7.81
CA GLU A 31 -17.05 2.95 -6.46
C GLU A 31 -15.86 2.07 -6.06
N ASP A 32 -15.40 1.26 -7.00
CA ASP A 32 -14.28 0.37 -6.75
C ASP A 32 -13.02 1.17 -6.39
N GLU A 33 -12.95 2.40 -6.89
CA GLU A 33 -11.81 3.27 -6.62
C GLU A 33 -12.03 4.07 -5.33
N LEU A 34 -10.92 4.50 -4.72
CA LEU A 34 -10.99 5.28 -3.49
C LEU A 34 -10.33 6.65 -3.67
N SER A 35 -10.94 7.68 -3.11
CA SER A 35 -10.42 9.03 -3.20
C SER A 35 -9.40 9.30 -2.11
N LEU A 36 -8.13 9.40 -2.49
CA LEU A 36 -7.05 9.65 -1.53
C LEU A 36 -6.92 11.14 -1.26
N ILE A 37 -6.37 11.48 -0.10
CA ILE A 37 -6.18 12.88 0.28
C ILE A 37 -4.73 13.13 0.71
N LYS A 38 -4.09 14.07 0.03
CA LYS A 38 -2.70 14.43 0.33
C LYS A 38 -2.58 14.95 1.75
N GLY A 39 -1.82 14.24 2.58
CA GLY A 39 -1.62 14.64 3.96
C GLY A 39 -2.40 13.78 4.93
N THR A 40 -2.78 12.58 4.50
CA THR A 40 -3.53 11.66 5.33
C THR A 40 -2.87 10.29 5.38
N LYS A 41 -3.51 9.35 6.06
CA LYS A 41 -2.98 8.00 6.17
C LYS A 41 -4.06 6.97 5.85
N VAL A 42 -3.67 5.93 5.10
CA VAL A 42 -4.59 4.88 4.72
C VAL A 42 -4.07 3.51 5.13
N ILE A 43 -4.91 2.49 4.99
CA ILE A 43 -4.53 1.13 5.35
C ILE A 43 -4.59 0.20 4.15
N VAL A 44 -3.42 -0.22 3.67
CA VAL A 44 -3.34 -1.11 2.52
C VAL A 44 -3.73 -2.53 2.90
N MET A 45 -4.60 -3.13 2.08
CA MET A 45 -5.06 -4.50 2.34
C MET A 45 -4.61 -5.43 1.22
N GLU A 46 -4.54 -4.92 0.00
CA GLU A 46 -4.12 -5.71 -1.14
C GLU A 46 -3.25 -4.88 -2.09
N LYS A 47 -2.40 -5.57 -2.85
CA LYS A 47 -1.50 -4.90 -3.79
C LYS A 47 -1.44 -5.67 -5.10
N CYS A 48 -1.60 -4.96 -6.22
CA CYS A 48 -1.56 -5.58 -7.54
C CYS A 48 -0.19 -5.38 -8.18
N SER A 49 0.52 -6.48 -8.40
CA SER A 49 1.84 -6.44 -9.00
C SER A 49 1.93 -5.31 -10.03
N ASP A 50 0.86 -5.12 -10.79
CA ASP A 50 0.81 -4.07 -11.81
C ASP A 50 1.24 -2.73 -11.22
N GLY A 51 0.60 -2.35 -10.12
CA GLY A 51 0.93 -1.08 -9.48
C GLY A 51 -0.22 -0.53 -8.66
N TRP A 52 -1.44 -0.96 -8.99
CA TRP A 52 -2.63 -0.51 -8.29
C TRP A 52 -2.73 -1.16 -6.91
N TRP A 53 -3.03 -0.36 -5.90
CA TRP A 53 -3.16 -0.86 -4.54
C TRP A 53 -4.60 -0.75 -4.05
N ARG A 54 -4.93 -1.54 -3.03
CA ARG A 54 -6.28 -1.53 -2.47
C ARG A 54 -6.24 -1.35 -0.96
N GLY A 55 -6.76 -0.22 -0.49
CA GLY A 55 -6.78 0.05 0.94
C GLY A 55 -8.09 0.64 1.40
N SER A 56 -8.11 1.15 2.63
CA SER A 56 -9.31 1.74 3.19
C SER A 56 -9.04 3.16 3.70
N TYR A 57 -10.09 3.95 3.84
CA TYR A 57 -9.95 5.32 4.31
C TYR A 57 -11.24 5.78 4.99
N ASN A 58 -11.18 5.95 6.31
CA ASN A 58 -12.34 6.39 7.08
C ASN A 58 -13.46 5.37 7.00
N GLY A 59 -13.10 4.10 6.86
CA GLY A 59 -14.09 3.05 6.78
C GLY A 59 -14.40 2.65 5.35
N GLN A 60 -13.94 3.46 4.40
CA GLN A 60 -14.18 3.20 2.99
C GLN A 60 -13.16 2.21 2.43
N VAL A 61 -13.42 1.70 1.24
CA VAL A 61 -12.54 0.73 0.60
C VAL A 61 -12.56 0.89 -0.91
N GLY A 62 -11.37 0.88 -1.52
CA GLY A 62 -11.28 1.01 -2.97
C GLY A 62 -9.87 0.80 -3.48
N TRP A 63 -9.69 0.95 -4.79
CA TRP A 63 -8.38 0.76 -5.40
C TRP A 63 -7.74 2.11 -5.76
N PHE A 64 -6.55 2.33 -5.23
CA PHE A 64 -5.83 3.59 -5.49
C PHE A 64 -4.38 3.31 -5.88
N PRO A 65 -3.79 4.22 -6.65
CA PRO A 65 -2.40 4.11 -7.11
C PRO A 65 -1.41 4.29 -5.97
N SER A 66 -0.63 3.25 -5.70
CA SER A 66 0.37 3.29 -4.63
C SER A 66 1.36 4.43 -4.85
N ASN A 67 1.62 4.74 -6.12
CA ASN A 67 2.55 5.80 -6.47
C ASN A 67 2.16 7.11 -5.79
N TYR A 68 0.90 7.22 -5.39
CA TYR A 68 0.40 8.41 -4.71
C TYR A 68 0.66 8.35 -3.22
N VAL A 69 0.65 7.14 -2.67
CA VAL A 69 0.89 6.93 -1.25
C VAL A 69 2.28 6.34 -1.00
N THR A 70 2.66 6.27 0.27
CA THR A 70 3.96 5.73 0.64
C THR A 70 3.88 4.94 1.94
N GLU A 71 4.60 3.82 1.99
CA GLU A 71 4.60 2.97 3.18
C GLU A 71 5.19 3.71 4.37
N GLU A 72 4.35 4.40 5.12
CA GLU A 72 4.79 5.14 6.29
C GLU A 72 5.46 4.23 7.31
N GLY A 73 4.78 3.15 7.66
CA GLY A 73 5.31 2.20 8.62
C GLY A 73 5.25 2.72 10.04
N ASP A 74 4.13 3.34 10.39
CA ASP A 74 3.93 3.88 11.73
C ASP A 74 4.30 2.84 12.79
N SER A 75 4.22 3.24 14.06
CA SER A 75 4.55 2.36 15.16
C SER A 75 3.46 1.30 15.37
N PRO A 76 3.87 0.07 15.67
CA PRO A 76 2.94 -1.05 15.88
C PRO A 76 2.15 -0.90 17.18
N LEU A 77 0.83 -0.96 17.07
CA LEU A 77 -0.04 -0.83 18.23
C LEU A 77 -0.72 -2.16 18.56
N GLY A 78 -0.60 -2.59 19.81
CA GLY A 78 -1.22 -3.83 20.22
C GLY A 78 -0.96 -4.96 19.25
N ASP A 79 0.29 -5.10 18.82
CA ASP A 79 0.67 -6.14 17.87
C ASP A 79 1.45 -7.25 18.57
N HIS A 80 1.11 -8.50 18.25
CA HIS A 80 1.78 -9.65 18.85
C HIS A 80 2.80 -10.25 17.88
N VAL A 81 3.74 -11.01 18.42
CA VAL A 81 4.78 -11.64 17.61
C VAL A 81 4.19 -12.68 16.68
N GLY A 82 4.40 -12.51 15.38
CA GLY A 82 3.88 -13.44 14.41
C GLY A 82 4.38 -13.15 13.01
N SER A 83 5.33 -13.95 12.53
CA SER A 83 5.89 -13.77 11.20
C SER A 83 6.05 -15.10 10.49
N GLY A 84 6.47 -15.05 9.23
CA GLY A 84 6.65 -16.27 8.46
C GLY A 84 8.00 -16.31 7.77
N PRO A 85 9.04 -16.73 8.51
CA PRO A 85 10.40 -16.82 7.98
C PRO A 85 10.55 -17.96 6.96
N SER A 86 11.63 -17.91 6.19
CA SER A 86 11.89 -18.92 5.17
C SER A 86 13.30 -18.78 4.62
N SER A 87 13.77 -19.83 3.93
CA SER A 87 15.10 -19.82 3.35
C SER A 87 16.11 -19.16 4.29
N GLY A 88 16.00 -19.47 5.58
CA GLY A 88 16.90 -18.90 6.56
C GLY A 88 16.42 -19.11 7.98
N GLY A 1 6.97 -30.57 -12.70
CA GLY A 1 6.37 -30.25 -13.98
C GLY A 1 5.07 -31.01 -14.21
N SER A 2 5.18 -32.21 -14.79
CA SER A 2 4.00 -33.02 -15.07
C SER A 2 3.08 -33.09 -13.85
N SER A 3 3.60 -33.65 -12.76
CA SER A 3 2.82 -33.78 -11.53
C SER A 3 3.12 -32.61 -10.58
N GLY A 4 2.42 -32.60 -9.45
CA GLY A 4 2.61 -31.54 -8.48
C GLY A 4 2.09 -30.21 -8.97
N SER A 5 1.04 -29.71 -8.30
CA SER A 5 0.43 -28.44 -8.67
C SER A 5 1.42 -27.29 -8.49
N SER A 6 1.73 -26.59 -9.56
CA SER A 6 2.66 -25.47 -9.52
C SER A 6 2.40 -24.50 -10.66
N GLY A 7 3.04 -23.33 -10.59
CA GLY A 7 2.86 -22.33 -11.63
C GLY A 7 1.96 -21.20 -11.17
N ASP A 8 2.25 -20.63 -10.02
CA ASP A 8 1.45 -19.53 -9.47
C ASP A 8 1.25 -18.44 -10.52
N PRO A 9 0.13 -17.71 -10.40
CA PRO A 9 -0.21 -16.62 -11.34
C PRO A 9 0.72 -15.42 -11.17
N GLY A 10 1.48 -15.40 -10.08
CA GLY A 10 2.39 -14.31 -9.83
C GLY A 10 2.57 -14.01 -8.35
N GLU A 11 2.35 -12.76 -7.96
CA GLU A 11 2.50 -12.37 -6.57
C GLU A 11 1.14 -11.96 -5.98
N ARG A 12 0.68 -12.74 -5.02
CA ARG A 12 -0.61 -12.47 -4.37
C ARG A 12 -0.40 -12.09 -2.90
N LEU A 13 -0.79 -10.86 -2.57
CA LEU A 13 -0.65 -10.36 -1.20
C LEU A 13 -1.91 -9.63 -0.76
N TYR A 14 -2.52 -10.11 0.33
CA TYR A 14 -3.73 -9.51 0.85
C TYR A 14 -3.67 -9.40 2.38
N ASP A 15 -4.74 -8.87 2.97
CA ASP A 15 -4.81 -8.71 4.42
C ASP A 15 -3.48 -8.23 4.98
N LEU A 16 -2.77 -7.42 4.19
CA LEU A 16 -1.48 -6.89 4.61
C LEU A 16 -1.63 -5.97 5.81
N ASN A 17 -2.56 -5.02 5.70
CA ASN A 17 -2.82 -4.07 6.78
C ASN A 17 -1.62 -3.14 6.98
N MET A 18 -0.96 -2.80 5.88
CA MET A 18 0.20 -1.92 5.92
C MET A 18 -0.23 -0.45 5.79
N PRO A 19 0.11 0.35 6.81
CA PRO A 19 -0.23 1.77 6.84
C PRO A 19 0.57 2.57 5.82
N ALA A 20 -0.12 3.46 5.10
CA ALA A 20 0.53 4.30 4.09
C ALA A 20 0.22 5.77 4.32
N TYR A 21 0.86 6.63 3.53
CA TYR A 21 0.66 8.06 3.65
C TYR A 21 0.38 8.69 2.28
N VAL A 22 -0.82 9.22 2.11
CA VAL A 22 -1.21 9.85 0.85
C VAL A 22 -0.37 11.09 0.57
N LYS A 23 0.64 10.94 -0.29
CA LYS A 23 1.51 12.05 -0.64
C LYS A 23 0.87 12.96 -1.68
N PHE A 24 -0.03 12.38 -2.48
CA PHE A 24 -0.73 13.13 -3.51
C PHE A 24 -2.21 12.77 -3.54
N ASN A 25 -3.06 13.79 -3.51
CA ASN A 25 -4.51 13.59 -3.52
C ASN A 25 -4.92 12.83 -4.78
N TYR A 26 -5.83 11.87 -4.61
CA TYR A 26 -6.32 11.06 -5.72
C TYR A 26 -7.83 11.14 -5.83
N MET A 27 -8.31 11.51 -7.03
CA MET A 27 -9.74 11.62 -7.26
C MET A 27 -10.28 10.38 -7.96
N ALA A 28 -11.07 9.59 -7.24
CA ALA A 28 -11.65 8.37 -7.80
C ALA A 28 -12.85 8.69 -8.67
N GLU A 29 -13.13 7.81 -9.64
CA GLU A 29 -14.26 8.00 -10.53
C GLU A 29 -15.19 6.78 -10.51
N ARG A 30 -14.65 5.65 -10.08
CA ARG A 30 -15.42 4.41 -10.00
C ARG A 30 -15.65 4.00 -8.55
N GLU A 31 -16.75 3.31 -8.31
CA GLU A 31 -17.09 2.85 -6.96
C GLU A 31 -16.02 1.90 -6.43
N ASP A 32 -15.28 1.29 -7.34
CA ASP A 32 -14.21 0.37 -6.96
C ASP A 32 -12.95 1.11 -6.57
N GLU A 33 -12.84 2.35 -7.03
CA GLU A 33 -11.67 3.18 -6.74
C GLU A 33 -11.92 4.06 -5.51
N LEU A 34 -10.85 4.34 -4.77
CA LEU A 34 -10.96 5.17 -3.57
C LEU A 34 -10.28 6.52 -3.78
N SER A 35 -10.88 7.57 -3.23
CA SER A 35 -10.35 8.92 -3.36
C SER A 35 -9.40 9.23 -2.21
N LEU A 36 -8.11 9.36 -2.53
CA LEU A 36 -7.10 9.68 -1.54
C LEU A 36 -6.94 11.19 -1.37
N ILE A 37 -6.47 11.59 -0.19
CA ILE A 37 -6.28 13.01 0.11
C ILE A 37 -4.85 13.28 0.57
N LYS A 38 -4.19 14.23 -0.07
CA LYS A 38 -2.82 14.59 0.28
C LYS A 38 -2.74 15.09 1.72
N GLY A 39 -2.03 14.35 2.57
CA GLY A 39 -1.89 14.73 3.96
C GLY A 39 -2.69 13.84 4.89
N THR A 40 -3.00 12.63 4.43
CA THR A 40 -3.77 11.68 5.22
C THR A 40 -3.09 10.31 5.24
N LYS A 41 -3.62 9.41 6.06
CA LYS A 41 -3.07 8.06 6.17
C LYS A 41 -4.11 7.00 5.77
N VAL A 42 -3.64 5.91 5.21
CA VAL A 42 -4.53 4.82 4.79
C VAL A 42 -3.98 3.47 5.22
N ILE A 43 -4.82 2.44 5.13
CA ILE A 43 -4.42 1.10 5.52
C ILE A 43 -4.54 0.13 4.33
N VAL A 44 -3.38 -0.30 3.82
CA VAL A 44 -3.34 -1.23 2.70
C VAL A 44 -3.77 -2.63 3.13
N MET A 45 -4.66 -3.23 2.36
CA MET A 45 -5.15 -4.58 2.66
C MET A 45 -4.83 -5.53 1.51
N GLU A 46 -4.77 -5.00 0.30
CA GLU A 46 -4.46 -5.82 -0.88
C GLU A 46 -3.56 -5.06 -1.84
N LYS A 47 -2.69 -5.79 -2.54
CA LYS A 47 -1.78 -5.19 -3.49
C LYS A 47 -1.90 -5.85 -4.86
N CYS A 48 -1.67 -5.08 -5.91
CA CYS A 48 -1.76 -5.59 -7.28
C CYS A 48 -0.41 -5.53 -7.97
N SER A 49 -0.29 -6.24 -9.08
CA SER A 49 0.96 -6.29 -9.84
C SER A 49 1.07 -5.08 -10.77
N ASP A 50 0.10 -4.95 -11.67
CA ASP A 50 0.08 -3.85 -12.62
C ASP A 50 0.63 -2.57 -11.99
N GLY A 51 0.31 -2.36 -10.72
CA GLY A 51 0.78 -1.18 -10.02
C GLY A 51 -0.32 -0.47 -9.26
N TRP A 52 -1.34 -1.23 -8.86
CA TRP A 52 -2.47 -0.66 -8.13
C TRP A 52 -2.58 -1.29 -6.74
N TRP A 53 -2.94 -0.48 -5.76
CA TRP A 53 -3.09 -0.95 -4.39
C TRP A 53 -4.54 -0.85 -3.92
N ARG A 54 -4.86 -1.57 -2.85
CA ARG A 54 -6.22 -1.55 -2.31
C ARG A 54 -6.19 -1.46 -0.78
N GLY A 55 -6.59 -0.31 -0.25
CA GLY A 55 -6.60 -0.12 1.19
C GLY A 55 -7.92 0.43 1.69
N SER A 56 -7.90 1.02 2.88
CA SER A 56 -9.10 1.58 3.47
C SER A 56 -8.86 3.03 3.91
N TYR A 57 -9.93 3.82 3.91
CA TYR A 57 -9.84 5.22 4.31
C TYR A 57 -11.16 5.72 4.89
N ASN A 58 -11.18 5.90 6.21
CA ASN A 58 -12.38 6.38 6.88
C ASN A 58 -13.52 5.36 6.74
N GLY A 59 -13.18 4.08 6.86
CA GLY A 59 -14.18 3.04 6.75
C GLY A 59 -14.43 2.64 5.31
N GLN A 60 -14.00 3.48 4.38
CA GLN A 60 -14.19 3.21 2.96
C GLN A 60 -13.07 2.32 2.42
N VAL A 61 -13.32 1.68 1.28
CA VAL A 61 -12.34 0.80 0.66
C VAL A 61 -12.40 0.90 -0.86
N GLY A 62 -11.23 0.85 -1.48
CA GLY A 62 -11.16 0.93 -2.93
C GLY A 62 -9.75 0.75 -3.46
N TRP A 63 -9.58 0.91 -4.77
CA TRP A 63 -8.27 0.76 -5.39
C TRP A 63 -7.64 2.12 -5.67
N PHE A 64 -6.41 2.31 -5.21
CA PHE A 64 -5.69 3.56 -5.39
C PHE A 64 -4.24 3.31 -5.78
N PRO A 65 -3.66 4.27 -6.51
CA PRO A 65 -2.27 4.18 -6.98
C PRO A 65 -1.27 4.30 -5.83
N SER A 66 -0.49 3.24 -5.62
CA SER A 66 0.51 3.24 -4.55
C SER A 66 1.56 4.32 -4.78
N ASN A 67 1.61 4.84 -6.00
CA ASN A 67 2.57 5.88 -6.35
C ASN A 67 2.22 7.20 -5.66
N TYR A 68 0.95 7.33 -5.25
CA TYR A 68 0.49 8.53 -4.58
C TYR A 68 0.73 8.45 -3.07
N VAL A 69 0.73 7.22 -2.55
CA VAL A 69 0.94 6.99 -1.12
C VAL A 69 2.34 6.45 -0.86
N THR A 70 2.75 6.50 0.40
CA THR A 70 4.07 6.01 0.79
C THR A 70 4.00 5.20 2.08
N GLU A 71 4.61 4.02 2.06
CA GLU A 71 4.61 3.15 3.23
C GLU A 71 5.27 3.84 4.42
N GLU A 72 4.45 4.37 5.33
CA GLU A 72 4.94 5.06 6.51
C GLU A 72 5.37 4.06 7.59
N GLY A 73 6.67 4.01 7.85
CA GLY A 73 7.18 3.10 8.86
C GLY A 73 6.82 3.52 10.26
N ASP A 74 7.05 4.78 10.58
CA ASP A 74 6.76 5.32 11.91
C ASP A 74 5.25 5.44 12.11
N SER A 75 4.64 4.37 12.65
CA SER A 75 3.21 4.36 12.89
C SER A 75 2.91 4.66 14.35
N PRO A 76 1.80 5.40 14.58
CA PRO A 76 1.38 5.78 15.93
C PRO A 76 0.87 4.59 16.73
N LEU A 77 1.60 4.24 17.79
CA LEU A 77 1.22 3.11 18.64
C LEU A 77 0.42 3.59 19.85
N GLY A 78 -0.75 3.01 20.05
CA GLY A 78 -1.59 3.38 21.17
C GLY A 78 -1.37 2.51 22.39
N ASP A 79 -0.19 2.63 22.99
CA ASP A 79 0.14 1.85 24.17
C ASP A 79 -0.01 2.67 25.44
N HIS A 80 -0.76 2.13 26.40
CA HIS A 80 -0.98 2.83 27.67
C HIS A 80 -1.33 4.29 27.43
N VAL A 81 -2.16 4.54 26.44
CA VAL A 81 -2.58 5.90 26.10
C VAL A 81 -3.02 6.66 27.35
N GLY A 82 -2.78 7.97 27.35
CA GLY A 82 -3.17 8.79 28.49
C GLY A 82 -4.63 9.14 28.49
N SER A 83 -5.48 8.15 28.20
CA SER A 83 -6.92 8.37 28.16
C SER A 83 -7.55 8.11 29.51
N GLY A 84 -8.64 8.80 29.81
CA GLY A 84 -9.32 8.63 31.08
C GLY A 84 -10.13 9.85 31.47
N PRO A 85 -11.31 10.01 30.87
CA PRO A 85 -12.20 11.14 31.14
C PRO A 85 -12.82 11.07 32.53
N SER A 86 -12.60 12.10 33.33
CA SER A 86 -13.12 12.15 34.69
C SER A 86 -14.51 12.78 34.71
N SER A 87 -15.25 12.57 35.80
CA SER A 87 -16.59 13.10 35.95
C SER A 87 -16.68 14.50 35.36
N GLY A 88 -15.72 15.36 35.72
CA GLY A 88 -15.70 16.71 35.23
C GLY A 88 -14.65 16.94 34.16
N GLY A 1 -10.85 -27.68 -17.67
CA GLY A 1 -10.14 -26.43 -17.51
C GLY A 1 -8.69 -26.62 -17.14
N SER A 2 -7.90 -25.56 -17.23
CA SER A 2 -6.49 -25.62 -16.91
C SER A 2 -6.24 -25.32 -15.43
N SER A 3 -6.28 -26.36 -14.61
CA SER A 3 -6.08 -26.20 -13.17
C SER A 3 -4.59 -26.13 -12.84
N GLY A 4 -4.17 -25.03 -12.24
CA GLY A 4 -2.77 -24.86 -11.88
C GLY A 4 -1.84 -25.20 -13.02
N SER A 5 -2.18 -24.75 -14.22
CA SER A 5 -1.37 -25.02 -15.40
C SER A 5 -0.11 -24.15 -15.40
N SER A 6 1.04 -24.79 -15.58
CA SER A 6 2.31 -24.07 -15.60
C SER A 6 2.34 -23.04 -16.71
N GLY A 7 2.21 -21.77 -16.33
CA GLY A 7 2.22 -20.70 -17.32
C GLY A 7 2.48 -19.34 -16.70
N ASP A 8 1.77 -19.04 -15.62
CA ASP A 8 1.93 -17.77 -14.92
C ASP A 8 2.38 -17.99 -13.48
N PRO A 9 3.01 -16.96 -12.89
CA PRO A 9 3.50 -17.01 -11.52
C PRO A 9 2.37 -17.01 -10.50
N GLY A 10 2.71 -17.32 -9.25
CA GLY A 10 1.70 -17.35 -8.20
C GLY A 10 2.12 -16.57 -6.97
N GLU A 11 2.19 -15.24 -7.11
CA GLU A 11 2.58 -14.38 -6.01
C GLU A 11 1.46 -13.40 -5.65
N ARG A 12 0.77 -13.69 -4.56
CA ARG A 12 -0.34 -12.84 -4.12
C ARG A 12 -0.07 -12.30 -2.71
N LEU A 13 -0.63 -11.14 -2.41
CA LEU A 13 -0.46 -10.51 -1.10
C LEU A 13 -1.69 -9.70 -0.72
N TYR A 14 -2.39 -10.17 0.30
CA TYR A 14 -3.60 -9.49 0.78
C TYR A 14 -3.62 -9.40 2.29
N ASP A 15 -4.64 -8.74 2.83
CA ASP A 15 -4.78 -8.58 4.28
C ASP A 15 -3.43 -8.23 4.91
N LEU A 16 -2.69 -7.34 4.26
CA LEU A 16 -1.39 -6.91 4.76
C LEU A 16 -1.55 -5.95 5.95
N ASN A 17 -2.44 -4.97 5.79
CA ASN A 17 -2.69 -3.99 6.84
C ASN A 17 -1.50 -3.05 6.99
N MET A 18 -0.86 -2.72 5.87
CA MET A 18 0.29 -1.82 5.88
C MET A 18 -0.15 -0.37 5.76
N PRO A 19 0.18 0.44 6.78
CA PRO A 19 -0.18 1.87 6.80
C PRO A 19 0.60 2.67 5.77
N ALA A 20 -0.13 3.40 4.93
CA ALA A 20 0.51 4.22 3.90
C ALA A 20 0.19 5.70 4.12
N TYR A 21 0.95 6.56 3.45
CA TYR A 21 0.75 8.01 3.56
C TYR A 21 0.45 8.63 2.20
N VAL A 22 -0.76 9.14 2.05
CA VAL A 22 -1.18 9.77 0.80
C VAL A 22 -0.38 11.04 0.54
N LYS A 23 0.55 10.96 -0.41
CA LYS A 23 1.38 12.10 -0.76
C LYS A 23 0.65 13.02 -1.74
N PHE A 24 -0.22 12.44 -2.55
CA PHE A 24 -0.99 13.21 -3.53
C PHE A 24 -2.47 12.85 -3.47
N ASN A 25 -3.32 13.87 -3.51
CA ASN A 25 -4.77 13.65 -3.46
C ASN A 25 -5.26 12.97 -4.74
N TYR A 26 -5.74 11.74 -4.60
CA TYR A 26 -6.24 10.98 -5.74
C TYR A 26 -7.74 11.18 -5.92
N MET A 27 -8.16 11.42 -7.15
CA MET A 27 -9.57 11.63 -7.46
C MET A 27 -10.16 10.41 -8.17
N ALA A 28 -10.92 9.61 -7.43
CA ALA A 28 -11.54 8.42 -7.99
C ALA A 28 -12.84 8.76 -8.71
N GLU A 29 -13.23 7.92 -9.66
CA GLU A 29 -14.46 8.14 -10.42
C GLU A 29 -15.37 6.92 -10.34
N ARG A 30 -14.78 5.76 -10.10
CA ARG A 30 -15.53 4.52 -9.99
C ARG A 30 -15.61 4.04 -8.55
N GLU A 31 -16.75 3.48 -8.17
CA GLU A 31 -16.94 2.97 -6.81
C GLU A 31 -15.77 2.10 -6.38
N ASP A 32 -15.27 1.30 -7.30
CA ASP A 32 -14.14 0.41 -7.01
C ASP A 32 -12.91 1.22 -6.60
N GLU A 33 -12.78 2.41 -7.17
CA GLU A 33 -11.65 3.29 -6.86
C GLU A 33 -11.93 4.12 -5.61
N LEU A 34 -10.86 4.44 -4.88
CA LEU A 34 -10.99 5.23 -3.65
C LEU A 34 -10.31 6.58 -3.81
N SER A 35 -10.92 7.63 -3.24
CA SER A 35 -10.37 8.97 -3.31
C SER A 35 -9.43 9.24 -2.15
N LEU A 36 -8.14 9.40 -2.45
CA LEU A 36 -7.15 9.67 -1.42
C LEU A 36 -7.04 11.16 -1.13
N ILE A 37 -6.47 11.50 0.01
CA ILE A 37 -6.31 12.89 0.41
C ILE A 37 -4.88 13.18 0.85
N LYS A 38 -4.25 14.15 0.19
CA LYS A 38 -2.87 14.53 0.50
C LYS A 38 -2.77 15.03 1.94
N GLY A 39 -2.00 14.32 2.76
CA GLY A 39 -1.83 14.71 4.15
C GLY A 39 -2.56 13.79 5.10
N THR A 40 -2.89 12.59 4.64
CA THR A 40 -3.60 11.61 5.45
C THR A 40 -2.88 10.27 5.45
N LYS A 41 -3.47 9.28 6.13
CA LYS A 41 -2.88 7.95 6.21
C LYS A 41 -3.94 6.88 5.95
N VAL A 42 -3.59 5.90 5.11
CA VAL A 42 -4.51 4.82 4.79
C VAL A 42 -3.95 3.47 5.22
N ILE A 43 -4.77 2.43 5.12
CA ILE A 43 -4.35 1.08 5.49
C ILE A 43 -4.43 0.13 4.31
N VAL A 44 -3.28 -0.20 3.74
CA VAL A 44 -3.22 -1.12 2.60
C VAL A 44 -3.53 -2.55 3.03
N MET A 45 -4.44 -3.19 2.31
CA MET A 45 -4.83 -4.57 2.60
C MET A 45 -4.45 -5.50 1.46
N GLU A 46 -4.55 -5.01 0.23
CA GLU A 46 -4.21 -5.79 -0.94
C GLU A 46 -3.26 -5.03 -1.86
N LYS A 47 -2.48 -5.77 -2.64
CA LYS A 47 -1.52 -5.16 -3.56
C LYS A 47 -1.56 -5.86 -4.92
N CYS A 48 -1.68 -5.08 -5.97
CA CYS A 48 -1.73 -5.62 -7.33
C CYS A 48 -0.39 -5.44 -8.03
N SER A 49 0.00 -6.44 -8.83
CA SER A 49 1.25 -6.38 -9.55
C SER A 49 1.28 -5.21 -10.54
N ASP A 50 0.26 -5.16 -11.40
CA ASP A 50 0.16 -4.09 -12.39
C ASP A 50 0.63 -2.77 -11.81
N GLY A 51 0.23 -2.49 -10.57
CA GLY A 51 0.62 -1.25 -9.91
C GLY A 51 -0.54 -0.58 -9.22
N TRP A 52 -1.51 -1.37 -8.77
CA TRP A 52 -2.68 -0.84 -8.09
C TRP A 52 -2.79 -1.40 -6.68
N TRP A 53 -3.00 -0.51 -5.72
CA TRP A 53 -3.13 -0.92 -4.31
C TRP A 53 -4.57 -0.80 -3.84
N ARG A 54 -4.93 -1.60 -2.84
CA ARG A 54 -6.28 -1.58 -2.30
C ARG A 54 -6.26 -1.47 -0.77
N GLY A 55 -6.74 -0.35 -0.26
CA GLY A 55 -6.76 -0.15 1.18
C GLY A 55 -8.08 0.43 1.66
N SER A 56 -8.07 0.99 2.87
CA SER A 56 -9.27 1.57 3.45
C SER A 56 -9.00 2.97 3.98
N TYR A 57 -10.04 3.81 3.97
CA TYR A 57 -9.90 5.19 4.44
C TYR A 57 -11.23 5.69 4.99
N ASN A 58 -11.31 5.83 6.31
CA ASN A 58 -12.53 6.30 6.97
C ASN A 58 -13.70 5.37 6.69
N GLY A 59 -13.46 4.07 6.82
CA GLY A 59 -14.50 3.09 6.59
C GLY A 59 -14.67 2.78 5.11
N GLN A 60 -14.14 3.64 4.26
CA GLN A 60 -14.24 3.45 2.82
C GLN A 60 -13.16 2.51 2.32
N VAL A 61 -13.40 1.89 1.16
CA VAL A 61 -12.44 0.96 0.58
C VAL A 61 -12.50 1.00 -0.95
N GLY A 62 -11.33 0.91 -1.58
CA GLY A 62 -11.26 0.94 -3.03
C GLY A 62 -9.86 0.70 -3.56
N TRP A 63 -9.66 0.96 -4.83
CA TRP A 63 -8.35 0.76 -5.46
C TRP A 63 -7.69 2.09 -5.77
N PHE A 64 -6.51 2.31 -5.21
CA PHE A 64 -5.77 3.55 -5.42
C PHE A 64 -4.31 3.25 -5.77
N PRO A 65 -3.71 4.14 -6.58
CA PRO A 65 -2.32 3.99 -7.01
C PRO A 65 -1.33 4.23 -5.86
N SER A 66 -0.59 3.19 -5.51
CA SER A 66 0.38 3.28 -4.43
C SER A 66 1.41 4.37 -4.71
N ASN A 67 1.60 4.69 -5.98
CA ASN A 67 2.55 5.72 -6.39
C ASN A 67 2.22 7.05 -5.72
N TYR A 68 0.96 7.23 -5.36
CA TYR A 68 0.51 8.47 -4.72
C TYR A 68 0.79 8.42 -3.22
N VAL A 69 0.77 7.22 -2.65
CA VAL A 69 1.01 7.02 -1.23
C VAL A 69 2.40 6.44 -0.99
N THR A 70 2.82 6.42 0.27
CA THR A 70 4.12 5.88 0.64
C THR A 70 4.03 5.07 1.93
N GLU A 71 4.69 3.91 1.94
CA GLU A 71 4.69 3.04 3.11
C GLU A 71 5.31 3.75 4.31
N GLU A 72 4.45 4.19 5.23
CA GLU A 72 4.91 4.88 6.43
C GLU A 72 4.93 3.94 7.63
N GLY A 73 6.12 3.45 7.97
CA GLY A 73 6.25 2.54 9.09
C GLY A 73 5.69 3.11 10.37
N ASP A 74 5.04 2.27 11.16
CA ASP A 74 4.44 2.71 12.43
C ASP A 74 5.45 2.60 13.56
N SER A 75 5.15 3.26 14.67
CA SER A 75 6.04 3.25 15.84
C SER A 75 5.35 2.60 17.03
N PRO A 76 6.12 1.85 17.83
CA PRO A 76 5.62 1.16 19.01
C PRO A 76 5.25 2.13 20.13
N LEU A 77 3.97 2.16 20.49
CA LEU A 77 3.50 3.04 21.55
C LEU A 77 3.71 2.41 22.93
N GLY A 78 4.06 3.25 23.90
CA GLY A 78 4.28 2.76 25.25
C GLY A 78 3.45 3.48 26.28
N ASP A 79 3.77 4.75 26.52
CA ASP A 79 3.04 5.55 27.49
C ASP A 79 1.66 5.92 26.96
N HIS A 80 0.81 6.43 27.85
CA HIS A 80 -0.54 6.81 27.47
C HIS A 80 -0.74 8.33 27.63
N VAL A 81 -1.53 8.92 26.75
CA VAL A 81 -1.80 10.35 26.80
C VAL A 81 -2.27 10.78 28.19
N GLY A 82 -1.63 11.81 28.73
CA GLY A 82 -1.99 12.30 30.04
C GLY A 82 -1.03 13.35 30.56
N SER A 83 -1.48 14.60 30.58
CA SER A 83 -0.65 15.71 31.05
C SER A 83 0.20 15.29 32.24
N GLY A 84 1.52 15.36 32.07
CA GLY A 84 2.43 14.98 33.14
C GLY A 84 2.05 15.62 34.46
N PRO A 85 2.60 16.82 34.72
CA PRO A 85 2.33 17.55 35.96
C PRO A 85 0.90 18.07 36.03
N SER A 86 0.03 17.31 36.69
CA SER A 86 -1.37 17.69 36.83
C SER A 86 -1.49 19.16 37.21
N SER A 87 -2.66 19.73 36.94
CA SER A 87 -2.91 21.14 37.25
C SER A 87 -2.74 21.41 38.75
N GLY A 88 -2.71 22.69 39.11
CA GLY A 88 -2.55 23.05 40.50
C GLY A 88 -2.18 24.51 40.68
N GLY A 1 22.67 2.21 -14.25
CA GLY A 1 22.11 1.00 -14.84
C GLY A 1 22.20 -0.18 -13.91
N SER A 2 21.12 -0.43 -13.15
CA SER A 2 21.08 -1.54 -12.21
C SER A 2 20.31 -2.72 -12.79
N SER A 3 20.56 -3.90 -12.25
CA SER A 3 19.90 -5.12 -12.72
C SER A 3 18.53 -5.26 -12.06
N GLY A 4 17.51 -5.54 -12.88
CA GLY A 4 16.17 -5.70 -12.35
C GLY A 4 15.54 -7.01 -12.80
N SER A 5 16.27 -8.11 -12.65
CA SER A 5 15.78 -9.43 -13.03
C SER A 5 14.45 -9.72 -12.36
N SER A 6 13.35 -9.52 -13.10
CA SER A 6 12.02 -9.76 -12.56
C SER A 6 11.18 -10.56 -13.56
N GLY A 7 10.46 -11.55 -13.05
CA GLY A 7 9.62 -12.38 -13.90
C GLY A 7 8.96 -13.51 -13.15
N ASP A 8 8.44 -13.21 -11.96
CA ASP A 8 7.78 -14.21 -11.13
C ASP A 8 6.59 -14.81 -11.87
N PRO A 9 6.23 -16.05 -11.51
CA PRO A 9 5.11 -16.76 -12.12
C PRO A 9 3.76 -16.17 -11.74
N GLY A 10 3.71 -15.52 -10.57
CA GLY A 10 2.48 -14.91 -10.11
C GLY A 10 2.39 -14.88 -8.59
N GLU A 11 2.49 -13.69 -8.02
CA GLU A 11 2.41 -13.53 -6.57
C GLU A 11 1.17 -12.73 -6.18
N ARG A 12 0.80 -12.82 -4.90
CA ARG A 12 -0.37 -12.12 -4.40
C ARG A 12 -0.22 -11.81 -2.91
N LEU A 13 -0.69 -10.63 -2.51
CA LEU A 13 -0.61 -10.22 -1.11
C LEU A 13 -1.91 -9.55 -0.66
N TYR A 14 -2.55 -10.13 0.34
CA TYR A 14 -3.80 -9.58 0.86
C TYR A 14 -3.77 -9.50 2.38
N ASP A 15 -4.79 -8.88 2.95
CA ASP A 15 -4.88 -8.74 4.40
C ASP A 15 -3.55 -8.27 4.98
N LEU A 16 -2.89 -7.37 4.28
CA LEU A 16 -1.59 -6.85 4.73
C LEU A 16 -1.76 -5.94 5.94
N ASN A 17 -2.65 -4.96 5.81
CA ASN A 17 -2.91 -4.01 6.89
C ASN A 17 -1.71 -3.09 7.11
N MET A 18 -1.06 -2.72 6.01
CA MET A 18 0.10 -1.83 6.08
C MET A 18 -0.31 -0.37 5.92
N PRO A 19 0.00 0.45 6.93
CA PRO A 19 -0.33 1.88 6.92
C PRO A 19 0.48 2.66 5.90
N ALA A 20 -0.20 3.49 5.11
CA ALA A 20 0.47 4.29 4.09
C ALA A 20 0.16 5.78 4.28
N TYR A 21 0.85 6.62 3.53
CA TYR A 21 0.66 8.06 3.61
C TYR A 21 0.38 8.66 2.23
N VAL A 22 -0.86 9.11 2.02
CA VAL A 22 -1.25 9.70 0.76
C VAL A 22 -0.46 10.98 0.48
N LYS A 23 0.60 10.85 -0.32
CA LYS A 23 1.43 12.00 -0.67
C LYS A 23 0.72 12.90 -1.67
N PHE A 24 -0.05 12.29 -2.56
CA PHE A 24 -0.79 13.05 -3.57
C PHE A 24 -2.28 12.77 -3.48
N ASN A 25 -3.09 13.80 -3.72
CA ASN A 25 -4.54 13.66 -3.67
C ASN A 25 -5.07 12.95 -4.92
N TYR A 26 -5.72 11.82 -4.72
CA TYR A 26 -6.28 11.04 -5.81
C TYR A 26 -7.80 11.18 -5.86
N MET A 27 -8.33 11.44 -7.05
CA MET A 27 -9.77 11.58 -7.22
C MET A 27 -10.35 10.36 -7.92
N ALA A 28 -11.07 9.53 -7.17
CA ALA A 28 -11.68 8.33 -7.71
C ALA A 28 -12.98 8.66 -8.43
N GLU A 29 -13.26 7.92 -9.50
CA GLU A 29 -14.48 8.13 -10.27
C GLU A 29 -15.37 6.89 -10.26
N ARG A 30 -14.77 5.75 -9.92
CA ARG A 30 -15.50 4.50 -9.85
C ARG A 30 -15.60 3.99 -8.42
N GLU A 31 -16.77 3.45 -8.07
CA GLU A 31 -17.00 2.93 -6.73
C GLU A 31 -15.85 2.01 -6.29
N ASP A 32 -15.34 1.23 -7.24
CA ASP A 32 -14.24 0.31 -6.96
C ASP A 32 -12.98 1.08 -6.58
N GLU A 33 -12.85 2.29 -7.09
CA GLU A 33 -11.69 3.12 -6.80
C GLU A 33 -11.92 3.98 -5.56
N LEU A 34 -10.86 4.23 -4.82
CA LEU A 34 -10.94 5.04 -3.60
C LEU A 34 -10.25 6.38 -3.80
N SER A 35 -10.70 7.39 -3.05
CA SER A 35 -10.12 8.72 -3.14
C SER A 35 -9.09 8.94 -2.03
N LEU A 36 -7.94 9.49 -2.40
CA LEU A 36 -6.87 9.75 -1.43
C LEU A 36 -6.65 11.25 -1.27
N ILE A 37 -6.44 11.67 -0.03
CA ILE A 37 -6.21 13.08 0.27
C ILE A 37 -4.76 13.32 0.67
N LYS A 38 -4.09 14.18 -0.08
CA LYS A 38 -2.70 14.51 0.20
C LYS A 38 -2.53 15.03 1.63
N GLY A 39 -1.91 14.23 2.48
CA GLY A 39 -1.70 14.63 3.86
C GLY A 39 -2.48 13.77 4.84
N THR A 40 -2.87 12.58 4.39
CA THR A 40 -3.63 11.66 5.23
C THR A 40 -2.96 10.30 5.31
N LYS A 41 -3.59 9.38 6.02
CA LYS A 41 -3.05 8.03 6.18
C LYS A 41 -4.11 6.98 5.84
N VAL A 42 -3.69 5.92 5.15
CA VAL A 42 -4.60 4.84 4.78
C VAL A 42 -4.05 3.49 5.21
N ILE A 43 -4.88 2.46 5.09
CA ILE A 43 -4.49 1.11 5.45
C ILE A 43 -4.56 0.16 4.26
N VAL A 44 -3.39 -0.27 3.79
CA VAL A 44 -3.33 -1.18 2.64
C VAL A 44 -3.71 -2.60 3.06
N MET A 45 -4.68 -3.18 2.35
CA MET A 45 -5.14 -4.53 2.63
C MET A 45 -4.71 -5.49 1.53
N GLU A 46 -4.69 -5.00 0.29
CA GLU A 46 -4.30 -5.81 -0.85
C GLU A 46 -3.40 -5.03 -1.80
N LYS A 47 -2.59 -5.75 -2.57
CA LYS A 47 -1.69 -5.12 -3.53
C LYS A 47 -1.76 -5.82 -4.88
N CYS A 48 -1.69 -5.03 -5.95
CA CYS A 48 -1.74 -5.56 -7.31
C CYS A 48 -0.38 -5.51 -7.97
N SER A 49 -0.22 -6.26 -9.07
CA SER A 49 1.04 -6.30 -9.79
C SER A 49 1.16 -5.11 -10.73
N ASP A 50 0.19 -4.97 -11.63
CA ASP A 50 0.18 -3.87 -12.58
C ASP A 50 0.71 -2.59 -11.95
N GLY A 51 0.33 -2.35 -10.71
CA GLY A 51 0.76 -1.15 -10.01
C GLY A 51 -0.35 -0.46 -9.28
N TRP A 52 -1.34 -1.24 -8.82
CA TRP A 52 -2.48 -0.67 -8.10
C TRP A 52 -2.58 -1.27 -6.70
N TRP A 53 -2.81 -0.42 -5.72
CA TRP A 53 -2.93 -0.87 -4.33
C TRP A 53 -4.37 -0.77 -3.86
N ARG A 54 -4.72 -1.61 -2.89
CA ARG A 54 -6.08 -1.62 -2.34
C ARG A 54 -6.05 -1.47 -0.82
N GLY A 55 -6.60 -0.36 -0.33
CA GLY A 55 -6.62 -0.11 1.10
C GLY A 55 -7.96 0.44 1.57
N SER A 56 -7.96 1.05 2.75
CA SER A 56 -9.18 1.62 3.31
C SER A 56 -8.94 3.04 3.80
N TYR A 57 -9.99 3.85 3.83
CA TYR A 57 -9.90 5.23 4.28
C TYR A 57 -11.21 5.71 4.89
N ASN A 58 -11.24 5.81 6.21
CA ASN A 58 -12.44 6.25 6.92
C ASN A 58 -13.58 5.26 6.71
N GLY A 59 -13.27 3.97 6.84
CA GLY A 59 -14.29 2.94 6.67
C GLY A 59 -14.50 2.59 5.21
N GLN A 60 -14.06 3.47 4.31
CA GLN A 60 -14.22 3.23 2.88
C GLN A 60 -13.10 2.36 2.34
N VAL A 61 -13.34 1.72 1.20
CA VAL A 61 -12.34 0.85 0.58
C VAL A 61 -12.41 0.94 -0.94
N GLY A 62 -11.25 0.80 -1.58
CA GLY A 62 -11.18 0.88 -3.03
C GLY A 62 -9.78 0.75 -3.56
N TRP A 63 -9.63 0.85 -4.87
CA TRP A 63 -8.32 0.75 -5.51
C TRP A 63 -7.71 2.13 -5.75
N PHE A 64 -6.44 2.28 -5.39
CA PHE A 64 -5.75 3.55 -5.57
C PHE A 64 -4.27 3.32 -5.92
N PRO A 65 -3.70 4.27 -6.66
CA PRO A 65 -2.29 4.20 -7.08
C PRO A 65 -1.33 4.39 -5.91
N SER A 66 -0.52 3.37 -5.65
CA SER A 66 0.46 3.41 -4.56
C SER A 66 1.42 4.58 -4.74
N ASN A 67 1.74 4.89 -5.99
CA ASN A 67 2.65 5.98 -6.29
C ASN A 67 2.21 7.26 -5.61
N TYR A 68 0.93 7.34 -5.26
CA TYR A 68 0.38 8.50 -4.60
C TYR A 68 0.59 8.44 -3.09
N VAL A 69 0.72 7.22 -2.57
CA VAL A 69 0.93 7.01 -1.15
C VAL A 69 2.32 6.44 -0.87
N THR A 70 2.73 6.46 0.38
CA THR A 70 4.03 5.94 0.78
C THR A 70 3.94 5.15 2.08
N GLU A 71 4.59 3.99 2.11
CA GLU A 71 4.58 3.12 3.28
C GLU A 71 5.14 3.87 4.50
N GLU A 72 4.25 4.42 5.31
CA GLU A 72 4.64 5.16 6.50
C GLU A 72 4.38 4.34 7.76
N GLY A 73 5.44 3.74 8.29
CA GLY A 73 5.31 2.94 9.50
C GLY A 73 5.60 3.72 10.76
N ASP A 74 6.89 3.79 11.13
CA ASP A 74 7.29 4.52 12.33
C ASP A 74 8.67 5.12 12.14
N SER A 75 8.82 6.39 12.54
CA SER A 75 10.09 7.09 12.42
C SER A 75 10.94 6.89 13.66
N PRO A 76 12.25 6.68 13.46
CA PRO A 76 13.20 6.48 14.56
C PRO A 76 13.45 7.75 15.35
N LEU A 77 13.26 7.67 16.67
CA LEU A 77 13.45 8.81 17.55
C LEU A 77 14.94 9.08 17.75
N GLY A 78 15.40 10.23 17.24
CA GLY A 78 16.80 10.58 17.38
C GLY A 78 17.15 11.84 16.60
N ASP A 79 17.98 11.68 15.58
CA ASP A 79 18.40 12.81 14.75
C ASP A 79 17.21 13.41 13.99
N HIS A 80 17.13 14.73 13.97
CA HIS A 80 16.04 15.42 13.28
C HIS A 80 16.57 16.22 12.09
N VAL A 81 15.65 16.67 11.24
CA VAL A 81 16.03 17.45 10.06
C VAL A 81 16.41 18.87 10.45
N GLY A 82 17.51 19.36 9.87
CA GLY A 82 17.97 20.71 10.16
C GLY A 82 17.57 21.70 9.08
N SER A 83 16.64 22.59 9.41
CA SER A 83 16.17 23.58 8.47
C SER A 83 16.70 24.97 8.83
N GLY A 84 16.48 25.93 7.94
CA GLY A 84 16.93 27.29 8.19
C GLY A 84 15.87 28.33 7.88
N PRO A 85 15.92 28.89 6.67
CA PRO A 85 14.96 29.91 6.23
C PRO A 85 13.56 29.34 6.01
N SER A 86 13.46 28.01 6.01
CA SER A 86 12.19 27.33 5.81
C SER A 86 11.28 27.51 7.04
N SER A 87 11.83 27.25 8.22
CA SER A 87 11.08 27.37 9.46
C SER A 87 11.45 28.65 10.19
N GLY A 88 10.79 29.75 9.82
CA GLY A 88 11.06 31.03 10.45
C GLY A 88 10.59 31.08 11.89
N GLY A 1 17.29 -27.48 6.69
CA GLY A 1 17.34 -26.81 5.39
C GLY A 1 16.28 -27.31 4.43
N SER A 2 15.98 -26.51 3.42
CA SER A 2 14.96 -26.87 2.43
C SER A 2 15.46 -26.59 1.02
N SER A 3 14.70 -27.05 0.04
CA SER A 3 15.05 -26.85 -1.37
C SER A 3 13.94 -26.15 -2.13
N GLY A 4 13.34 -25.15 -1.49
CA GLY A 4 12.26 -24.40 -2.12
C GLY A 4 10.90 -25.03 -1.86
N SER A 5 9.91 -24.20 -1.58
CA SER A 5 8.56 -24.67 -1.30
C SER A 5 7.54 -23.90 -2.12
N SER A 6 7.84 -23.72 -3.41
CA SER A 6 6.94 -22.99 -4.31
C SER A 6 6.18 -23.95 -5.21
N GLY A 7 5.03 -24.43 -4.73
CA GLY A 7 4.23 -25.36 -5.51
C GLY A 7 3.60 -24.70 -6.73
N ASP A 8 2.84 -23.64 -6.49
CA ASP A 8 2.18 -22.92 -7.58
C ASP A 8 3.08 -21.83 -8.13
N PRO A 9 3.05 -21.66 -9.46
CA PRO A 9 3.87 -20.66 -10.15
C PRO A 9 3.40 -19.24 -9.87
N GLY A 10 3.99 -18.61 -8.86
CA GLY A 10 3.62 -17.25 -8.50
C GLY A 10 3.12 -17.15 -7.08
N GLU A 11 2.70 -15.95 -6.70
CA GLU A 11 2.19 -15.71 -5.34
C GLU A 11 1.31 -14.47 -5.30
N ARG A 12 0.80 -14.16 -4.11
CA ARG A 12 -0.06 -12.99 -3.94
C ARG A 12 0.16 -12.36 -2.57
N LEU A 13 -0.33 -11.13 -2.40
CA LEU A 13 -0.19 -10.41 -1.15
C LEU A 13 -1.47 -9.67 -0.79
N TYR A 14 -2.14 -10.12 0.27
CA TYR A 14 -3.38 -9.49 0.71
C TYR A 14 -3.45 -9.45 2.23
N ASP A 15 -4.52 -8.85 2.75
CA ASP A 15 -4.72 -8.74 4.19
C ASP A 15 -3.41 -8.34 4.88
N LEU A 16 -2.67 -7.42 4.27
CA LEU A 16 -1.41 -6.96 4.82
C LEU A 16 -1.63 -6.02 6.00
N ASN A 17 -2.53 -5.05 5.81
CA ASN A 17 -2.84 -4.08 6.86
C ASN A 17 -1.68 -3.12 7.07
N MET A 18 -0.98 -2.79 5.99
CA MET A 18 0.15 -1.87 6.06
C MET A 18 -0.31 -0.43 5.91
N PRO A 19 -0.03 0.40 6.94
CA PRO A 19 -0.40 1.81 6.94
C PRO A 19 0.40 2.62 5.94
N ALA A 20 -0.30 3.22 4.97
CA ALA A 20 0.35 4.03 3.96
C ALA A 20 0.07 5.51 4.17
N TYR A 21 0.81 6.36 3.46
CA TYR A 21 0.64 7.80 3.58
C TYR A 21 0.37 8.43 2.21
N VAL A 22 -0.84 8.97 2.06
CA VAL A 22 -1.23 9.61 0.80
C VAL A 22 -0.39 10.85 0.53
N LYS A 23 0.61 10.71 -0.35
CA LYS A 23 1.48 11.83 -0.69
C LYS A 23 0.79 12.79 -1.65
N PHE A 24 -0.04 12.23 -2.54
CA PHE A 24 -0.76 13.04 -3.51
C PHE A 24 -2.25 12.70 -3.50
N ASN A 25 -3.09 13.73 -3.58
CA ASN A 25 -4.53 13.54 -3.58
C ASN A 25 -5.00 12.89 -4.87
N TYR A 26 -5.71 11.78 -4.75
CA TYR A 26 -6.22 11.06 -5.91
C TYR A 26 -7.70 11.31 -6.11
N MET A 27 -8.15 11.29 -7.36
CA MET A 27 -9.55 11.50 -7.68
C MET A 27 -10.18 10.25 -8.29
N ALA A 28 -11.00 9.56 -7.50
CA ALA A 28 -11.66 8.34 -7.96
C ALA A 28 -13.00 8.66 -8.63
N GLU A 29 -13.41 7.80 -9.55
CA GLU A 29 -14.67 7.99 -10.27
C GLU A 29 -15.56 6.76 -10.15
N ARG A 30 -14.93 5.60 -9.97
CA ARG A 30 -15.66 4.35 -9.83
C ARG A 30 -15.72 3.91 -8.38
N GLU A 31 -16.85 3.32 -7.99
CA GLU A 31 -17.04 2.85 -6.62
C GLU A 31 -15.87 1.98 -6.19
N ASP A 32 -15.29 1.24 -7.13
CA ASP A 32 -14.16 0.37 -6.83
C ASP A 32 -12.91 1.19 -6.50
N GLU A 33 -12.86 2.41 -7.03
CA GLU A 33 -11.72 3.29 -6.78
C GLU A 33 -11.96 4.16 -5.54
N LEU A 34 -10.88 4.47 -4.83
CA LEU A 34 -10.97 5.29 -3.62
C LEU A 34 -10.27 6.62 -3.83
N SER A 35 -10.84 7.68 -3.26
CA SER A 35 -10.28 9.01 -3.38
C SER A 35 -9.30 9.29 -2.24
N LEU A 36 -8.02 9.42 -2.58
CA LEU A 36 -6.98 9.69 -1.60
C LEU A 36 -6.83 11.19 -1.36
N ILE A 37 -6.30 11.55 -0.20
CA ILE A 37 -6.09 12.95 0.15
C ILE A 37 -4.67 13.18 0.66
N LYS A 38 -3.97 14.13 0.04
CA LYS A 38 -2.61 14.46 0.43
C LYS A 38 -2.56 15.00 1.85
N GLY A 39 -1.96 14.24 2.75
CA GLY A 39 -1.86 14.66 4.14
C GLY A 39 -2.60 13.74 5.08
N THR A 40 -2.94 12.55 4.60
CA THR A 40 -3.65 11.56 5.40
C THR A 40 -2.94 10.22 5.39
N LYS A 41 -3.53 9.24 6.06
CA LYS A 41 -2.96 7.90 6.13
C LYS A 41 -4.02 6.84 5.86
N VAL A 42 -3.69 5.88 4.99
CA VAL A 42 -4.62 4.81 4.64
C VAL A 42 -4.07 3.45 5.09
N ILE A 43 -4.89 2.42 4.92
CA ILE A 43 -4.48 1.07 5.29
C ILE A 43 -4.50 0.13 4.09
N VAL A 44 -3.32 -0.26 3.64
CA VAL A 44 -3.19 -1.15 2.49
C VAL A 44 -3.54 -2.59 2.88
N MET A 45 -4.47 -3.18 2.13
CA MET A 45 -4.89 -4.55 2.40
C MET A 45 -4.49 -5.48 1.25
N GLU A 46 -4.48 -4.93 0.04
CA GLU A 46 -4.10 -5.71 -1.14
C GLU A 46 -3.18 -4.90 -2.05
N LYS A 47 -2.38 -5.62 -2.84
CA LYS A 47 -1.45 -4.97 -3.76
C LYS A 47 -1.37 -5.75 -5.07
N CYS A 48 -1.68 -5.07 -6.18
CA CYS A 48 -1.64 -5.69 -7.50
C CYS A 48 -0.32 -5.38 -8.20
N SER A 49 0.34 -6.42 -8.68
CA SER A 49 1.62 -6.27 -9.37
C SER A 49 1.63 -5.01 -10.22
N ASP A 50 0.65 -4.89 -11.11
CA ASP A 50 0.54 -3.73 -11.99
C ASP A 50 0.98 -2.46 -11.26
N GLY A 51 0.48 -2.28 -10.04
CA GLY A 51 0.83 -1.11 -9.27
C GLY A 51 -0.33 -0.60 -8.43
N TRP A 52 -1.55 -0.85 -8.89
CA TRP A 52 -2.74 -0.42 -8.19
C TRP A 52 -2.83 -1.08 -6.82
N TRP A 53 -3.03 -0.27 -5.78
CA TRP A 53 -3.14 -0.78 -4.42
C TRP A 53 -4.58 -0.68 -3.91
N ARG A 54 -4.91 -1.53 -2.95
CA ARG A 54 -6.26 -1.54 -2.37
C ARG A 54 -6.20 -1.37 -0.86
N GLY A 55 -6.73 -0.26 -0.37
CA GLY A 55 -6.73 0.01 1.07
C GLY A 55 -8.02 0.63 1.54
N SER A 56 -8.05 1.03 2.81
CA SER A 56 -9.25 1.64 3.38
C SER A 56 -8.97 3.08 3.79
N TYR A 57 -10.04 3.85 3.99
CA TYR A 57 -9.91 5.25 4.39
C TYR A 57 -11.23 5.77 4.95
N ASN A 58 -11.21 6.11 6.24
CA ASN A 58 -12.40 6.62 6.90
C ASN A 58 -13.54 5.60 6.84
N GLY A 59 -13.20 4.32 6.86
CA GLY A 59 -14.19 3.28 6.81
C GLY A 59 -14.48 2.82 5.39
N GLN A 60 -14.06 3.62 4.42
CA GLN A 60 -14.28 3.28 3.01
C GLN A 60 -13.18 2.37 2.50
N VAL A 61 -13.44 1.70 1.37
CA VAL A 61 -12.48 0.78 0.77
C VAL A 61 -12.57 0.83 -0.75
N GLY A 62 -11.41 0.92 -1.40
CA GLY A 62 -11.37 0.95 -2.85
C GLY A 62 -9.98 0.72 -3.40
N TRP A 63 -9.78 1.09 -4.66
CA TRP A 63 -8.48 0.91 -5.30
C TRP A 63 -7.85 2.25 -5.64
N PHE A 64 -6.60 2.44 -5.23
CA PHE A 64 -5.89 3.68 -5.49
C PHE A 64 -4.44 3.41 -5.89
N PRO A 65 -3.87 4.34 -6.67
CA PRO A 65 -2.48 4.22 -7.13
C PRO A 65 -1.47 4.38 -6.01
N SER A 66 -0.71 3.32 -5.74
CA SER A 66 0.29 3.34 -4.68
C SER A 66 1.27 4.50 -4.88
N ASN A 67 1.59 4.78 -6.14
CA ASN A 67 2.51 5.85 -6.47
C ASN A 67 2.12 7.14 -5.75
N TYR A 68 0.86 7.23 -5.36
CA TYR A 68 0.35 8.42 -4.66
C TYR A 68 0.60 8.31 -3.16
N VAL A 69 0.62 7.08 -2.66
CA VAL A 69 0.86 6.85 -1.24
C VAL A 69 2.25 6.26 -1.00
N THR A 70 2.65 6.21 0.26
CA THR A 70 3.96 5.67 0.63
C THR A 70 3.88 4.87 1.93
N GLU A 71 4.58 3.73 1.96
CA GLU A 71 4.59 2.88 3.12
C GLU A 71 5.27 3.57 4.31
N GLU A 72 4.45 4.14 5.19
CA GLU A 72 4.97 4.84 6.36
C GLU A 72 4.78 4.01 7.62
N GLY A 73 5.88 3.55 8.20
CA GLY A 73 5.82 2.75 9.41
C GLY A 73 7.13 2.72 10.16
N ASP A 74 7.10 2.17 11.37
CA ASP A 74 8.30 2.08 12.20
C ASP A 74 8.27 0.83 13.07
N SER A 75 9.44 0.39 13.50
CA SER A 75 9.55 -0.80 14.35
C SER A 75 10.35 -0.50 15.60
N PRO A 76 9.95 -1.13 16.72
CA PRO A 76 10.62 -0.94 18.02
C PRO A 76 12.02 -1.57 18.04
N LEU A 77 13.01 -0.76 18.37
CA LEU A 77 14.39 -1.23 18.44
C LEU A 77 14.54 -2.33 19.49
N GLY A 78 14.67 -3.58 19.03
CA GLY A 78 14.82 -4.68 19.95
C GLY A 78 16.22 -5.28 19.91
N ASP A 79 16.51 -6.16 20.87
CA ASP A 79 17.82 -6.79 20.95
C ASP A 79 17.94 -7.89 19.90
N HIS A 80 16.94 -8.77 19.84
CA HIS A 80 16.94 -9.86 18.88
C HIS A 80 18.21 -10.70 19.00
N VAL A 81 18.64 -10.93 20.24
CA VAL A 81 19.84 -11.72 20.50
C VAL A 81 19.50 -13.19 20.70
N GLY A 82 20.36 -14.08 20.18
CA GLY A 82 20.13 -15.50 20.32
C GLY A 82 19.99 -16.20 18.98
N SER A 83 18.90 -15.89 18.28
CA SER A 83 18.64 -16.50 16.97
C SER A 83 19.32 -15.69 15.86
N GLY A 84 20.51 -15.19 16.14
CA GLY A 84 21.23 -14.42 15.15
C GLY A 84 21.56 -15.22 13.91
N PRO A 85 22.58 -14.76 13.15
CA PRO A 85 23.00 -15.44 11.92
C PRO A 85 23.66 -16.79 12.18
N SER A 86 24.34 -16.89 13.33
CA SER A 86 25.01 -18.12 13.71
C SER A 86 25.63 -18.81 12.47
N SER A 87 26.29 -18.02 11.64
CA SER A 87 26.91 -18.54 10.43
C SER A 87 27.83 -19.71 10.76
N GLY A 88 28.76 -19.48 11.70
CA GLY A 88 29.69 -20.52 12.09
C GLY A 88 30.61 -20.92 10.95
N GLY A 1 15.36 -13.91 -18.35
CA GLY A 1 14.60 -15.10 -17.99
C GLY A 1 13.35 -15.26 -18.83
N SER A 2 12.27 -15.71 -18.22
CA SER A 2 11.01 -15.93 -18.92
C SER A 2 10.07 -14.74 -18.71
N SER A 3 10.51 -13.78 -17.90
CA SER A 3 9.72 -12.59 -17.62
C SER A 3 10.51 -11.58 -16.80
N GLY A 4 10.01 -10.35 -16.74
CA GLY A 4 10.69 -9.31 -15.98
C GLY A 4 9.74 -8.23 -15.50
N SER A 5 10.20 -6.99 -15.53
CA SER A 5 9.39 -5.86 -15.10
C SER A 5 8.55 -6.23 -13.88
N SER A 6 9.18 -6.89 -12.91
CA SER A 6 8.49 -7.31 -11.70
C SER A 6 9.33 -7.02 -10.46
N GLY A 7 8.68 -6.94 -9.31
CA GLY A 7 9.39 -6.68 -8.07
C GLY A 7 8.80 -7.42 -6.89
N ASP A 8 7.48 -7.60 -6.90
CA ASP A 8 6.80 -8.30 -5.82
C ASP A 8 6.60 -9.78 -6.18
N PRO A 9 6.60 -10.64 -5.15
CA PRO A 9 6.42 -12.08 -5.32
C PRO A 9 5.00 -12.45 -5.75
N GLY A 10 4.11 -11.46 -5.74
CA GLY A 10 2.73 -11.68 -6.13
C GLY A 10 1.93 -12.36 -5.04
N GLU A 11 1.29 -13.47 -5.38
CA GLU A 11 0.47 -14.21 -4.42
C GLU A 11 -0.72 -13.38 -3.96
N ARG A 12 -1.23 -12.54 -4.86
CA ARG A 12 -2.36 -11.68 -4.55
C ARG A 12 -2.27 -11.14 -3.13
N LEU A 13 -1.13 -10.54 -2.80
CA LEU A 13 -0.91 -9.97 -1.48
C LEU A 13 -2.19 -9.35 -0.93
N TYR A 14 -2.76 -9.95 0.09
CA TYR A 14 -3.98 -9.46 0.71
C TYR A 14 -3.86 -9.42 2.23
N ASP A 15 -4.84 -8.81 2.88
CA ASP A 15 -4.85 -8.71 4.34
C ASP A 15 -3.50 -8.22 4.85
N LEU A 16 -2.91 -7.25 4.16
CA LEU A 16 -1.63 -6.70 4.54
C LEU A 16 -1.75 -5.81 5.77
N ASN A 17 -2.65 -4.82 5.70
CA ASN A 17 -2.87 -3.91 6.81
C ASN A 17 -1.68 -2.97 7.00
N MET A 18 -1.00 -2.66 5.90
CA MET A 18 0.15 -1.77 5.95
C MET A 18 -0.26 -0.31 5.82
N PRO A 19 0.05 0.49 6.84
CA PRO A 19 -0.29 1.91 6.87
C PRO A 19 0.52 2.72 5.86
N ALA A 20 -0.17 3.37 4.93
CA ALA A 20 0.49 4.18 3.92
C ALA A 20 0.19 5.66 4.12
N TYR A 21 0.91 6.50 3.37
CA TYR A 21 0.72 7.95 3.48
C TYR A 21 0.44 8.56 2.11
N VAL A 22 -0.78 9.07 1.94
CA VAL A 22 -1.18 9.68 0.67
C VAL A 22 -0.38 10.95 0.40
N LYS A 23 0.60 10.83 -0.49
CA LYS A 23 1.44 11.96 -0.85
C LYS A 23 0.71 12.91 -1.79
N PHE A 24 -0.14 12.36 -2.64
CA PHE A 24 -0.91 13.16 -3.59
C PHE A 24 -2.40 12.83 -3.49
N ASN A 25 -3.23 13.87 -3.55
CA ASN A 25 -4.67 13.69 -3.47
C ASN A 25 -5.21 13.02 -4.74
N TYR A 26 -5.80 11.84 -4.57
CA TYR A 26 -6.35 11.09 -5.69
C TYR A 26 -7.86 11.29 -5.78
N MET A 27 -8.35 11.52 -7.00
CA MET A 27 -9.77 11.72 -7.23
C MET A 27 -10.39 10.50 -7.90
N ALA A 28 -11.09 9.68 -7.12
CA ALA A 28 -11.73 8.49 -7.64
C ALA A 28 -13.08 8.83 -8.26
N GLU A 29 -13.49 8.01 -9.24
CA GLU A 29 -14.77 8.22 -9.92
C GLU A 29 -15.63 6.97 -9.86
N ARG A 30 -14.98 5.82 -9.77
CA ARG A 30 -15.68 4.54 -9.71
C ARG A 30 -15.71 4.00 -8.29
N GLU A 31 -16.83 3.38 -7.92
CA GLU A 31 -16.98 2.82 -6.57
C GLU A 31 -15.77 1.97 -6.21
N ASP A 32 -15.20 1.28 -7.19
CA ASP A 32 -14.04 0.44 -6.96
C ASP A 32 -12.83 1.27 -6.58
N GLU A 33 -12.75 2.48 -7.11
CA GLU A 33 -11.64 3.39 -6.83
C GLU A 33 -11.89 4.18 -5.55
N LEU A 34 -10.81 4.52 -4.86
CA LEU A 34 -10.93 5.28 -3.62
C LEU A 34 -10.28 6.66 -3.77
N SER A 35 -10.90 7.67 -3.17
CA SER A 35 -10.40 9.04 -3.23
C SER A 35 -9.41 9.30 -2.09
N LEU A 36 -8.14 9.39 -2.43
CA LEU A 36 -7.09 9.63 -1.44
C LEU A 36 -6.98 11.13 -1.14
N ILE A 37 -6.38 11.46 0.01
CA ILE A 37 -6.21 12.85 0.40
C ILE A 37 -4.77 13.12 0.82
N LYS A 38 -4.14 14.08 0.15
CA LYS A 38 -2.76 14.44 0.45
C LYS A 38 -2.63 14.94 1.88
N GLY A 39 -1.80 14.25 2.67
CA GLY A 39 -1.60 14.63 4.05
C GLY A 39 -2.34 13.73 5.01
N THR A 40 -2.79 12.58 4.53
CA THR A 40 -3.52 11.64 5.35
C THR A 40 -2.82 10.28 5.39
N LYS A 41 -3.44 9.31 6.06
CA LYS A 41 -2.87 7.97 6.17
C LYS A 41 -3.94 6.92 5.88
N VAL A 42 -3.62 5.99 4.98
CA VAL A 42 -4.53 4.92 4.62
C VAL A 42 -3.99 3.56 5.06
N ILE A 43 -4.84 2.54 4.95
CA ILE A 43 -4.45 1.19 5.34
C ILE A 43 -4.54 0.23 4.16
N VAL A 44 -3.39 -0.17 3.64
CA VAL A 44 -3.33 -1.09 2.50
C VAL A 44 -3.78 -2.49 2.91
N MET A 45 -4.69 -3.07 2.14
CA MET A 45 -5.20 -4.40 2.42
C MET A 45 -4.79 -5.39 1.32
N GLU A 46 -4.63 -4.87 0.11
CA GLU A 46 -4.23 -5.70 -1.03
C GLU A 46 -3.31 -4.94 -1.97
N LYS A 47 -2.47 -5.66 -2.69
CA LYS A 47 -1.54 -5.05 -3.64
C LYS A 47 -1.57 -5.78 -4.98
N CYS A 48 -1.64 -5.02 -6.05
CA CYS A 48 -1.67 -5.59 -7.39
C CYS A 48 -0.32 -5.45 -8.08
N SER A 49 0.32 -6.59 -8.38
CA SER A 49 1.62 -6.59 -9.03
C SER A 49 1.73 -5.45 -10.03
N ASP A 50 0.67 -5.26 -10.82
CA ASP A 50 0.65 -4.21 -11.82
C ASP A 50 1.13 -2.88 -11.23
N GLY A 51 0.54 -2.49 -10.11
CA GLY A 51 0.92 -1.26 -9.46
C GLY A 51 -0.20 -0.66 -8.63
N TRP A 52 -1.43 -1.02 -8.97
CA TRP A 52 -2.60 -0.53 -8.24
C TRP A 52 -2.72 -1.20 -6.87
N TRP A 53 -2.98 -0.39 -5.85
CA TRP A 53 -3.13 -0.91 -4.50
C TRP A 53 -4.58 -0.82 -4.03
N ARG A 54 -4.92 -1.60 -3.01
CA ARG A 54 -6.26 -1.60 -2.46
C ARG A 54 -6.25 -1.45 -0.95
N GLY A 55 -6.65 -0.27 -0.48
CA GLY A 55 -6.67 -0.02 0.95
C GLY A 55 -8.00 0.54 1.43
N SER A 56 -8.01 1.10 2.63
CA SER A 56 -9.23 1.66 3.20
C SER A 56 -8.98 3.06 3.76
N TYR A 57 -10.04 3.85 3.86
CA TYR A 57 -9.93 5.21 4.37
C TYR A 57 -11.27 5.70 4.92
N ASN A 58 -11.35 5.78 6.24
CA ASN A 58 -12.59 6.23 6.89
C ASN A 58 -13.71 5.20 6.70
N GLY A 59 -13.35 3.93 6.76
CA GLY A 59 -14.34 2.88 6.60
C GLY A 59 -14.58 2.53 5.15
N GLN A 60 -14.06 3.36 4.25
CA GLN A 60 -14.23 3.14 2.81
C GLN A 60 -13.15 2.21 2.28
N VAL A 61 -13.42 1.59 1.14
CA VAL A 61 -12.47 0.67 0.51
C VAL A 61 -12.52 0.78 -1.00
N GLY A 62 -11.34 0.86 -1.61
CA GLY A 62 -11.27 0.96 -3.07
C GLY A 62 -9.88 0.68 -3.59
N TRP A 63 -9.64 1.06 -4.84
CA TRP A 63 -8.34 0.84 -5.47
C TRP A 63 -7.65 2.16 -5.79
N PHE A 64 -6.45 2.35 -5.27
CA PHE A 64 -5.69 3.57 -5.50
C PHE A 64 -4.24 3.26 -5.86
N PRO A 65 -3.64 4.13 -6.68
CA PRO A 65 -2.25 3.96 -7.12
C PRO A 65 -1.25 4.18 -6.00
N SER A 66 -0.54 3.11 -5.63
CA SER A 66 0.44 3.19 -4.56
C SER A 66 1.45 4.30 -4.82
N ASN A 67 1.60 4.68 -6.09
CA ASN A 67 2.53 5.73 -6.47
C ASN A 67 2.17 7.04 -5.78
N TYR A 68 0.89 7.22 -5.46
CA TYR A 68 0.42 8.43 -4.80
C TYR A 68 0.70 8.37 -3.30
N VAL A 69 0.69 7.16 -2.75
CA VAL A 69 0.94 6.97 -1.32
C VAL A 69 2.32 6.39 -1.09
N THR A 70 2.73 6.32 0.18
CA THR A 70 4.04 5.79 0.54
C THR A 70 3.96 5.00 1.85
N GLU A 71 4.65 3.87 1.88
CA GLU A 71 4.66 3.01 3.07
C GLU A 71 5.25 3.76 4.26
N GLU A 72 4.39 4.20 5.17
CA GLU A 72 4.84 4.93 6.35
C GLU A 72 5.22 3.96 7.47
N GLY A 73 6.51 3.94 7.80
CA GLY A 73 6.99 3.07 8.84
C GLY A 73 8.49 2.82 8.75
N ASP A 74 8.87 1.54 8.72
CA ASP A 74 10.27 1.17 8.63
C ASP A 74 10.76 1.25 7.18
N SER A 75 12.05 1.53 7.02
CA SER A 75 12.64 1.64 5.69
C SER A 75 13.22 0.29 5.25
N PRO A 76 13.05 -0.02 3.95
CA PRO A 76 13.54 -1.27 3.37
C PRO A 76 15.06 -1.30 3.28
N LEU A 77 15.66 -2.30 3.93
CA LEU A 77 17.11 -2.45 3.94
C LEU A 77 17.59 -3.12 2.65
N GLY A 78 18.60 -2.53 2.02
CA GLY A 78 19.14 -3.09 0.79
C GLY A 78 20.01 -2.10 0.04
N ASP A 79 21.12 -1.72 0.65
CA ASP A 79 22.05 -0.78 0.03
C ASP A 79 22.27 -1.11 -1.45
N HIS A 80 22.54 -0.08 -2.25
CA HIS A 80 22.76 -0.27 -3.68
C HIS A 80 24.07 0.39 -4.11
N VAL A 81 24.57 -0.02 -5.27
CA VAL A 81 25.81 0.52 -5.79
C VAL A 81 25.55 1.62 -6.82
N GLY A 82 26.59 2.36 -7.17
CA GLY A 82 26.45 3.44 -8.13
C GLY A 82 27.60 3.49 -9.12
N SER A 83 28.60 4.30 -8.81
CA SER A 83 29.76 4.45 -9.68
C SER A 83 30.90 3.55 -9.21
N GLY A 84 31.43 2.74 -10.12
CA GLY A 84 32.52 1.84 -9.77
C GLY A 84 33.88 2.46 -10.05
N PRO A 85 34.90 1.60 -10.22
CA PRO A 85 36.27 2.04 -10.49
C PRO A 85 36.41 2.64 -11.89
N SER A 86 37.01 3.82 -11.95
CA SER A 86 37.22 4.51 -13.23
C SER A 86 38.44 3.96 -13.95
N SER A 87 38.24 3.52 -15.19
CA SER A 87 39.32 2.96 -15.98
C SER A 87 40.57 3.85 -15.91
N GLY A 88 40.36 5.15 -15.97
CA GLY A 88 41.47 6.09 -15.90
C GLY A 88 42.21 6.20 -17.22
N GLY A 1 1.38 -15.51 -28.85
CA GLY A 1 1.07 -14.66 -29.98
C GLY A 1 0.27 -13.43 -29.58
N SER A 2 -0.57 -12.96 -30.48
CA SER A 2 -1.40 -11.79 -30.23
C SER A 2 -2.16 -11.94 -28.90
N SER A 3 -2.52 -13.18 -28.58
CA SER A 3 -3.26 -13.45 -27.35
C SER A 3 -2.65 -14.63 -26.61
N GLY A 4 -2.68 -14.56 -25.28
CA GLY A 4 -2.10 -15.62 -24.46
C GLY A 4 -0.60 -15.67 -24.55
N SER A 5 0.07 -15.07 -23.57
CA SER A 5 1.53 -15.04 -23.54
C SER A 5 2.06 -15.71 -22.28
N SER A 6 2.91 -16.71 -22.46
CA SER A 6 3.50 -17.44 -21.34
C SER A 6 4.44 -16.54 -20.53
N GLY A 7 4.47 -16.75 -19.22
CA GLY A 7 5.34 -15.96 -18.37
C GLY A 7 4.59 -14.81 -17.71
N ASP A 8 3.71 -15.14 -16.78
CA ASP A 8 2.93 -14.12 -16.07
C ASP A 8 3.07 -14.29 -14.56
N PRO A 9 3.18 -13.15 -13.86
CA PRO A 9 3.33 -13.14 -12.40
C PRO A 9 2.05 -13.57 -11.68
N GLY A 10 2.21 -14.22 -10.54
CA GLY A 10 1.06 -14.69 -9.78
C GLY A 10 1.16 -14.34 -8.31
N GLU A 11 1.53 -13.09 -8.03
CA GLU A 11 1.66 -12.63 -6.64
C GLU A 11 0.34 -12.05 -6.13
N ARG A 12 -0.10 -12.55 -4.99
CA ARG A 12 -1.35 -12.09 -4.39
C ARG A 12 -1.16 -11.79 -2.91
N LEU A 13 -0.97 -10.51 -2.58
CA LEU A 13 -0.79 -10.10 -1.20
C LEU A 13 -2.04 -9.43 -0.66
N TYR A 14 -2.63 -10.02 0.38
CA TYR A 14 -3.84 -9.49 0.99
C TYR A 14 -3.65 -9.32 2.49
N ASP A 15 -4.71 -8.87 3.17
CA ASP A 15 -4.66 -8.67 4.61
C ASP A 15 -3.34 -8.06 5.04
N LEU A 16 -2.80 -7.18 4.21
CA LEU A 16 -1.53 -6.53 4.49
C LEU A 16 -1.66 -5.57 5.67
N ASN A 17 -2.74 -4.78 5.67
CA ASN A 17 -2.98 -3.82 6.74
C ASN A 17 -1.77 -2.91 6.94
N MET A 18 -1.08 -2.61 5.86
CA MET A 18 0.10 -1.75 5.91
C MET A 18 -0.29 -0.28 5.80
N PRO A 19 0.01 0.50 6.86
CA PRO A 19 -0.29 1.93 6.91
C PRO A 19 0.55 2.75 5.94
N ALA A 20 -0.11 3.36 4.97
CA ALA A 20 0.58 4.17 3.97
C ALA A 20 0.33 5.65 4.19
N TYR A 21 0.95 6.49 3.38
CA TYR A 21 0.79 7.94 3.50
C TYR A 21 0.45 8.56 2.14
N VAL A 22 -0.76 9.12 2.04
CA VAL A 22 -1.21 9.75 0.80
C VAL A 22 -0.42 11.02 0.52
N LYS A 23 0.52 10.93 -0.43
CA LYS A 23 1.34 12.07 -0.79
C LYS A 23 0.60 12.98 -1.76
N PHE A 24 -0.29 12.39 -2.56
CA PHE A 24 -1.07 13.16 -3.53
C PHE A 24 -2.55 12.79 -3.46
N ASN A 25 -3.41 13.80 -3.42
CA ASN A 25 -4.85 13.58 -3.35
C ASN A 25 -5.36 12.94 -4.63
N TYR A 26 -5.84 11.70 -4.52
CA TYR A 26 -6.37 10.99 -5.67
C TYR A 26 -7.89 11.14 -5.77
N MET A 27 -8.37 11.46 -6.96
CA MET A 27 -9.80 11.64 -7.19
C MET A 27 -10.38 10.43 -7.90
N ALA A 28 -11.04 9.54 -7.14
CA ALA A 28 -11.64 8.35 -7.71
C ALA A 28 -12.97 8.68 -8.38
N GLU A 29 -13.33 7.88 -9.39
CA GLU A 29 -14.58 8.09 -10.11
C GLU A 29 -15.44 6.83 -10.10
N ARG A 30 -14.79 5.69 -9.86
CA ARG A 30 -15.50 4.41 -9.82
C ARG A 30 -15.53 3.86 -8.40
N GLU A 31 -16.66 3.25 -8.04
CA GLU A 31 -16.82 2.68 -6.71
C GLU A 31 -15.59 1.86 -6.31
N ASP A 32 -15.03 1.15 -7.28
CA ASP A 32 -13.85 0.32 -7.04
C ASP A 32 -12.66 1.19 -6.64
N GLU A 33 -12.61 2.40 -7.16
CA GLU A 33 -11.52 3.32 -6.85
C GLU A 33 -11.79 4.08 -5.56
N LEU A 34 -10.72 4.46 -4.87
CA LEU A 34 -10.86 5.20 -3.61
C LEU A 34 -10.21 6.58 -3.72
N SER A 35 -10.85 7.57 -3.11
CA SER A 35 -10.35 8.93 -3.14
C SER A 35 -9.41 9.19 -1.97
N LEU A 36 -8.13 9.40 -2.27
CA LEU A 36 -7.13 9.65 -1.25
C LEU A 36 -7.03 11.14 -0.94
N ILE A 37 -6.37 11.47 0.16
CA ILE A 37 -6.20 12.86 0.55
C ILE A 37 -4.75 13.16 0.94
N LYS A 38 -4.14 14.10 0.23
CA LYS A 38 -2.75 14.48 0.50
C LYS A 38 -2.59 14.97 1.93
N GLY A 39 -1.78 14.26 2.71
CA GLY A 39 -1.56 14.64 4.09
C GLY A 39 -2.30 13.76 5.06
N THR A 40 -2.62 12.54 4.64
CA THR A 40 -3.34 11.60 5.49
C THR A 40 -2.68 10.22 5.46
N LYS A 41 -3.29 9.27 6.16
CA LYS A 41 -2.75 7.92 6.22
C LYS A 41 -3.83 6.89 5.89
N VAL A 42 -3.49 5.90 5.07
CA VAL A 42 -4.42 4.86 4.68
C VAL A 42 -3.92 3.49 5.10
N ILE A 43 -4.77 2.48 4.93
CA ILE A 43 -4.41 1.11 5.29
C ILE A 43 -4.48 0.19 4.07
N VAL A 44 -3.33 -0.31 3.63
CA VAL A 44 -3.26 -1.20 2.49
C VAL A 44 -3.73 -2.61 2.86
N MET A 45 -4.72 -3.11 2.13
CA MET A 45 -5.25 -4.45 2.38
C MET A 45 -4.80 -5.42 1.30
N GLU A 46 -4.66 -4.92 0.07
CA GLU A 46 -4.23 -5.75 -1.04
C GLU A 46 -3.35 -4.96 -2.01
N LYS A 47 -2.54 -5.68 -2.78
CA LYS A 47 -1.64 -5.05 -3.74
C LYS A 47 -1.65 -5.79 -5.07
N CYS A 48 -1.82 -5.05 -6.16
CA CYS A 48 -1.85 -5.64 -7.49
C CYS A 48 -0.50 -5.50 -8.18
N SER A 49 0.11 -6.63 -8.50
CA SER A 49 1.42 -6.63 -9.16
C SER A 49 1.50 -5.53 -10.19
N ASP A 50 0.38 -5.25 -10.85
CA ASP A 50 0.32 -4.21 -11.88
C ASP A 50 0.84 -2.88 -11.32
N GLY A 51 0.34 -2.50 -10.16
CA GLY A 51 0.76 -1.25 -9.54
C GLY A 51 -0.30 -0.64 -8.66
N TRP A 52 -1.57 -0.95 -8.97
CA TRP A 52 -2.69 -0.42 -8.20
C TRP A 52 -2.79 -1.11 -6.84
N TRP A 53 -3.09 -0.33 -5.81
CA TRP A 53 -3.22 -0.87 -4.47
C TRP A 53 -4.65 -0.75 -3.96
N ARG A 54 -5.00 -1.58 -2.98
CA ARG A 54 -6.35 -1.57 -2.41
C ARG A 54 -6.29 -1.43 -0.90
N GLY A 55 -6.69 -0.25 -0.41
CA GLY A 55 -6.68 0.00 1.03
C GLY A 55 -7.99 0.52 1.54
N SER A 56 -7.98 1.15 2.71
CA SER A 56 -9.19 1.69 3.30
C SER A 56 -8.95 3.11 3.82
N TYR A 57 -10.03 3.88 3.94
CA TYR A 57 -9.94 5.26 4.41
C TYR A 57 -11.29 5.74 4.91
N ASN A 58 -11.41 5.86 6.23
CA ASN A 58 -12.65 6.33 6.85
C ASN A 58 -13.79 5.34 6.58
N GLY A 59 -13.49 4.05 6.69
CA GLY A 59 -14.50 3.04 6.44
C GLY A 59 -14.67 2.73 4.97
N GLN A 60 -14.12 3.59 4.12
CA GLN A 60 -14.21 3.39 2.68
C GLN A 60 -13.13 2.45 2.18
N VAL A 61 -13.42 1.75 1.09
CA VAL A 61 -12.47 0.81 0.51
C VAL A 61 -12.50 0.86 -1.02
N GLY A 62 -11.31 0.86 -1.63
CA GLY A 62 -11.23 0.92 -3.07
C GLY A 62 -9.83 0.61 -3.58
N TRP A 63 -9.52 1.06 -4.79
CA TRP A 63 -8.21 0.84 -5.39
C TRP A 63 -7.56 2.16 -5.77
N PHE A 64 -6.39 2.42 -5.18
CA PHE A 64 -5.66 3.66 -5.46
C PHE A 64 -4.23 3.35 -5.88
N PRO A 65 -3.63 4.27 -6.66
CA PRO A 65 -2.26 4.11 -7.15
C PRO A 65 -1.23 4.25 -6.03
N SER A 66 -0.50 3.17 -5.77
CA SER A 66 0.51 3.17 -4.73
C SER A 66 1.53 4.28 -4.96
N ASN A 67 1.56 4.80 -6.18
CA ASN A 67 2.49 5.87 -6.54
C ASN A 67 2.15 7.16 -5.80
N TYR A 68 0.87 7.32 -5.46
CA TYR A 68 0.41 8.51 -4.75
C TYR A 68 0.67 8.38 -3.26
N VAL A 69 0.64 7.15 -2.77
CA VAL A 69 0.87 6.89 -1.34
C VAL A 69 2.25 6.31 -1.11
N THR A 70 2.69 6.33 0.14
CA THR A 70 4.00 5.80 0.51
C THR A 70 3.93 4.97 1.78
N GLU A 71 4.98 4.19 2.03
CA GLU A 71 5.03 3.34 3.21
C GLU A 71 5.83 4.01 4.33
N GLU A 72 5.21 4.97 5.00
CA GLU A 72 5.87 5.70 6.08
C GLU A 72 6.41 4.73 7.13
N GLY A 73 7.48 5.13 7.80
CA GLY A 73 8.09 4.29 8.82
C GLY A 73 9.32 3.57 8.32
N ASP A 74 9.36 2.26 8.52
CA ASP A 74 10.50 1.46 8.08
C ASP A 74 10.89 1.80 6.65
N SER A 75 12.17 1.62 6.33
CA SER A 75 12.68 1.91 4.99
C SER A 75 13.03 0.63 4.26
N PRO A 76 12.78 0.62 2.94
CA PRO A 76 13.06 -0.55 2.09
C PRO A 76 14.55 -0.78 1.91
N LEU A 77 15.05 -1.89 2.45
CA LEU A 77 16.46 -2.24 2.35
C LEU A 77 16.84 -2.58 0.90
N GLY A 78 17.74 -1.78 0.34
CA GLY A 78 18.17 -2.01 -1.03
C GLY A 78 19.61 -2.48 -1.12
N ASP A 79 19.91 -3.56 -0.40
CA ASP A 79 21.27 -4.11 -0.39
C ASP A 79 21.69 -4.54 -1.80
N HIS A 80 22.52 -3.72 -2.43
CA HIS A 80 22.99 -4.01 -3.78
C HIS A 80 23.47 -5.45 -3.88
N VAL A 81 23.01 -6.15 -4.93
CA VAL A 81 23.40 -7.54 -5.14
C VAL A 81 24.46 -7.65 -6.21
N GLY A 82 25.52 -8.40 -5.92
CA GLY A 82 26.60 -8.58 -6.88
C GLY A 82 27.93 -8.86 -6.21
N SER A 83 29.00 -8.27 -6.74
CA SER A 83 30.34 -8.47 -6.19
C SER A 83 31.15 -7.18 -6.27
N GLY A 84 31.36 -6.55 -5.12
CA GLY A 84 32.12 -5.31 -5.08
C GLY A 84 33.34 -5.42 -4.19
N PRO A 85 34.37 -4.59 -4.47
CA PRO A 85 35.60 -4.57 -3.70
C PRO A 85 35.42 -4.00 -2.30
N SER A 86 36.33 -4.32 -1.40
CA SER A 86 36.26 -3.85 -0.03
C SER A 86 36.72 -2.40 0.07
N SER A 87 37.94 -2.15 -0.40
CA SER A 87 38.50 -0.80 -0.36
C SER A 87 37.68 0.16 -1.23
N GLY A 88 37.37 -0.29 -2.45
CA GLY A 88 36.60 0.54 -3.35
C GLY A 88 36.74 0.11 -4.81
N GLY A 1 8.35 -28.21 -19.60
CA GLY A 1 8.37 -27.39 -20.81
C GLY A 1 8.85 -25.98 -20.54
N SER A 2 7.98 -25.17 -19.94
CA SER A 2 8.32 -23.78 -19.63
C SER A 2 8.57 -23.61 -18.13
N SER A 3 9.69 -22.96 -17.80
CA SER A 3 10.06 -22.73 -16.41
C SER A 3 9.44 -21.43 -15.90
N GLY A 4 9.73 -20.33 -16.59
CA GLY A 4 9.20 -19.04 -16.20
C GLY A 4 7.70 -19.07 -15.96
N SER A 5 7.25 -18.39 -14.91
CA SER A 5 5.84 -18.35 -14.58
C SER A 5 5.20 -17.05 -15.05
N SER A 6 4.45 -17.12 -16.15
CA SER A 6 3.79 -15.93 -16.70
C SER A 6 2.30 -16.18 -16.87
N GLY A 7 1.55 -15.10 -17.06
CA GLY A 7 0.11 -15.22 -17.23
C GLY A 7 -0.65 -14.95 -15.96
N ASP A 8 -0.29 -15.64 -14.89
CA ASP A 8 -0.95 -15.47 -13.60
C ASP A 8 0.06 -15.49 -12.46
N PRO A 9 -0.15 -14.63 -11.46
CA PRO A 9 0.74 -14.53 -10.30
C PRO A 9 0.64 -15.76 -9.39
N GLY A 10 1.80 -16.25 -8.94
CA GLY A 10 1.82 -17.41 -8.07
C GLY A 10 1.24 -17.12 -6.69
N GLU A 11 1.79 -16.12 -6.02
CA GLU A 11 1.32 -15.75 -4.69
C GLU A 11 0.81 -14.31 -4.68
N ARG A 12 -0.39 -14.11 -4.13
CA ARG A 12 -0.99 -12.79 -4.05
C ARG A 12 -0.82 -12.19 -2.66
N LEU A 13 -0.80 -10.86 -2.60
CA LEU A 13 -0.63 -10.16 -1.32
C LEU A 13 -1.95 -9.54 -0.87
N TYR A 14 -2.45 -9.99 0.29
CA TYR A 14 -3.70 -9.48 0.83
C TYR A 14 -3.63 -9.39 2.35
N ASP A 15 -4.70 -8.87 2.95
CA ASP A 15 -4.77 -8.72 4.40
C ASP A 15 -3.41 -8.28 4.96
N LEU A 16 -2.75 -7.38 4.25
CA LEU A 16 -1.46 -6.88 4.68
C LEU A 16 -1.59 -5.96 5.89
N ASN A 17 -2.44 -4.94 5.76
CA ASN A 17 -2.68 -4.00 6.85
C ASN A 17 -1.48 -3.06 7.01
N MET A 18 -0.83 -2.74 5.90
CA MET A 18 0.33 -1.85 5.92
C MET A 18 -0.12 -0.40 5.81
N PRO A 19 0.19 0.39 6.85
CA PRO A 19 -0.17 1.81 6.91
C PRO A 19 0.65 2.64 5.92
N ALA A 20 -0.05 3.36 5.04
CA ALA A 20 0.61 4.20 4.05
C ALA A 20 0.28 5.67 4.27
N TYR A 21 0.93 6.54 3.51
CA TYR A 21 0.73 7.98 3.63
C TYR A 21 0.41 8.60 2.27
N VAL A 22 -0.78 9.16 2.15
CA VAL A 22 -1.21 9.80 0.90
C VAL A 22 -0.39 11.04 0.62
N LYS A 23 0.51 10.94 -0.36
CA LYS A 23 1.36 12.07 -0.74
C LYS A 23 0.64 13.00 -1.70
N PHE A 24 -0.24 12.42 -2.51
CA PHE A 24 -1.00 13.21 -3.48
C PHE A 24 -2.48 12.83 -3.43
N ASN A 25 -3.34 13.84 -3.53
CA ASN A 25 -4.79 13.63 -3.50
C ASN A 25 -5.27 12.97 -4.79
N TYR A 26 -5.76 11.75 -4.68
CA TYR A 26 -6.25 11.01 -5.84
C TYR A 26 -7.77 11.17 -5.98
N MET A 27 -8.21 11.43 -7.21
CA MET A 27 -9.63 11.60 -7.48
C MET A 27 -10.21 10.36 -8.17
N ALA A 28 -10.98 9.58 -7.41
CA ALA A 28 -11.59 8.37 -7.94
C ALA A 28 -12.89 8.68 -8.68
N GLU A 29 -13.24 7.83 -9.64
CA GLU A 29 -14.46 8.02 -10.42
C GLU A 29 -15.34 6.78 -10.36
N ARG A 30 -14.73 5.64 -10.09
CA ARG A 30 -15.46 4.39 -10.00
C ARG A 30 -15.52 3.88 -8.56
N GLU A 31 -16.66 3.32 -8.18
CA GLU A 31 -16.85 2.80 -6.83
C GLU A 31 -15.65 1.96 -6.40
N ASP A 32 -15.11 1.18 -7.33
CA ASP A 32 -13.97 0.33 -7.05
C ASP A 32 -12.75 1.16 -6.65
N GLU A 33 -12.66 2.37 -7.21
CA GLU A 33 -11.55 3.26 -6.91
C GLU A 33 -11.84 4.10 -5.67
N LEU A 34 -10.78 4.38 -4.90
CA LEU A 34 -10.92 5.17 -3.69
C LEU A 34 -10.27 6.54 -3.85
N SER A 35 -10.85 7.55 -3.18
CA SER A 35 -10.34 8.90 -3.25
C SER A 35 -9.41 9.19 -2.07
N LEU A 36 -8.12 9.41 -2.39
CA LEU A 36 -7.13 9.70 -1.36
C LEU A 36 -7.00 11.20 -1.13
N ILE A 37 -6.40 11.58 0.00
CA ILE A 37 -6.21 12.98 0.33
C ILE A 37 -4.77 13.25 0.76
N LYS A 38 -4.15 14.24 0.11
CA LYS A 38 -2.78 14.61 0.42
C LYS A 38 -2.66 15.10 1.86
N GLY A 39 -1.91 14.36 2.68
CA GLY A 39 -1.73 14.74 4.06
C GLY A 39 -2.51 13.85 5.02
N THR A 40 -2.83 12.64 4.56
CA THR A 40 -3.57 11.70 5.38
C THR A 40 -2.88 10.34 5.42
N LYS A 41 -3.49 9.38 6.12
CA LYS A 41 -2.93 8.04 6.23
C LYS A 41 -3.97 6.99 5.88
N VAL A 42 -3.55 5.96 5.16
CA VAL A 42 -4.44 4.88 4.75
C VAL A 42 -3.90 3.52 5.18
N ILE A 43 -4.73 2.50 5.07
CA ILE A 43 -4.33 1.14 5.44
C ILE A 43 -4.43 0.19 4.25
N VAL A 44 -3.29 -0.26 3.76
CA VAL A 44 -3.24 -1.17 2.62
C VAL A 44 -3.67 -2.57 3.04
N MET A 45 -4.57 -3.17 2.26
CA MET A 45 -5.06 -4.51 2.54
C MET A 45 -4.72 -5.46 1.40
N GLU A 46 -4.67 -4.93 0.19
CA GLU A 46 -4.36 -5.73 -0.99
C GLU A 46 -3.49 -4.96 -1.97
N LYS A 47 -2.77 -5.68 -2.82
CA LYS A 47 -1.90 -5.06 -3.81
C LYS A 47 -2.02 -5.75 -5.16
N CYS A 48 -2.01 -4.95 -6.23
CA CYS A 48 -2.13 -5.49 -7.58
C CYS A 48 -0.79 -5.42 -8.31
N SER A 49 -0.24 -6.59 -8.62
CA SER A 49 1.06 -6.66 -9.31
C SER A 49 1.19 -5.52 -10.31
N ASP A 50 0.13 -5.28 -11.06
CA ASP A 50 0.14 -4.21 -12.06
C ASP A 50 0.74 -2.93 -11.49
N GLY A 51 0.22 -2.50 -10.34
CA GLY A 51 0.72 -1.29 -9.71
C GLY A 51 -0.31 -0.65 -8.80
N TRP A 52 -1.58 -0.92 -9.06
CA TRP A 52 -2.66 -0.36 -8.26
C TRP A 52 -2.76 -1.06 -6.91
N TRP A 53 -3.00 -0.28 -5.87
CA TRP A 53 -3.12 -0.83 -4.51
C TRP A 53 -4.56 -0.78 -4.03
N ARG A 54 -4.83 -1.47 -2.93
CA ARG A 54 -6.17 -1.50 -2.35
C ARG A 54 -6.12 -1.44 -0.83
N GLY A 55 -6.64 -0.36 -0.27
CA GLY A 55 -6.64 -0.20 1.17
C GLY A 55 -7.97 0.33 1.70
N SER A 56 -7.93 1.01 2.83
CA SER A 56 -9.12 1.56 3.44
C SER A 56 -8.88 2.98 3.95
N TYR A 57 -9.94 3.77 4.00
CA TYR A 57 -9.85 5.15 4.46
C TYR A 57 -11.18 5.64 5.00
N ASN A 58 -11.28 5.77 6.32
CA ASN A 58 -12.50 6.22 6.96
C ASN A 58 -13.66 5.26 6.69
N GLY A 59 -13.39 3.97 6.79
CA GLY A 59 -14.40 2.97 6.55
C GLY A 59 -14.59 2.67 5.07
N GLN A 60 -14.05 3.54 4.22
CA GLN A 60 -14.14 3.37 2.79
C GLN A 60 -13.07 2.43 2.26
N VAL A 61 -13.37 1.72 1.18
CA VAL A 61 -12.43 0.78 0.58
C VAL A 61 -12.48 0.85 -0.94
N GLY A 62 -11.31 0.81 -1.56
CA GLY A 62 -11.24 0.86 -3.01
C GLY A 62 -9.85 0.63 -3.53
N TRP A 63 -9.61 1.01 -4.78
CA TRP A 63 -8.30 0.83 -5.41
C TRP A 63 -7.66 2.18 -5.72
N PHE A 64 -6.50 2.43 -5.10
CA PHE A 64 -5.79 3.69 -5.32
C PHE A 64 -4.35 3.43 -5.74
N PRO A 65 -3.77 4.38 -6.49
CA PRO A 65 -2.39 4.27 -6.98
C PRO A 65 -1.37 4.40 -5.85
N SER A 66 -0.63 3.34 -5.59
CA SER A 66 0.39 3.33 -4.54
C SER A 66 1.38 4.47 -4.75
N ASN A 67 1.66 4.79 -6.00
CA ASN A 67 2.59 5.85 -6.33
C ASN A 67 2.22 7.14 -5.62
N TYR A 68 0.93 7.31 -5.35
CA TYR A 68 0.44 8.50 -4.66
C TYR A 68 0.69 8.41 -3.16
N VAL A 69 0.70 7.19 -2.64
CA VAL A 69 0.93 6.97 -1.22
C VAL A 69 2.32 6.41 -0.96
N THR A 70 2.73 6.38 0.30
CA THR A 70 4.03 5.88 0.68
C THR A 70 3.96 5.02 1.93
N GLU A 71 4.97 4.17 2.13
CA GLU A 71 5.00 3.30 3.30
C GLU A 71 5.73 3.96 4.46
N GLU A 72 5.01 4.78 5.21
CA GLU A 72 5.59 5.48 6.34
C GLU A 72 6.07 4.50 7.41
N GLY A 73 7.27 4.73 7.92
CA GLY A 73 7.82 3.86 8.93
C GLY A 73 9.30 3.59 8.74
N ASP A 74 10.12 4.60 9.01
CA ASP A 74 11.56 4.48 8.85
C ASP A 74 12.07 3.21 9.51
N SER A 75 12.64 2.31 8.70
CA SER A 75 13.15 1.05 9.21
C SER A 75 14.60 0.84 8.75
N PRO A 76 15.55 1.31 9.56
CA PRO A 76 16.98 1.19 9.26
C PRO A 76 17.47 -0.27 9.37
N LEU A 77 18.00 -0.78 8.27
CA LEU A 77 18.51 -2.15 8.25
C LEU A 77 19.72 -2.30 9.15
N GLY A 78 19.54 -2.97 10.28
CA GLY A 78 20.63 -3.18 11.20
C GLY A 78 21.78 -3.96 10.59
N ASP A 79 22.83 -3.26 10.20
CA ASP A 79 24.00 -3.90 9.60
C ASP A 79 25.28 -3.17 9.98
N HIS A 80 26.41 -3.85 9.83
CA HIS A 80 27.70 -3.26 10.17
C HIS A 80 28.52 -3.00 8.91
N VAL A 81 28.72 -1.73 8.59
CA VAL A 81 29.49 -1.35 7.41
C VAL A 81 30.78 -0.66 7.79
N GLY A 82 31.89 -1.13 7.23
CA GLY A 82 33.19 -0.56 7.54
C GLY A 82 34.12 -0.55 6.33
N SER A 83 35.16 0.27 6.39
CA SER A 83 36.12 0.37 5.29
C SER A 83 37.39 -0.40 5.63
N GLY A 84 38.19 -0.69 4.60
CA GLY A 84 39.43 -1.41 4.80
C GLY A 84 40.59 -0.51 5.16
N PRO A 85 41.73 -1.12 5.50
CA PRO A 85 42.94 -0.37 5.87
C PRO A 85 43.56 0.36 4.69
N SER A 86 43.57 -0.29 3.54
CA SER A 86 44.14 0.29 2.33
C SER A 86 43.49 1.63 2.02
N SER A 87 44.17 2.44 1.20
CA SER A 87 43.65 3.75 0.83
C SER A 87 42.46 3.62 -0.11
N GLY A 88 42.68 2.98 -1.26
CA GLY A 88 41.61 2.80 -2.22
C GLY A 88 42.12 2.32 -3.56
N GLY A 1 14.94 -30.76 -12.30
CA GLY A 1 14.69 -29.40 -12.74
C GLY A 1 13.39 -28.84 -12.19
N SER A 2 13.47 -28.19 -11.04
CA SER A 2 12.29 -27.61 -10.41
C SER A 2 12.39 -26.09 -10.35
N SER A 3 12.87 -25.49 -11.44
CA SER A 3 13.03 -24.04 -11.50
C SER A 3 11.94 -23.41 -12.37
N GLY A 4 10.80 -23.11 -11.74
CA GLY A 4 9.69 -22.52 -12.46
C GLY A 4 9.98 -21.10 -12.91
N SER A 5 9.78 -20.82 -14.19
CA SER A 5 10.03 -19.50 -14.74
C SER A 5 8.82 -18.59 -14.52
N SER A 6 8.77 -17.94 -13.35
CA SER A 6 7.68 -17.04 -13.01
C SER A 6 6.36 -17.81 -12.93
N GLY A 7 6.39 -18.99 -12.33
CA GLY A 7 5.19 -19.79 -12.19
C GLY A 7 4.86 -20.09 -10.74
N ASP A 8 4.42 -19.06 -10.03
CA ASP A 8 4.06 -19.23 -8.62
C ASP A 8 2.67 -19.81 -8.48
N PRO A 9 2.46 -20.59 -7.41
CA PRO A 9 1.17 -21.25 -7.14
C PRO A 9 0.09 -20.24 -6.74
N GLY A 10 0.47 -18.97 -6.65
CA GLY A 10 -0.47 -17.94 -6.28
C GLY A 10 0.06 -17.02 -5.20
N GLU A 11 1.33 -16.65 -5.31
CA GLU A 11 1.96 -15.79 -4.32
C GLU A 11 1.46 -14.35 -4.46
N ARG A 12 0.32 -14.07 -3.84
CA ARG A 12 -0.27 -12.74 -3.89
C ARG A 12 -0.15 -12.03 -2.55
N LEU A 13 -0.35 -10.72 -2.55
CA LEU A 13 -0.26 -9.93 -1.33
C LEU A 13 -1.63 -9.36 -0.96
N TYR A 14 -2.15 -9.80 0.19
CA TYR A 14 -3.45 -9.33 0.67
C TYR A 14 -3.47 -9.24 2.18
N ASP A 15 -4.61 -8.83 2.73
CA ASP A 15 -4.76 -8.71 4.17
C ASP A 15 -3.46 -8.25 4.83
N LEU A 16 -2.78 -7.32 4.17
CA LEU A 16 -1.52 -6.80 4.68
C LEU A 16 -1.75 -5.87 5.86
N ASN A 17 -2.69 -4.94 5.71
CA ASN A 17 -3.02 -3.99 6.77
C ASN A 17 -1.86 -3.03 7.02
N MET A 18 -1.13 -2.70 5.96
CA MET A 18 0.01 -1.79 6.06
C MET A 18 -0.44 -0.34 5.89
N PRO A 19 -0.22 0.47 6.93
CA PRO A 19 -0.58 1.89 6.92
C PRO A 19 0.27 2.71 5.96
N ALA A 20 -0.37 3.31 4.96
CA ALA A 20 0.33 4.12 3.98
C ALA A 20 0.04 5.61 4.19
N TYR A 21 0.78 6.45 3.47
CA TYR A 21 0.60 7.89 3.58
C TYR A 21 0.33 8.51 2.21
N VAL A 22 -0.87 9.06 2.05
CA VAL A 22 -1.27 9.68 0.79
C VAL A 22 -0.43 10.94 0.52
N LYS A 23 0.58 10.79 -0.31
CA LYS A 23 1.46 11.91 -0.65
C LYS A 23 0.75 12.89 -1.59
N PHE A 24 -0.09 12.35 -2.47
CA PHE A 24 -0.83 13.16 -3.43
C PHE A 24 -2.32 12.84 -3.38
N ASN A 25 -3.15 13.87 -3.58
CA ASN A 25 -4.60 13.69 -3.56
C ASN A 25 -5.08 13.01 -4.84
N TYR A 26 -5.78 11.90 -4.67
CA TYR A 26 -6.30 11.15 -5.81
C TYR A 26 -7.81 11.36 -5.96
N MET A 27 -8.28 11.31 -7.20
CA MET A 27 -9.70 11.50 -7.49
C MET A 27 -10.30 10.24 -8.11
N ALA A 28 -11.12 9.53 -7.34
CA ALA A 28 -11.76 8.32 -7.82
C ALA A 28 -13.00 8.64 -8.64
N GLU A 29 -13.35 7.74 -9.56
CA GLU A 29 -14.52 7.94 -10.41
C GLU A 29 -15.51 6.79 -10.24
N ARG A 30 -15.00 5.62 -9.87
CA ARG A 30 -15.84 4.45 -9.67
C ARG A 30 -15.76 3.96 -8.23
N GLU A 31 -16.84 3.35 -7.75
CA GLU A 31 -16.88 2.84 -6.39
C GLU A 31 -15.63 2.03 -6.06
N ASP A 32 -15.24 1.17 -6.98
CA ASP A 32 -14.05 0.34 -6.80
C ASP A 32 -12.84 1.19 -6.43
N GLU A 33 -12.75 2.36 -7.04
CA GLU A 33 -11.63 3.28 -6.76
C GLU A 33 -11.91 4.11 -5.52
N LEU A 34 -10.85 4.48 -4.82
CA LEU A 34 -10.97 5.28 -3.60
C LEU A 34 -10.32 6.65 -3.79
N SER A 35 -10.92 7.67 -3.16
CA SER A 35 -10.41 9.03 -3.27
C SER A 35 -9.41 9.31 -2.15
N LEU A 36 -8.14 9.38 -2.50
CA LEU A 36 -7.09 9.65 -1.53
C LEU A 36 -6.93 11.14 -1.29
N ILE A 37 -6.42 11.50 -0.12
CA ILE A 37 -6.22 12.91 0.23
C ILE A 37 -4.80 13.16 0.71
N LYS A 38 -4.13 14.12 0.08
CA LYS A 38 -2.75 14.46 0.44
C LYS A 38 -2.68 14.97 1.88
N GLY A 39 -2.07 14.19 2.76
CA GLY A 39 -1.94 14.58 4.15
C GLY A 39 -2.70 13.67 5.08
N THR A 40 -3.05 12.48 4.59
CA THR A 40 -3.80 11.51 5.39
C THR A 40 -3.08 10.16 5.41
N LYS A 41 -3.69 9.19 6.08
CA LYS A 41 -3.13 7.85 6.17
C LYS A 41 -4.17 6.79 5.83
N VAL A 42 -3.78 5.84 4.98
CA VAL A 42 -4.69 4.77 4.59
C VAL A 42 -4.15 3.41 5.02
N ILE A 43 -4.96 2.37 4.85
CA ILE A 43 -4.57 1.03 5.23
C ILE A 43 -4.58 0.09 4.02
N VAL A 44 -3.39 -0.29 3.57
CA VAL A 44 -3.26 -1.18 2.42
C VAL A 44 -3.63 -2.62 2.80
N MET A 45 -4.65 -3.15 2.14
CA MET A 45 -5.09 -4.52 2.41
C MET A 45 -4.67 -5.46 1.27
N GLU A 46 -4.63 -4.93 0.06
CA GLU A 46 -4.25 -5.72 -1.10
C GLU A 46 -3.34 -4.93 -2.03
N LYS A 47 -2.55 -5.63 -2.83
CA LYS A 47 -1.63 -4.98 -3.76
C LYS A 47 -1.61 -5.73 -5.09
N CYS A 48 -1.86 -5.00 -6.18
CA CYS A 48 -1.85 -5.59 -7.51
C CYS A 48 -0.49 -5.46 -8.17
N SER A 49 0.13 -6.59 -8.48
CA SER A 49 1.44 -6.60 -9.11
C SER A 49 1.57 -5.44 -10.10
N ASP A 50 0.58 -5.30 -10.97
CA ASP A 50 0.59 -4.23 -11.96
C ASP A 50 1.10 -2.92 -11.36
N GLY A 51 0.50 -2.51 -10.25
CA GLY A 51 0.91 -1.28 -9.60
C GLY A 51 -0.18 -0.71 -8.72
N TRP A 52 -1.44 -0.94 -9.10
CA TRP A 52 -2.57 -0.43 -8.35
C TRP A 52 -2.68 -1.12 -6.99
N TRP A 53 -3.00 -0.35 -5.96
CA TRP A 53 -3.15 -0.90 -4.61
C TRP A 53 -4.59 -0.80 -4.14
N ARG A 54 -4.89 -1.50 -3.04
CA ARG A 54 -6.23 -1.50 -2.48
C ARG A 54 -6.19 -1.38 -0.96
N GLY A 55 -6.59 -0.21 -0.45
CA GLY A 55 -6.58 0.01 0.98
C GLY A 55 -7.86 0.65 1.47
N SER A 56 -7.88 1.04 2.75
CA SER A 56 -9.06 1.65 3.34
C SER A 56 -8.79 3.12 3.66
N TYR A 57 -9.87 3.87 3.88
CA TYR A 57 -9.75 5.29 4.20
C TYR A 57 -11.03 5.81 4.88
N ASN A 58 -10.94 6.01 6.18
CA ASN A 58 -12.09 6.50 6.95
C ASN A 58 -13.26 5.53 6.86
N GLY A 59 -12.95 4.24 6.94
CA GLY A 59 -13.99 3.23 6.86
C GLY A 59 -14.29 2.81 5.43
N GLN A 60 -13.81 3.60 4.47
CA GLN A 60 -14.04 3.30 3.07
C GLN A 60 -12.97 2.37 2.52
N VAL A 61 -13.24 1.78 1.37
CA VAL A 61 -12.29 0.85 0.74
C VAL A 61 -12.37 0.94 -0.78
N GLY A 62 -11.22 0.92 -1.43
CA GLY A 62 -11.17 1.00 -2.87
C GLY A 62 -9.77 0.81 -3.43
N TRP A 63 -9.60 1.10 -4.72
CA TRP A 63 -8.30 0.96 -5.36
C TRP A 63 -7.66 2.32 -5.58
N PHE A 64 -6.36 2.40 -5.34
CA PHE A 64 -5.61 3.64 -5.52
C PHE A 64 -4.18 3.37 -5.93
N PRO A 65 -3.58 4.32 -6.67
CA PRO A 65 -2.20 4.20 -7.15
C PRO A 65 -1.18 4.32 -6.02
N SER A 66 -0.46 3.22 -5.76
CA SER A 66 0.54 3.19 -4.70
C SER A 66 1.57 4.30 -4.90
N ASN A 67 1.60 4.87 -6.11
CA ASN A 67 2.53 5.94 -6.42
C ASN A 67 2.16 7.23 -5.70
N TYR A 68 0.88 7.36 -5.36
CA TYR A 68 0.39 8.54 -4.67
C TYR A 68 0.60 8.42 -3.16
N VAL A 69 0.67 7.18 -2.69
CA VAL A 69 0.85 6.93 -1.26
C VAL A 69 2.24 6.34 -0.99
N THR A 70 2.62 6.31 0.28
CA THR A 70 3.93 5.79 0.67
C THR A 70 3.83 5.01 1.98
N GLU A 71 4.49 3.86 2.03
CA GLU A 71 4.48 3.02 3.22
C GLU A 71 5.00 3.79 4.43
N GLU A 72 4.09 4.40 5.18
CA GLU A 72 4.46 5.16 6.36
C GLU A 72 4.07 4.42 7.64
N GLY A 73 5.05 3.79 8.27
CA GLY A 73 4.79 3.06 9.49
C GLY A 73 6.04 2.40 10.06
N ASP A 74 5.87 1.20 10.60
CA ASP A 74 7.00 0.47 11.17
C ASP A 74 7.94 -0.03 10.08
N SER A 75 9.24 -0.06 10.39
CA SER A 75 10.24 -0.50 9.43
C SER A 75 10.32 -2.03 9.39
N PRO A 76 10.54 -2.58 8.19
CA PRO A 76 10.64 -4.02 7.98
C PRO A 76 11.91 -4.61 8.59
N LEU A 77 11.74 -5.57 9.49
CA LEU A 77 12.88 -6.21 10.14
C LEU A 77 13.49 -7.28 9.24
N GLY A 78 14.81 -7.21 9.05
CA GLY A 78 15.49 -8.17 8.20
C GLY A 78 16.59 -7.55 7.38
N ASP A 79 17.52 -8.37 6.92
CA ASP A 79 18.63 -7.88 6.10
C ASP A 79 18.28 -7.96 4.62
N HIS A 80 17.15 -7.39 4.26
CA HIS A 80 16.70 -7.39 2.86
C HIS A 80 17.12 -6.10 2.16
N VAL A 81 18.37 -6.08 1.70
CA VAL A 81 18.89 -4.91 1.00
C VAL A 81 19.38 -5.28 -0.40
N GLY A 82 19.25 -4.35 -1.34
CA GLY A 82 19.68 -4.59 -2.70
C GLY A 82 18.85 -5.65 -3.38
N SER A 83 19.18 -5.94 -4.64
CA SER A 83 18.46 -6.94 -5.41
C SER A 83 19.09 -8.32 -5.26
N GLY A 84 20.42 -8.37 -5.38
CA GLY A 84 21.13 -9.63 -5.25
C GLY A 84 22.62 -9.44 -5.08
N PRO A 85 23.38 -9.66 -6.16
CA PRO A 85 24.83 -9.51 -6.15
C PRO A 85 25.28 -8.06 -6.03
N SER A 86 25.62 -7.65 -4.80
CA SER A 86 26.05 -6.28 -4.56
C SER A 86 27.20 -6.25 -3.55
N SER A 87 27.95 -5.15 -3.54
CA SER A 87 29.08 -5.01 -2.63
C SER A 87 28.69 -5.40 -1.21
N GLY A 88 29.69 -5.74 -0.40
CA GLY A 88 29.43 -6.14 0.97
C GLY A 88 29.08 -7.61 1.10
N GLY A 1 16.26 -16.90 0.19
CA GLY A 1 16.22 -17.79 -0.97
C GLY A 1 14.84 -18.36 -1.21
N SER A 2 14.67 -19.64 -0.87
CA SER A 2 13.39 -20.31 -1.05
C SER A 2 12.98 -21.07 0.21
N SER A 3 11.73 -21.52 0.25
CA SER A 3 11.22 -22.26 1.39
C SER A 3 9.83 -22.80 1.11
N GLY A 4 9.67 -24.11 1.30
CA GLY A 4 8.38 -24.74 1.06
C GLY A 4 8.06 -24.85 -0.42
N SER A 5 6.88 -25.39 -0.73
CA SER A 5 6.46 -25.56 -2.12
C SER A 5 5.23 -24.72 -2.41
N SER A 6 5.29 -23.95 -3.49
CA SER A 6 4.19 -23.09 -3.88
C SER A 6 3.18 -23.86 -4.74
N GLY A 7 1.93 -23.88 -4.29
CA GLY A 7 0.89 -24.58 -5.02
C GLY A 7 0.22 -23.70 -6.06
N ASP A 8 -0.24 -22.53 -5.63
CA ASP A 8 -0.92 -21.60 -6.52
C ASP A 8 -0.06 -21.32 -7.75
N PRO A 9 -0.73 -21.04 -8.88
CA PRO A 9 -0.06 -20.75 -10.16
C PRO A 9 0.67 -19.41 -10.14
N GLY A 10 0.52 -18.68 -9.03
CA GLY A 10 1.17 -17.39 -8.92
C GLY A 10 1.30 -16.94 -7.47
N GLU A 11 0.93 -15.69 -7.20
CA GLU A 11 1.01 -15.14 -5.85
C GLU A 11 0.35 -13.77 -5.78
N ARG A 12 -0.01 -13.35 -4.58
CA ARG A 12 -0.66 -12.07 -4.37
C ARG A 12 -0.60 -11.66 -2.90
N LEU A 13 -0.39 -10.36 -2.66
CA LEU A 13 -0.31 -9.85 -1.30
C LEU A 13 -1.64 -9.21 -0.89
N TYR A 14 -2.30 -9.83 0.09
CA TYR A 14 -3.58 -9.32 0.58
C TYR A 14 -3.62 -9.31 2.10
N ASP A 15 -4.69 -8.75 2.66
CA ASP A 15 -4.84 -8.69 4.11
C ASP A 15 -3.54 -8.25 4.78
N LEU A 16 -2.83 -7.33 4.14
CA LEU A 16 -1.57 -6.83 4.68
C LEU A 16 -1.80 -5.95 5.90
N ASN A 17 -2.71 -4.98 5.76
CA ASN A 17 -3.02 -4.06 6.85
C ASN A 17 -1.87 -3.10 7.10
N MET A 18 -1.16 -2.74 6.03
CA MET A 18 -0.04 -1.82 6.14
C MET A 18 -0.50 -0.37 5.94
N PRO A 19 -0.28 0.46 6.97
CA PRO A 19 -0.67 1.88 6.93
C PRO A 19 0.20 2.68 5.96
N ALA A 20 -0.45 3.29 4.97
CA ALA A 20 0.26 4.09 3.97
C ALA A 20 -0.03 5.58 4.17
N TYR A 21 0.76 6.42 3.51
CA TYR A 21 0.59 7.86 3.60
C TYR A 21 0.34 8.48 2.24
N VAL A 22 -0.84 9.07 2.07
CA VAL A 22 -1.21 9.70 0.80
C VAL A 22 -0.33 10.91 0.52
N LYS A 23 0.67 10.72 -0.34
CA LYS A 23 1.58 11.80 -0.70
C LYS A 23 0.90 12.79 -1.64
N PHE A 24 0.07 12.28 -2.53
CA PHE A 24 -0.64 13.12 -3.49
C PHE A 24 -2.14 12.84 -3.45
N ASN A 25 -2.94 13.90 -3.60
CA ASN A 25 -4.39 13.76 -3.58
C ASN A 25 -4.89 13.04 -4.82
N TYR A 26 -5.61 11.94 -4.62
CA TYR A 26 -6.15 11.16 -5.71
C TYR A 26 -7.67 11.17 -5.71
N MET A 27 -8.27 11.33 -6.88
CA MET A 27 -9.72 11.36 -7.01
C MET A 27 -10.23 10.07 -7.65
N ALA A 28 -11.21 9.46 -7.01
CA ALA A 28 -11.79 8.21 -7.51
C ALA A 28 -12.98 8.50 -8.42
N GLU A 29 -13.18 7.64 -9.42
CA GLU A 29 -14.28 7.80 -10.35
C GLU A 29 -15.24 6.62 -10.27
N ARG A 30 -14.72 5.46 -9.90
CA ARG A 30 -15.52 4.26 -9.78
C ARG A 30 -15.60 3.78 -8.33
N GLU A 31 -16.71 3.16 -7.97
CA GLU A 31 -16.90 2.66 -6.61
C GLU A 31 -15.71 1.82 -6.18
N ASP A 32 -15.16 1.06 -7.11
CA ASP A 32 -14.01 0.21 -6.82
C ASP A 32 -12.78 1.03 -6.47
N GLU A 33 -12.73 2.25 -7.01
CA GLU A 33 -11.61 3.15 -6.75
C GLU A 33 -11.79 3.89 -5.43
N LEU A 34 -10.68 4.32 -4.84
CA LEU A 34 -10.73 5.05 -3.58
C LEU A 34 -10.09 6.43 -3.73
N SER A 35 -10.69 7.42 -3.06
CA SER A 35 -10.18 8.78 -3.11
C SER A 35 -9.12 9.02 -2.04
N LEU A 36 -7.99 9.58 -2.44
CA LEU A 36 -6.89 9.86 -1.52
C LEU A 36 -6.67 11.36 -1.38
N ILE A 37 -6.24 11.77 -0.19
CA ILE A 37 -5.99 13.19 0.08
C ILE A 37 -4.56 13.40 0.56
N LYS A 38 -3.84 14.29 -0.12
CA LYS A 38 -2.45 14.59 0.24
C LYS A 38 -2.36 15.09 1.68
N GLY A 39 -1.80 14.26 2.55
CA GLY A 39 -1.66 14.64 3.95
C GLY A 39 -2.49 13.76 4.87
N THR A 40 -2.84 12.58 4.39
CA THR A 40 -3.64 11.64 5.18
C THR A 40 -2.96 10.28 5.27
N LYS A 41 -3.64 9.33 5.89
CA LYS A 41 -3.11 7.97 6.04
C LYS A 41 -4.17 6.93 5.72
N VAL A 42 -3.78 5.92 4.95
CA VAL A 42 -4.71 4.85 4.58
C VAL A 42 -4.19 3.49 5.04
N ILE A 43 -5.00 2.45 4.84
CA ILE A 43 -4.63 1.11 5.23
C ILE A 43 -4.60 0.17 4.03
N VAL A 44 -3.40 -0.18 3.58
CA VAL A 44 -3.24 -1.07 2.43
C VAL A 44 -3.65 -2.49 2.79
N MET A 45 -4.61 -3.03 2.05
CA MET A 45 -5.09 -4.39 2.28
C MET A 45 -4.64 -5.33 1.17
N GLU A 46 -4.56 -4.80 -0.06
CA GLU A 46 -4.14 -5.59 -1.20
C GLU A 46 -3.21 -4.79 -2.11
N LYS A 47 -2.44 -5.49 -2.93
CA LYS A 47 -1.51 -4.85 -3.85
C LYS A 47 -1.47 -5.58 -5.19
N CYS A 48 -1.80 -4.85 -6.25
CA CYS A 48 -1.81 -5.42 -7.60
C CYS A 48 -0.46 -5.23 -8.27
N SER A 49 0.23 -6.34 -8.55
CA SER A 49 1.54 -6.29 -9.20
C SER A 49 1.61 -5.14 -10.19
N ASP A 50 0.57 -5.00 -11.00
CA ASP A 50 0.51 -3.94 -12.00
C ASP A 50 0.96 -2.61 -11.41
N GLY A 51 0.39 -2.25 -10.27
CA GLY A 51 0.74 -1.01 -9.61
C GLY A 51 -0.37 -0.47 -8.75
N TRP A 52 -1.61 -0.78 -9.12
CA TRP A 52 -2.77 -0.31 -8.38
C TRP A 52 -2.87 -1.01 -7.03
N TRP A 53 -3.15 -0.25 -5.98
CA TRP A 53 -3.27 -0.79 -4.63
C TRP A 53 -4.72 -0.69 -4.13
N ARG A 54 -5.00 -1.38 -3.03
CA ARG A 54 -6.33 -1.37 -2.45
C ARG A 54 -6.26 -1.22 -0.94
N GLY A 55 -6.66 -0.04 -0.44
CA GLY A 55 -6.63 0.21 0.99
C GLY A 55 -7.94 0.77 1.50
N SER A 56 -7.95 1.17 2.77
CA SER A 56 -9.15 1.73 3.38
C SER A 56 -8.95 3.19 3.75
N TYR A 57 -10.05 3.94 3.85
CA TYR A 57 -9.98 5.34 4.20
C TYR A 57 -11.34 5.84 4.72
N ASN A 58 -11.38 6.23 5.99
CA ASN A 58 -12.60 6.72 6.60
C ASN A 58 -13.63 5.59 6.75
N GLY A 59 -13.14 4.37 6.90
CA GLY A 59 -14.02 3.23 7.05
C GLY A 59 -14.52 2.71 5.71
N GLN A 60 -13.82 3.08 4.64
CA GLN A 60 -14.20 2.65 3.30
C GLN A 60 -13.10 1.76 2.69
N VAL A 61 -13.38 1.25 1.49
CA VAL A 61 -12.42 0.40 0.79
C VAL A 61 -12.53 0.56 -0.72
N GLY A 62 -11.37 0.68 -1.36
CA GLY A 62 -11.35 0.85 -2.81
C GLY A 62 -9.97 0.62 -3.40
N TRP A 63 -9.78 1.06 -4.63
CA TRP A 63 -8.50 0.90 -5.32
C TRP A 63 -7.86 2.25 -5.62
N PHE A 64 -6.61 2.41 -5.21
CA PHE A 64 -5.89 3.65 -5.44
C PHE A 64 -4.44 3.38 -5.83
N PRO A 65 -3.84 4.32 -6.59
CA PRO A 65 -2.46 4.20 -7.06
C PRO A 65 -1.46 4.35 -5.92
N SER A 66 -0.73 3.27 -5.64
CA SER A 66 0.27 3.29 -4.57
C SER A 66 1.28 4.41 -4.80
N ASN A 67 1.61 4.67 -6.05
CA ASN A 67 2.56 5.70 -6.40
C ASN A 67 2.20 7.03 -5.73
N TYR A 68 0.93 7.16 -5.35
CA TYR A 68 0.46 8.38 -4.70
C TYR A 68 0.67 8.31 -3.20
N VAL A 69 0.72 7.09 -2.66
CA VAL A 69 0.92 6.88 -1.24
C VAL A 69 2.31 6.28 -0.96
N THR A 70 2.66 6.22 0.33
CA THR A 70 3.96 5.68 0.73
C THR A 70 3.83 4.89 2.03
N GLU A 71 4.45 3.71 2.05
CA GLU A 71 4.41 2.86 3.24
C GLU A 71 5.02 3.57 4.44
N GLU A 72 4.16 4.09 5.31
CA GLU A 72 4.61 4.79 6.50
C GLU A 72 4.62 3.87 7.71
N GLY A 73 5.81 3.40 8.08
CA GLY A 73 5.93 2.51 9.23
C GLY A 73 6.13 3.25 10.53
N ASP A 74 5.35 4.32 10.72
CA ASP A 74 5.44 5.11 11.94
C ASP A 74 6.91 5.40 12.29
N SER A 75 7.70 5.74 11.27
CA SER A 75 9.11 6.04 11.47
C SER A 75 9.43 7.46 11.05
N PRO A 76 10.36 8.10 11.79
CA PRO A 76 10.78 9.48 11.51
C PRO A 76 11.58 9.59 10.22
N LEU A 77 11.16 10.49 9.35
CA LEU A 77 11.84 10.69 8.07
C LEU A 77 13.18 11.40 8.29
N GLY A 78 14.28 10.64 8.19
CA GLY A 78 15.59 11.21 8.38
C GLY A 78 16.59 10.22 8.94
N ASP A 79 17.82 10.27 8.45
CA ASP A 79 18.87 9.36 8.91
C ASP A 79 19.83 10.08 9.85
N HIS A 80 19.50 10.09 11.14
CA HIS A 80 20.34 10.75 12.14
C HIS A 80 21.76 10.22 12.07
N VAL A 81 21.90 8.90 11.99
CA VAL A 81 23.20 8.27 11.93
C VAL A 81 23.95 8.67 10.66
N GLY A 82 25.15 9.22 10.83
CA GLY A 82 25.94 9.65 9.70
C GLY A 82 27.42 9.65 10.00
N SER A 83 28.08 8.52 9.74
CA SER A 83 29.51 8.39 9.99
C SER A 83 30.30 8.43 8.69
N GLY A 84 31.22 9.39 8.58
CA GLY A 84 32.02 9.51 7.38
C GLY A 84 33.49 9.76 7.69
N PRO A 85 34.21 10.32 6.71
CA PRO A 85 35.65 10.63 6.86
C PRO A 85 35.90 11.76 7.85
N SER A 86 37.02 11.69 8.56
CA SER A 86 37.38 12.70 9.54
C SER A 86 38.39 13.69 8.96
N SER A 87 38.61 14.79 9.66
CA SER A 87 39.55 15.81 9.22
C SER A 87 40.91 15.64 9.91
N GLY A 88 41.77 14.84 9.30
CA GLY A 88 43.09 14.60 9.87
C GLY A 88 43.23 13.20 10.44
N GLY A 1 0.79 -25.23 -30.42
CA GLY A 1 0.91 -24.21 -29.41
C GLY A 1 1.28 -24.78 -28.05
N SER A 2 1.15 -23.97 -27.01
CA SER A 2 1.47 -24.39 -25.66
C SER A 2 0.34 -24.08 -24.70
N SER A 3 -0.14 -25.10 -23.99
CA SER A 3 -1.23 -24.93 -23.04
C SER A 3 -0.85 -23.93 -21.95
N GLY A 4 -1.52 -22.78 -21.95
CA GLY A 4 -1.24 -21.76 -20.96
C GLY A 4 -0.12 -20.83 -21.38
N SER A 5 -0.23 -19.56 -20.99
CA SER A 5 0.77 -18.57 -21.35
C SER A 5 1.34 -17.91 -20.09
N SER A 6 0.46 -17.36 -19.27
CA SER A 6 0.88 -16.69 -18.04
C SER A 6 1.88 -17.56 -17.26
N GLY A 7 3.15 -17.20 -17.34
CA GLY A 7 4.17 -17.96 -16.64
C GLY A 7 4.43 -17.43 -15.24
N ASP A 8 4.76 -16.15 -15.14
CA ASP A 8 5.03 -15.53 -13.85
C ASP A 8 4.11 -16.10 -12.77
N PRO A 9 4.67 -16.32 -11.57
CA PRO A 9 3.92 -16.86 -10.44
C PRO A 9 2.90 -15.86 -9.89
N GLY A 10 3.27 -14.59 -9.90
CA GLY A 10 2.38 -13.56 -9.40
C GLY A 10 2.32 -13.52 -7.88
N GLU A 11 2.98 -12.53 -7.29
CA GLU A 11 3.00 -12.39 -5.84
C GLU A 11 1.61 -12.08 -5.30
N ARG A 12 1.04 -13.06 -4.60
CA ARG A 12 -0.30 -12.90 -4.02
C ARG A 12 -0.21 -12.36 -2.60
N LEU A 13 -0.52 -11.08 -2.44
CA LEU A 13 -0.48 -10.44 -1.13
C LEU A 13 -1.80 -9.72 -0.83
N TYR A 14 -2.39 -10.04 0.31
CA TYR A 14 -3.66 -9.44 0.71
C TYR A 14 -3.73 -9.29 2.22
N ASP A 15 -4.83 -8.71 2.70
CA ASP A 15 -5.02 -8.50 4.13
C ASP A 15 -3.71 -8.12 4.82
N LEU A 16 -2.93 -7.27 4.17
CA LEU A 16 -1.65 -6.83 4.70
C LEU A 16 -1.86 -5.90 5.90
N ASN A 17 -2.67 -4.87 5.71
CA ASN A 17 -2.95 -3.91 6.78
C ASN A 17 -1.75 -3.00 7.01
N MET A 18 -1.06 -2.65 5.94
CA MET A 18 0.11 -1.78 6.02
C MET A 18 -0.29 -0.31 5.90
N PRO A 19 0.01 0.47 6.94
CA PRO A 19 -0.32 1.90 6.98
C PRO A 19 0.52 2.71 6.00
N ALA A 20 -0.14 3.37 5.05
CA ALA A 20 0.55 4.18 4.06
C ALA A 20 0.27 5.67 4.27
N TYR A 21 0.91 6.51 3.46
CA TYR A 21 0.72 7.95 3.56
C TYR A 21 0.41 8.55 2.19
N VAL A 22 -0.79 9.11 2.06
CA VAL A 22 -1.22 9.71 0.80
C VAL A 22 -0.40 10.97 0.50
N LYS A 23 0.58 10.82 -0.38
CA LYS A 23 1.45 11.94 -0.76
C LYS A 23 0.71 12.89 -1.70
N PHE A 24 -0.18 12.33 -2.52
CA PHE A 24 -0.94 13.14 -3.47
C PHE A 24 -2.42 12.78 -3.41
N ASN A 25 -3.28 13.80 -3.42
CA ASN A 25 -4.72 13.59 -3.36
C ASN A 25 -5.22 12.95 -4.65
N TYR A 26 -5.78 11.75 -4.53
CA TYR A 26 -6.30 11.02 -5.68
C TYR A 26 -7.80 11.19 -5.79
N MET A 27 -8.29 11.38 -7.02
CA MET A 27 -9.72 11.55 -7.27
C MET A 27 -10.30 10.33 -7.96
N ALA A 28 -11.09 9.55 -7.22
CA ALA A 28 -11.72 8.35 -7.76
C ALA A 28 -13.07 8.67 -8.38
N GLU A 29 -13.48 7.86 -9.35
CA GLU A 29 -14.75 8.06 -10.03
C GLU A 29 -15.61 6.80 -9.97
N ARG A 30 -14.94 5.65 -9.82
CA ARG A 30 -15.63 4.37 -9.76
C ARG A 30 -15.68 3.85 -8.32
N GLU A 31 -16.78 3.19 -7.96
CA GLU A 31 -16.94 2.65 -6.62
C GLU A 31 -15.71 1.84 -6.21
N ASP A 32 -15.15 1.11 -7.17
CA ASP A 32 -13.96 0.29 -6.91
C ASP A 32 -12.76 1.16 -6.58
N GLU A 33 -12.73 2.36 -7.13
CA GLU A 33 -11.63 3.29 -6.89
C GLU A 33 -11.88 4.12 -5.63
N LEU A 34 -10.81 4.46 -4.92
CA LEU A 34 -10.91 5.24 -3.71
C LEU A 34 -10.26 6.61 -3.88
N SER A 35 -10.82 7.61 -3.21
CA SER A 35 -10.30 8.98 -3.29
C SER A 35 -9.33 9.26 -2.14
N LEU A 36 -8.05 9.39 -2.47
CA LEU A 36 -7.04 9.66 -1.45
C LEU A 36 -6.88 11.16 -1.22
N ILE A 37 -6.38 11.53 -0.06
CA ILE A 37 -6.17 12.93 0.29
C ILE A 37 -4.74 13.19 0.72
N LYS A 38 -4.07 14.10 0.02
CA LYS A 38 -2.69 14.44 0.33
C LYS A 38 -2.57 15.00 1.75
N GLY A 39 -1.95 14.23 2.64
CA GLY A 39 -1.78 14.67 4.01
C GLY A 39 -2.53 13.79 4.99
N THR A 40 -2.78 12.55 4.60
CA THR A 40 -3.50 11.61 5.45
C THR A 40 -2.83 10.24 5.46
N LYS A 41 -3.43 9.28 6.16
CA LYS A 41 -2.89 7.94 6.25
C LYS A 41 -3.95 6.90 5.90
N VAL A 42 -3.57 5.91 5.12
CA VAL A 42 -4.49 4.85 4.71
C VAL A 42 -3.97 3.48 5.14
N ILE A 43 -4.82 2.46 5.01
CA ILE A 43 -4.45 1.10 5.37
C ILE A 43 -4.51 0.17 4.17
N VAL A 44 -3.35 -0.27 3.71
CA VAL A 44 -3.27 -1.17 2.56
C VAL A 44 -3.73 -2.57 2.94
N MET A 45 -4.63 -3.14 2.13
CA MET A 45 -5.15 -4.47 2.38
C MET A 45 -4.76 -5.43 1.24
N GLU A 46 -4.68 -4.89 0.04
CA GLU A 46 -4.33 -5.69 -1.13
C GLU A 46 -3.40 -4.91 -2.06
N LYS A 47 -2.51 -5.63 -2.73
CA LYS A 47 -1.55 -5.01 -3.65
C LYS A 47 -1.55 -5.75 -4.99
N CYS A 48 -1.70 -4.99 -6.07
CA CYS A 48 -1.69 -5.57 -7.42
C CYS A 48 -0.33 -5.42 -8.07
N SER A 49 0.23 -6.55 -8.50
CA SER A 49 1.54 -6.55 -9.14
C SER A 49 1.59 -5.53 -10.27
N ASP A 50 0.43 -5.23 -10.85
CA ASP A 50 0.35 -4.27 -11.93
C ASP A 50 0.82 -2.89 -11.48
N GLY A 51 0.40 -2.49 -10.29
CA GLY A 51 0.78 -1.19 -9.75
C GLY A 51 -0.31 -0.57 -8.91
N TRP A 52 -1.55 -1.00 -9.12
CA TRP A 52 -2.69 -0.49 -8.37
C TRP A 52 -2.80 -1.16 -7.01
N TRP A 53 -3.02 -0.35 -5.97
CA TRP A 53 -3.16 -0.87 -4.61
C TRP A 53 -4.59 -0.75 -4.11
N ARG A 54 -4.88 -1.40 -3.00
CA ARG A 54 -6.22 -1.37 -2.42
C ARG A 54 -6.15 -1.24 -0.90
N GLY A 55 -6.60 -0.10 -0.38
CA GLY A 55 -6.59 0.11 1.05
C GLY A 55 -7.91 0.63 1.58
N SER A 56 -7.89 1.16 2.80
CA SER A 56 -9.10 1.70 3.41
C SER A 56 -8.87 3.11 3.92
N TYR A 57 -9.95 3.90 3.99
CA TYR A 57 -9.87 5.27 4.45
C TYR A 57 -11.22 5.76 4.97
N ASN A 58 -11.32 5.89 6.28
CA ASN A 58 -12.56 6.34 6.91
C ASN A 58 -13.68 5.32 6.71
N GLY A 59 -13.33 4.04 6.79
CA GLY A 59 -14.30 2.99 6.61
C GLY A 59 -14.54 2.65 5.15
N GLN A 60 -14.01 3.49 4.26
CA GLN A 60 -14.17 3.27 2.83
C GLN A 60 -13.06 2.36 2.28
N VAL A 61 -13.33 1.72 1.15
CA VAL A 61 -12.36 0.83 0.53
C VAL A 61 -12.42 0.92 -0.99
N GLY A 62 -11.25 0.87 -1.63
CA GLY A 62 -11.19 0.95 -3.07
C GLY A 62 -9.80 0.69 -3.60
N TRP A 63 -9.56 1.06 -4.86
CA TRP A 63 -8.26 0.85 -5.50
C TRP A 63 -7.60 2.18 -5.82
N PHE A 64 -6.42 2.41 -5.26
CA PHE A 64 -5.68 3.64 -5.49
C PHE A 64 -4.23 3.34 -5.90
N PRO A 65 -3.63 4.27 -6.66
CA PRO A 65 -2.25 4.13 -7.13
C PRO A 65 -1.24 4.26 -6.00
N SER A 66 -0.53 3.17 -5.71
CA SER A 66 0.47 3.15 -4.64
C SER A 66 1.49 4.28 -4.85
N ASN A 67 1.55 4.80 -6.08
CA ASN A 67 2.48 5.87 -6.41
C ASN A 67 2.12 7.15 -5.66
N TYR A 68 0.84 7.32 -5.39
CA TYR A 68 0.35 8.51 -4.70
C TYR A 68 0.60 8.39 -3.20
N VAL A 69 0.65 7.16 -2.70
CA VAL A 69 0.88 6.92 -1.28
C VAL A 69 2.27 6.35 -1.04
N THR A 70 2.68 6.32 0.22
CA THR A 70 3.99 5.79 0.59
C THR A 70 3.93 4.99 1.87
N GLU A 71 4.95 4.19 2.12
CA GLU A 71 5.01 3.36 3.32
C GLU A 71 5.79 4.07 4.43
N GLU A 72 5.14 5.03 5.07
CA GLU A 72 5.77 5.78 6.16
C GLU A 72 6.19 4.85 7.29
N GLY A 73 5.43 3.77 7.47
CA GLY A 73 5.73 2.83 8.53
C GLY A 73 6.96 1.98 8.22
N ASP A 74 7.15 0.93 9.00
CA ASP A 74 8.29 0.03 8.80
C ASP A 74 9.60 0.82 8.83
N SER A 75 9.79 1.62 9.88
CA SER A 75 11.00 2.41 10.04
C SER A 75 11.91 1.83 11.09
N PRO A 76 13.24 1.92 10.86
CA PRO A 76 14.24 1.40 11.79
C PRO A 76 14.32 2.22 13.07
N LEU A 77 14.03 1.57 14.20
CA LEU A 77 14.07 2.25 15.49
C LEU A 77 15.50 2.32 16.02
N GLY A 78 16.09 3.51 15.94
CA GLY A 78 17.45 3.69 16.42
C GLY A 78 17.52 4.61 17.62
N ASP A 79 17.94 4.06 18.76
CA ASP A 79 18.06 4.84 19.99
C ASP A 79 19.50 5.31 20.21
N HIS A 80 19.86 6.40 19.55
CA HIS A 80 21.21 6.95 19.67
C HIS A 80 21.21 8.45 19.38
N VAL A 81 21.51 9.24 20.40
CA VAL A 81 21.55 10.69 20.24
C VAL A 81 22.96 11.23 20.41
N GLY A 82 23.28 12.31 19.70
CA GLY A 82 24.60 12.90 19.79
C GLY A 82 25.69 11.91 19.46
N SER A 83 25.78 11.53 18.19
CA SER A 83 26.80 10.57 17.74
C SER A 83 28.15 10.89 18.36
N GLY A 84 28.53 10.13 19.38
CA GLY A 84 29.80 10.34 20.04
C GLY A 84 29.75 10.03 21.52
N PRO A 85 30.85 9.50 22.07
CA PRO A 85 30.95 9.15 23.49
C PRO A 85 30.98 10.38 24.39
N SER A 86 30.86 11.56 23.78
CA SER A 86 30.88 12.80 24.53
C SER A 86 30.19 12.64 25.88
N SER A 87 30.99 12.65 26.94
CA SER A 87 30.46 12.49 28.29
C SER A 87 29.35 13.50 28.57
N GLY A 88 28.79 13.45 29.77
CA GLY A 88 27.72 14.37 30.13
C GLY A 88 27.57 14.51 31.63
N GLY A 1 7.73 -20.10 -4.89
CA GLY A 1 8.58 -18.99 -5.21
C GLY A 1 8.54 -18.63 -6.69
N SER A 2 9.52 -19.13 -7.45
CA SER A 2 9.60 -18.86 -8.88
C SER A 2 8.40 -19.48 -9.61
N SER A 3 7.91 -18.76 -10.62
CA SER A 3 6.77 -19.24 -11.39
C SER A 3 7.19 -20.35 -12.34
N GLY A 4 6.20 -20.93 -13.03
CA GLY A 4 6.49 -22.00 -13.96
C GLY A 4 5.30 -22.94 -14.16
N SER A 5 4.72 -23.39 -13.06
CA SER A 5 3.58 -24.30 -13.11
C SER A 5 2.29 -23.52 -13.31
N SER A 6 1.80 -23.49 -14.55
CA SER A 6 0.57 -22.78 -14.87
C SER A 6 -0.55 -23.17 -13.92
N GLY A 7 -1.54 -22.29 -13.79
CA GLY A 7 -2.66 -22.56 -12.91
C GLY A 7 -2.58 -21.79 -11.62
N ASP A 8 -1.39 -21.76 -11.02
CA ASP A 8 -1.18 -21.05 -9.75
C ASP A 8 -0.63 -19.65 -10.02
N PRO A 9 -1.05 -18.69 -9.19
CA PRO A 9 -0.62 -17.29 -9.31
C PRO A 9 0.85 -17.11 -8.91
N GLY A 10 1.36 -18.05 -8.12
CA GLY A 10 2.74 -17.98 -7.68
C GLY A 10 2.94 -16.99 -6.56
N GLU A 11 2.33 -15.82 -6.68
CA GLU A 11 2.45 -14.78 -5.65
C GLU A 11 1.11 -14.11 -5.41
N ARG A 12 0.87 -13.70 -4.17
CA ARG A 12 -0.37 -13.05 -3.80
C ARG A 12 -0.26 -12.40 -2.42
N LEU A 13 -0.24 -11.08 -2.38
CA LEU A 13 -0.14 -10.34 -1.13
C LEU A 13 -1.45 -9.67 -0.78
N TYR A 14 -2.09 -10.12 0.31
CA TYR A 14 -3.36 -9.56 0.74
C TYR A 14 -3.40 -9.41 2.26
N ASP A 15 -4.51 -8.91 2.77
CA ASP A 15 -4.67 -8.72 4.21
C ASP A 15 -3.38 -8.21 4.84
N LEU A 16 -2.70 -7.31 4.16
CA LEU A 16 -1.45 -6.75 4.65
C LEU A 16 -1.69 -5.84 5.85
N ASN A 17 -2.69 -4.97 5.73
CA ASN A 17 -3.03 -4.04 6.81
C ASN A 17 -1.88 -3.07 7.06
N MET A 18 -1.14 -2.74 6.01
CA MET A 18 -0.02 -1.81 6.12
C MET A 18 -0.49 -0.37 5.95
N PRO A 19 -0.29 0.45 6.99
CA PRO A 19 -0.67 1.86 6.98
C PRO A 19 0.19 2.69 6.04
N ALA A 20 -0.44 3.29 5.03
CA ALA A 20 0.27 4.11 4.06
C ALA A 20 -0.05 5.59 4.26
N TYR A 21 0.70 6.45 3.57
CA TYR A 21 0.49 7.89 3.68
C TYR A 21 0.25 8.51 2.30
N VAL A 22 -0.93 9.09 2.13
CA VAL A 22 -1.30 9.72 0.86
C VAL A 22 -0.43 10.94 0.59
N LYS A 23 0.57 10.76 -0.28
CA LYS A 23 1.47 11.86 -0.64
C LYS A 23 0.81 12.81 -1.62
N PHE A 24 -0.03 12.27 -2.50
CA PHE A 24 -0.72 13.07 -3.50
C PHE A 24 -2.23 12.80 -3.45
N ASN A 25 -3.02 13.83 -3.75
CA ASN A 25 -4.47 13.71 -3.75
C ASN A 25 -4.96 13.00 -5.01
N TYR A 26 -5.66 11.89 -4.82
CA TYR A 26 -6.18 11.12 -5.95
C TYR A 26 -7.71 11.23 -6.02
N MET A 27 -8.22 11.35 -7.24
CA MET A 27 -9.66 11.45 -7.44
C MET A 27 -10.22 10.19 -8.08
N ALA A 28 -10.98 9.42 -7.32
CA ALA A 28 -11.58 8.18 -7.81
C ALA A 28 -12.81 8.47 -8.67
N GLU A 29 -13.01 7.65 -9.69
CA GLU A 29 -14.14 7.82 -10.59
C GLU A 29 -15.05 6.59 -10.56
N ARG A 30 -14.54 5.50 -9.98
CA ARG A 30 -15.30 4.27 -9.89
C ARG A 30 -15.49 3.86 -8.44
N GLU A 31 -16.70 3.39 -8.12
CA GLU A 31 -17.01 2.96 -6.75
C GLU A 31 -15.97 1.98 -6.24
N ASP A 32 -15.36 1.23 -7.15
CA ASP A 32 -14.34 0.25 -6.79
C ASP A 32 -13.05 0.94 -6.37
N GLU A 33 -12.83 2.15 -6.89
CA GLU A 33 -11.63 2.91 -6.56
C GLU A 33 -11.87 3.82 -5.37
N LEU A 34 -10.79 4.15 -4.66
CA LEU A 34 -10.89 5.02 -3.49
C LEU A 34 -10.17 6.35 -3.74
N SER A 35 -10.63 7.39 -3.08
CA SER A 35 -10.03 8.71 -3.22
C SER A 35 -9.02 8.99 -2.11
N LEU A 36 -7.83 9.43 -2.49
CA LEU A 36 -6.77 9.72 -1.53
C LEU A 36 -6.58 11.22 -1.37
N ILE A 37 -6.36 11.66 -0.13
CA ILE A 37 -6.15 13.07 0.16
C ILE A 37 -4.74 13.34 0.64
N LYS A 38 -4.03 14.20 -0.08
CA LYS A 38 -2.65 14.55 0.28
C LYS A 38 -2.58 15.06 1.71
N GLY A 39 -2.08 14.21 2.61
CA GLY A 39 -1.96 14.60 4.00
C GLY A 39 -2.74 13.69 4.93
N THR A 40 -3.10 12.51 4.43
CA THR A 40 -3.86 11.53 5.21
C THR A 40 -3.17 10.18 5.21
N LYS A 41 -3.75 9.24 5.95
CA LYS A 41 -3.19 7.89 6.04
C LYS A 41 -4.25 6.84 5.69
N VAL A 42 -3.83 5.79 5.00
CA VAL A 42 -4.74 4.71 4.61
C VAL A 42 -4.23 3.36 5.06
N ILE A 43 -5.04 2.33 4.89
CA ILE A 43 -4.66 0.97 5.28
C ILE A 43 -4.65 0.04 4.08
N VAL A 44 -3.46 -0.42 3.70
CA VAL A 44 -3.30 -1.32 2.57
C VAL A 44 -3.71 -2.74 2.94
N MET A 45 -4.64 -3.30 2.18
CA MET A 45 -5.12 -4.66 2.43
C MET A 45 -4.69 -5.60 1.31
N GLU A 46 -4.65 -5.08 0.09
CA GLU A 46 -4.26 -5.88 -1.07
C GLU A 46 -3.32 -5.09 -1.98
N LYS A 47 -2.50 -5.81 -2.74
CA LYS A 47 -1.55 -5.17 -3.65
C LYS A 47 -1.61 -5.83 -5.03
N CYS A 48 -1.49 -5.02 -6.07
CA CYS A 48 -1.53 -5.53 -7.44
C CYS A 48 -0.19 -5.29 -8.15
N SER A 49 0.04 -6.03 -9.22
CA SER A 49 1.28 -5.91 -9.98
C SER A 49 1.26 -4.66 -10.87
N ASP A 50 0.19 -4.54 -11.66
CA ASP A 50 0.04 -3.39 -12.55
C ASP A 50 0.52 -2.11 -11.88
N GLY A 51 0.47 -2.08 -10.55
CA GLY A 51 0.90 -0.92 -9.81
C GLY A 51 -0.24 -0.24 -9.07
N TRP A 52 -1.25 -1.03 -8.73
CA TRP A 52 -2.42 -0.51 -8.01
C TRP A 52 -2.57 -1.18 -6.65
N TRP A 53 -2.89 -0.39 -5.64
CA TRP A 53 -3.06 -0.91 -4.28
C TRP A 53 -4.52 -0.80 -3.84
N ARG A 54 -4.89 -1.58 -2.83
CA ARG A 54 -6.25 -1.57 -2.32
C ARG A 54 -6.26 -1.44 -0.79
N GLY A 55 -6.65 -0.26 -0.32
CA GLY A 55 -6.70 -0.03 1.11
C GLY A 55 -7.97 0.66 1.56
N SER A 56 -8.03 1.08 2.81
CA SER A 56 -9.20 1.75 3.35
C SER A 56 -8.90 3.22 3.66
N TYR A 57 -9.95 4.01 3.78
CA TYR A 57 -9.81 5.43 4.07
C TYR A 57 -10.98 5.95 4.90
N ASN A 58 -10.73 6.21 6.18
CA ASN A 58 -11.77 6.71 7.07
C ASN A 58 -12.96 5.75 7.11
N GLY A 59 -12.69 4.47 6.90
CA GLY A 59 -13.74 3.48 6.92
C GLY A 59 -14.13 3.02 5.53
N GLN A 60 -13.71 3.78 4.52
CA GLN A 60 -14.03 3.45 3.13
C GLN A 60 -13.04 2.44 2.57
N VAL A 61 -13.33 1.92 1.39
CA VAL A 61 -12.46 0.94 0.75
C VAL A 61 -12.50 1.08 -0.77
N GLY A 62 -11.36 0.88 -1.41
CA GLY A 62 -11.27 1.00 -2.85
C GLY A 62 -9.86 0.87 -3.37
N TRP A 63 -9.72 0.69 -4.68
CA TRP A 63 -8.41 0.56 -5.30
C TRP A 63 -7.82 1.93 -5.63
N PHE A 64 -6.63 2.20 -5.08
CA PHE A 64 -5.96 3.47 -5.32
C PHE A 64 -4.50 3.25 -5.72
N PRO A 65 -3.94 4.20 -6.49
CA PRO A 65 -2.56 4.13 -6.94
C PRO A 65 -1.56 4.33 -5.81
N SER A 66 -0.80 3.28 -5.51
CA SER A 66 0.20 3.34 -4.44
C SER A 66 1.20 4.47 -4.69
N ASN A 67 1.51 4.71 -5.96
CA ASN A 67 2.45 5.76 -6.33
C ASN A 67 2.11 7.07 -5.64
N TYR A 68 0.84 7.22 -5.27
CA TYR A 68 0.38 8.43 -4.60
C TYR A 68 0.59 8.34 -3.09
N VAL A 69 0.59 7.11 -2.58
CA VAL A 69 0.79 6.87 -1.15
C VAL A 69 2.17 6.31 -0.87
N THR A 70 2.57 6.37 0.39
CA THR A 70 3.89 5.86 0.80
C THR A 70 3.77 5.03 2.08
N GLU A 71 4.50 3.92 2.12
CA GLU A 71 4.49 3.05 3.29
C GLU A 71 5.04 3.76 4.51
N GLU A 72 4.14 4.26 5.35
CA GLU A 72 4.54 4.98 6.56
C GLU A 72 4.90 4.00 7.68
N GLY A 73 6.14 4.08 8.15
CA GLY A 73 6.58 3.19 9.22
C GLY A 73 7.71 2.28 8.78
N ASP A 74 8.75 2.20 9.59
CA ASP A 74 9.91 1.35 9.28
C ASP A 74 9.51 -0.12 9.26
N SER A 75 10.09 -0.85 8.31
CA SER A 75 9.79 -2.28 8.18
C SER A 75 10.93 -3.13 8.73
N PRO A 76 10.57 -4.21 9.45
CA PRO A 76 11.55 -5.12 10.04
C PRO A 76 12.28 -5.95 8.99
N LEU A 77 13.36 -6.61 9.41
CA LEU A 77 14.15 -7.44 8.51
C LEU A 77 13.38 -8.69 8.10
N GLY A 78 13.52 -9.07 6.84
CA GLY A 78 12.83 -10.25 6.34
C GLY A 78 13.19 -10.55 4.89
N ASP A 79 13.33 -11.84 4.59
CA ASP A 79 13.67 -12.27 3.23
C ASP A 79 12.57 -13.15 2.66
N HIS A 80 12.69 -13.47 1.37
CA HIS A 80 11.71 -14.32 0.70
C HIS A 80 11.64 -15.69 1.35
N VAL A 81 10.64 -16.48 0.96
CA VAL A 81 10.45 -17.81 1.51
C VAL A 81 10.06 -18.80 0.42
N GLY A 82 10.61 -20.01 0.51
CA GLY A 82 10.31 -21.03 -0.48
C GLY A 82 11.53 -21.83 -0.89
N SER A 83 12.63 -21.13 -1.14
CA SER A 83 13.87 -21.79 -1.54
C SER A 83 14.49 -22.54 -0.37
N GLY A 84 14.52 -23.86 -0.47
CA GLY A 84 15.09 -24.68 0.58
C GLY A 84 15.01 -26.16 0.28
N PRO A 85 15.91 -26.64 -0.59
CA PRO A 85 15.96 -28.05 -0.99
C PRO A 85 16.43 -28.95 0.15
N SER A 86 16.13 -30.24 0.03
CA SER A 86 16.52 -31.21 1.05
C SER A 86 17.96 -31.67 0.84
N SER A 87 18.81 -31.40 1.81
CA SER A 87 20.22 -31.78 1.74
C SER A 87 20.43 -33.18 2.31
N GLY A 88 20.07 -33.36 3.57
CA GLY A 88 20.23 -34.66 4.21
C GLY A 88 20.73 -34.54 5.65
N GLY A 1 22.20 -26.28 -7.95
CA GLY A 1 20.79 -26.04 -8.17
C GLY A 1 20.55 -24.82 -9.04
N SER A 2 20.38 -25.06 -10.34
CA SER A 2 20.14 -23.97 -11.30
C SER A 2 18.70 -24.01 -11.81
N SER A 3 18.17 -22.84 -12.13
CA SER A 3 16.80 -22.74 -12.63
C SER A 3 16.53 -21.34 -13.18
N GLY A 4 15.47 -21.21 -13.98
CA GLY A 4 15.11 -19.94 -14.56
C GLY A 4 13.92 -20.03 -15.48
N SER A 5 12.75 -20.33 -14.91
CA SER A 5 11.53 -20.45 -15.70
C SER A 5 10.31 -20.07 -14.86
N SER A 6 9.60 -19.04 -15.30
CA SER A 6 8.41 -18.58 -14.59
C SER A 6 7.26 -19.58 -14.74
N GLY A 7 7.02 -20.35 -13.70
CA GLY A 7 5.96 -21.34 -13.73
C GLY A 7 4.92 -21.12 -12.65
N ASP A 8 5.39 -20.86 -11.42
CA ASP A 8 4.50 -20.63 -10.29
C ASP A 8 3.76 -19.31 -10.45
N PRO A 9 2.62 -19.18 -9.76
CA PRO A 9 1.80 -17.97 -9.80
C PRO A 9 2.47 -16.78 -9.10
N GLY A 10 2.24 -15.59 -9.62
CA GLY A 10 2.83 -14.40 -9.03
C GLY A 10 2.56 -14.30 -7.54
N GLU A 11 3.47 -13.64 -6.82
CA GLU A 11 3.33 -13.48 -5.38
C GLU A 11 2.11 -12.64 -5.03
N ARG A 12 1.08 -13.28 -4.50
CA ARG A 12 -0.15 -12.58 -4.14
C ARG A 12 -0.09 -12.10 -2.69
N LEU A 13 -0.26 -10.80 -2.50
CA LEU A 13 -0.21 -10.20 -1.17
C LEU A 13 -1.57 -9.58 -0.81
N TYR A 14 -2.11 -9.98 0.34
CA TYR A 14 -3.39 -9.47 0.80
C TYR A 14 -3.42 -9.33 2.32
N ASP A 15 -4.52 -8.81 2.84
CA ASP A 15 -4.66 -8.63 4.28
C ASP A 15 -3.34 -8.20 4.92
N LEU A 16 -2.63 -7.31 4.24
CA LEU A 16 -1.35 -6.82 4.73
C LEU A 16 -1.54 -5.91 5.94
N ASN A 17 -2.40 -4.91 5.80
CA ASN A 17 -2.67 -3.97 6.87
C ASN A 17 -1.50 -3.01 7.08
N MET A 18 -0.84 -2.66 5.98
CA MET A 18 0.29 -1.74 6.03
C MET A 18 -0.17 -0.30 5.92
N PRO A 19 0.16 0.51 6.94
CA PRO A 19 -0.21 1.93 6.98
C PRO A 19 0.55 2.76 5.95
N ALA A 20 -0.18 3.35 5.01
CA ALA A 20 0.43 4.17 3.97
C ALA A 20 0.09 5.65 4.17
N TYR A 21 0.85 6.51 3.50
CA TYR A 21 0.62 7.95 3.60
C TYR A 21 0.34 8.56 2.23
N VAL A 22 -0.87 9.09 2.07
CA VAL A 22 -1.27 9.71 0.81
C VAL A 22 -0.46 10.96 0.52
N LYS A 23 0.53 10.83 -0.36
CA LYS A 23 1.38 11.96 -0.72
C LYS A 23 0.66 12.91 -1.68
N PHE A 24 -0.17 12.33 -2.54
CA PHE A 24 -0.93 13.12 -3.51
C PHE A 24 -2.42 12.76 -3.47
N ASN A 25 -3.26 13.79 -3.56
CA ASN A 25 -4.70 13.58 -3.53
C ASN A 25 -5.19 12.93 -4.81
N TYR A 26 -5.70 11.72 -4.70
CA TYR A 26 -6.20 10.98 -5.87
C TYR A 26 -7.70 11.20 -6.05
N MET A 27 -8.12 11.32 -7.30
CA MET A 27 -9.53 11.53 -7.61
C MET A 27 -10.13 10.30 -8.28
N ALA A 28 -10.85 9.50 -7.49
CA ALA A 28 -11.47 8.28 -8.00
C ALA A 28 -12.78 8.61 -8.73
N GLU A 29 -13.11 7.81 -9.74
CA GLU A 29 -14.33 8.01 -10.50
C GLU A 29 -15.23 6.78 -10.41
N ARG A 30 -14.65 5.64 -10.04
CA ARG A 30 -15.40 4.40 -9.93
C ARG A 30 -15.53 3.98 -8.47
N GLU A 31 -16.70 3.45 -8.11
CA GLU A 31 -16.95 3.01 -6.75
C GLU A 31 -15.83 2.11 -6.24
N ASP A 32 -15.32 1.26 -7.13
CA ASP A 32 -14.24 0.33 -6.78
C ASP A 32 -12.99 1.11 -6.37
N GLU A 33 -12.82 2.29 -6.94
CA GLU A 33 -11.66 3.13 -6.63
C GLU A 33 -11.93 4.01 -5.41
N LEU A 34 -10.86 4.40 -4.73
CA LEU A 34 -10.98 5.24 -3.54
C LEU A 34 -10.30 6.59 -3.77
N SER A 35 -10.81 7.62 -3.10
CA SER A 35 -10.25 8.96 -3.23
C SER A 35 -9.31 9.27 -2.08
N LEU A 36 -8.02 9.40 -2.37
CA LEU A 36 -7.02 9.69 -1.36
C LEU A 36 -6.90 11.19 -1.13
N ILE A 37 -6.35 11.57 0.02
CA ILE A 37 -6.17 12.98 0.36
C ILE A 37 -4.74 13.26 0.80
N LYS A 38 -4.09 14.19 0.12
CA LYS A 38 -2.72 14.57 0.45
C LYS A 38 -2.62 15.08 1.87
N GLY A 39 -2.01 14.29 2.75
CA GLY A 39 -1.86 14.69 4.14
C GLY A 39 -2.61 13.78 5.08
N THR A 40 -2.86 12.55 4.64
CA THR A 40 -3.57 11.57 5.46
C THR A 40 -2.86 10.22 5.46
N LYS A 41 -3.47 9.24 6.12
CA LYS A 41 -2.89 7.90 6.19
C LYS A 41 -3.96 6.84 5.95
N VAL A 42 -3.62 5.84 5.15
CA VAL A 42 -4.54 4.75 4.83
C VAL A 42 -3.98 3.40 5.26
N ILE A 43 -4.79 2.37 5.14
CA ILE A 43 -4.36 1.02 5.51
C ILE A 43 -4.43 0.07 4.31
N VAL A 44 -3.26 -0.30 3.80
CA VAL A 44 -3.19 -1.19 2.65
C VAL A 44 -3.57 -2.62 3.05
N MET A 45 -4.49 -3.21 2.30
CA MET A 45 -4.95 -4.56 2.58
C MET A 45 -4.57 -5.50 1.43
N GLU A 46 -4.62 -4.99 0.20
CA GLU A 46 -4.28 -5.78 -0.97
C GLU A 46 -3.38 -5.00 -1.92
N LYS A 47 -2.56 -5.71 -2.68
CA LYS A 47 -1.65 -5.09 -3.62
C LYS A 47 -1.69 -5.79 -4.98
N CYS A 48 -1.77 -5.01 -6.05
CA CYS A 48 -1.81 -5.56 -7.39
C CYS A 48 -0.44 -5.51 -8.05
N SER A 49 -0.25 -6.32 -9.09
CA SER A 49 1.02 -6.36 -9.80
C SER A 49 1.17 -5.15 -10.72
N ASP A 50 0.25 -5.02 -11.67
CA ASP A 50 0.28 -3.90 -12.61
C ASP A 50 0.80 -2.63 -11.93
N GLY A 51 0.22 -2.32 -10.77
CA GLY A 51 0.63 -1.12 -10.05
C GLY A 51 -0.51 -0.45 -9.33
N TRP A 52 -1.47 -1.25 -8.86
CA TRP A 52 -2.63 -0.72 -8.16
C TRP A 52 -2.73 -1.31 -6.76
N TRP A 53 -3.00 -0.46 -5.77
CA TRP A 53 -3.12 -0.89 -4.39
C TRP A 53 -4.57 -0.81 -3.92
N ARG A 54 -4.85 -1.44 -2.78
CA ARG A 54 -6.19 -1.44 -2.22
C ARG A 54 -6.15 -1.31 -0.70
N GLY A 55 -6.75 -0.23 -0.20
CA GLY A 55 -6.77 0.00 1.24
C GLY A 55 -8.09 0.57 1.71
N SER A 56 -8.10 1.07 2.95
CA SER A 56 -9.32 1.65 3.52
C SER A 56 -9.07 3.07 4.02
N TYR A 57 -10.11 3.89 3.98
CA TYR A 57 -9.99 5.27 4.43
C TYR A 57 -11.34 5.81 4.91
N ASN A 58 -11.47 5.97 6.22
CA ASN A 58 -12.72 6.46 6.81
C ASN A 58 -13.84 5.46 6.62
N GLY A 59 -13.51 4.17 6.73
CA GLY A 59 -14.51 3.13 6.58
C GLY A 59 -14.71 2.72 5.13
N GLN A 60 -14.26 3.58 4.22
CA GLN A 60 -14.39 3.31 2.79
C GLN A 60 -13.25 2.42 2.30
N VAL A 61 -13.48 1.72 1.19
CA VAL A 61 -12.47 0.84 0.62
C VAL A 61 -12.49 0.90 -0.90
N GLY A 62 -11.31 0.95 -1.50
CA GLY A 62 -11.22 1.00 -2.95
C GLY A 62 -9.79 0.85 -3.45
N TRP A 63 -9.62 0.86 -4.76
CA TRP A 63 -8.30 0.71 -5.37
C TRP A 63 -7.69 2.08 -5.65
N PHE A 64 -6.41 2.23 -5.32
CA PHE A 64 -5.71 3.49 -5.55
C PHE A 64 -4.25 3.24 -5.91
N PRO A 65 -3.67 4.17 -6.69
CA PRO A 65 -2.27 4.06 -7.13
C PRO A 65 -1.28 4.29 -5.98
N SER A 66 -0.54 3.23 -5.64
CA SER A 66 0.43 3.31 -4.55
C SER A 66 1.40 4.47 -4.78
N ASN A 67 1.68 4.76 -6.03
CA ASN A 67 2.60 5.84 -6.38
C ASN A 67 2.19 7.14 -5.69
N TYR A 68 0.92 7.24 -5.33
CA TYR A 68 0.40 8.43 -4.67
C TYR A 68 0.62 8.35 -3.17
N VAL A 69 0.72 7.13 -2.65
CA VAL A 69 0.94 6.92 -1.22
C VAL A 69 2.35 6.39 -0.95
N THR A 70 2.74 6.37 0.31
CA THR A 70 4.05 5.89 0.70
C THR A 70 3.99 5.10 2.01
N GLU A 71 4.53 3.88 1.99
CA GLU A 71 4.52 3.03 3.18
C GLU A 71 5.08 3.78 4.39
N GLU A 72 4.17 4.27 5.23
CA GLU A 72 4.58 5.01 6.42
C GLU A 72 5.12 4.06 7.49
N GLY A 73 6.39 4.23 7.83
CA GLY A 73 7.01 3.38 8.84
C GLY A 73 8.31 3.96 9.36
N ASP A 74 9.37 3.15 9.31
CA ASP A 74 10.68 3.59 9.79
C ASP A 74 11.40 4.39 8.71
N SER A 75 12.42 5.14 9.13
CA SER A 75 13.19 5.96 8.19
C SER A 75 14.68 5.67 8.32
N PRO A 76 15.16 4.69 7.53
CA PRO A 76 16.57 4.29 7.54
C PRO A 76 17.47 5.35 6.94
N LEU A 77 18.44 5.82 7.73
CA LEU A 77 19.37 6.85 7.27
C LEU A 77 20.53 6.22 6.52
N GLY A 78 21.09 6.97 5.58
CA GLY A 78 22.21 6.47 4.80
C GLY A 78 23.10 7.59 4.28
N ASP A 79 22.77 8.12 3.11
CA ASP A 79 23.54 9.19 2.50
C ASP A 79 25.03 8.90 2.60
N HIS A 80 25.42 7.66 2.30
CA HIS A 80 26.81 7.26 2.36
C HIS A 80 27.46 7.34 0.97
N VAL A 81 28.43 8.25 0.84
CA VAL A 81 29.14 8.43 -0.43
C VAL A 81 29.93 7.18 -0.80
N GLY A 82 29.96 6.87 -2.10
CA GLY A 82 30.69 5.71 -2.57
C GLY A 82 31.65 6.04 -3.69
N SER A 83 31.17 6.81 -4.68
CA SER A 83 31.99 7.18 -5.82
C SER A 83 33.30 7.79 -5.36
N GLY A 84 34.30 7.77 -6.24
CA GLY A 84 35.60 8.32 -5.92
C GLY A 84 36.63 8.06 -7.00
N PRO A 85 36.48 8.75 -8.14
CA PRO A 85 37.39 8.61 -9.27
C PRO A 85 38.77 9.20 -8.99
N SER A 86 39.76 8.33 -8.86
CA SER A 86 41.13 8.77 -8.59
C SER A 86 41.21 9.48 -7.24
N SER A 87 40.53 8.92 -6.24
CA SER A 87 40.52 9.50 -4.91
C SER A 87 40.26 11.00 -4.96
N GLY A 88 39.31 11.39 -5.82
CA GLY A 88 38.97 12.80 -5.96
C GLY A 88 38.07 13.28 -4.84
N GLY A 1 10.28 -15.49 10.58
CA GLY A 1 11.13 -16.66 10.50
C GLY A 1 12.60 -16.31 10.33
N SER A 2 13.47 -17.19 10.80
CA SER A 2 14.91 -16.96 10.71
C SER A 2 15.32 -16.70 9.26
N SER A 3 15.57 -15.43 8.95
CA SER A 3 15.98 -15.04 7.61
C SER A 3 15.07 -15.68 6.55
N GLY A 4 13.77 -15.60 6.79
CA GLY A 4 12.81 -16.18 5.86
C GLY A 4 12.66 -15.36 4.60
N SER A 5 13.26 -15.83 3.51
CA SER A 5 13.18 -15.12 2.23
C SER A 5 11.82 -14.48 2.05
N SER A 6 11.83 -13.21 1.61
CA SER A 6 10.59 -12.48 1.40
C SER A 6 10.87 -11.12 0.74
N GLY A 7 10.07 -10.78 -0.26
CA GLY A 7 10.25 -9.52 -0.96
C GLY A 7 9.86 -9.61 -2.42
N ASP A 8 10.45 -10.57 -3.13
CA ASP A 8 10.16 -10.76 -4.55
C ASP A 8 8.68 -11.04 -4.77
N PRO A 9 8.14 -10.53 -5.88
CA PRO A 9 6.73 -10.71 -6.24
C PRO A 9 6.42 -12.16 -6.63
N GLY A 10 5.20 -12.38 -7.13
CA GLY A 10 4.80 -13.71 -7.54
C GLY A 10 3.38 -14.04 -7.14
N GLU A 11 3.18 -14.27 -5.84
CA GLU A 11 1.86 -14.60 -5.33
C GLU A 11 1.11 -13.35 -4.91
N ARG A 12 -0.20 -13.49 -4.71
CA ARG A 12 -1.04 -12.36 -4.32
C ARG A 12 -0.82 -12.01 -2.85
N LEU A 13 -1.02 -10.75 -2.50
CA LEU A 13 -0.85 -10.28 -1.13
C LEU A 13 -2.10 -9.54 -0.64
N TYR A 14 -2.74 -10.09 0.38
CA TYR A 14 -3.94 -9.48 0.94
C TYR A 14 -3.85 -9.39 2.46
N ASP A 15 -4.86 -8.79 3.07
CA ASP A 15 -4.89 -8.64 4.52
C ASP A 15 -3.52 -8.27 5.06
N LEU A 16 -2.85 -7.36 4.37
CA LEU A 16 -1.52 -6.92 4.77
C LEU A 16 -1.59 -6.01 6.00
N ASN A 17 -2.44 -4.98 5.92
CA ASN A 17 -2.60 -4.05 7.02
C ASN A 17 -1.40 -3.11 7.13
N MET A 18 -0.85 -2.73 5.99
CA MET A 18 0.30 -1.83 5.95
C MET A 18 -0.15 -0.38 5.85
N PRO A 19 0.20 0.42 6.87
CA PRO A 19 -0.16 1.84 6.91
C PRO A 19 0.61 2.66 5.89
N ALA A 20 -0.11 3.39 5.04
CA ALA A 20 0.50 4.22 4.01
C ALA A 20 0.15 5.69 4.21
N TYR A 21 0.86 6.56 3.50
CA TYR A 21 0.62 8.00 3.60
C TYR A 21 0.34 8.59 2.23
N VAL A 22 -0.87 9.10 2.04
CA VAL A 22 -1.27 9.70 0.77
C VAL A 22 -0.48 10.98 0.51
N LYS A 23 0.50 10.88 -0.39
CA LYS A 23 1.34 12.02 -0.74
C LYS A 23 0.60 12.96 -1.69
N PHE A 24 -0.16 12.38 -2.61
CA PHE A 24 -0.92 13.17 -3.58
C PHE A 24 -2.40 12.79 -3.54
N ASN A 25 -3.26 13.81 -3.54
CA ASN A 25 -4.70 13.60 -3.50
C ASN A 25 -5.17 12.91 -4.78
N TYR A 26 -5.81 11.76 -4.63
CA TYR A 26 -6.32 11.00 -5.76
C TYR A 26 -7.83 11.16 -5.90
N MET A 27 -8.29 11.40 -7.13
CA MET A 27 -9.71 11.58 -7.39
C MET A 27 -10.28 10.35 -8.09
N ALA A 28 -11.02 9.53 -7.35
CA ALA A 28 -11.64 8.33 -7.91
C ALA A 28 -12.94 8.66 -8.61
N GLU A 29 -13.33 7.81 -9.56
CA GLU A 29 -14.57 8.00 -10.31
C GLU A 29 -15.45 6.76 -10.22
N ARG A 30 -14.83 5.61 -10.01
CA ARG A 30 -15.57 4.36 -9.92
C ARG A 30 -15.59 3.85 -8.48
N GLU A 31 -16.72 3.28 -8.07
CA GLU A 31 -16.88 2.76 -6.73
C GLU A 31 -15.66 1.93 -6.31
N ASP A 32 -15.13 1.16 -7.26
CA ASP A 32 -13.97 0.32 -7.00
C ASP A 32 -12.76 1.17 -6.60
N GLU A 33 -12.67 2.37 -7.17
CA GLU A 33 -11.57 3.27 -6.88
C GLU A 33 -11.86 4.08 -5.62
N LEU A 34 -10.79 4.50 -4.93
CA LEU A 34 -10.93 5.27 -3.71
C LEU A 34 -10.32 6.66 -3.88
N SER A 35 -10.89 7.64 -3.17
CA SER A 35 -10.41 9.01 -3.24
C SER A 35 -9.43 9.31 -2.10
N LEU A 36 -8.14 9.39 -2.44
CA LEU A 36 -7.12 9.66 -1.45
C LEU A 36 -7.01 11.17 -1.19
N ILE A 37 -6.40 11.52 -0.05
CA ILE A 37 -6.23 12.92 0.31
C ILE A 37 -4.79 13.20 0.71
N LYS A 38 -4.16 14.14 0.00
CA LYS A 38 -2.78 14.52 0.28
C LYS A 38 -2.63 15.01 1.73
N GLY A 39 -1.92 14.23 2.54
CA GLY A 39 -1.71 14.59 3.93
C GLY A 39 -2.48 13.70 4.89
N THR A 40 -2.83 12.50 4.43
CA THR A 40 -3.57 11.56 5.25
C THR A 40 -2.86 10.21 5.33
N LYS A 41 -3.49 9.25 5.98
CA LYS A 41 -2.92 7.91 6.13
C LYS A 41 -3.98 6.84 5.88
N VAL A 42 -3.59 5.80 5.14
CA VAL A 42 -4.50 4.71 4.84
C VAL A 42 -3.93 3.37 5.29
N ILE A 43 -4.74 2.32 5.20
CA ILE A 43 -4.32 0.99 5.61
C ILE A 43 -4.38 0.01 4.44
N VAL A 44 -3.22 -0.26 3.83
CA VAL A 44 -3.15 -1.17 2.70
C VAL A 44 -3.57 -2.58 3.10
N MET A 45 -4.53 -3.14 2.38
CA MET A 45 -5.02 -4.48 2.65
C MET A 45 -4.65 -5.44 1.53
N GLU A 46 -4.64 -4.93 0.30
CA GLU A 46 -4.30 -5.75 -0.86
C GLU A 46 -3.43 -4.96 -1.84
N LYS A 47 -2.70 -5.69 -2.67
CA LYS A 47 -1.82 -5.06 -3.67
C LYS A 47 -1.98 -5.74 -5.03
N CYS A 48 -1.80 -4.96 -6.09
CA CYS A 48 -1.91 -5.48 -7.45
C CYS A 48 -0.57 -5.43 -8.16
N SER A 49 -0.39 -6.31 -9.14
CA SER A 49 0.85 -6.37 -9.90
C SER A 49 0.99 -5.15 -10.81
N ASP A 50 0.00 -4.96 -11.67
CA ASP A 50 0.00 -3.82 -12.59
C ASP A 50 0.60 -2.58 -11.93
N GLY A 51 0.20 -2.33 -10.69
CA GLY A 51 0.70 -1.18 -9.97
C GLY A 51 -0.39 -0.44 -9.22
N TRP A 52 -1.41 -1.18 -8.78
CA TRP A 52 -2.52 -0.59 -8.05
C TRP A 52 -2.64 -1.19 -6.65
N TRP A 53 -2.83 -0.33 -5.66
CA TRP A 53 -2.97 -0.78 -4.27
C TRP A 53 -4.41 -0.70 -3.80
N ARG A 54 -4.74 -1.48 -2.78
CA ARG A 54 -6.09 -1.50 -2.24
C ARG A 54 -6.07 -1.36 -0.72
N GLY A 55 -6.64 -0.26 -0.21
CA GLY A 55 -6.67 -0.05 1.22
C GLY A 55 -8.00 0.52 1.68
N SER A 56 -8.02 1.04 2.91
CA SER A 56 -9.24 1.61 3.48
C SER A 56 -9.00 3.03 3.97
N TYR A 57 -10.07 3.82 4.02
CA TYR A 57 -9.97 5.21 4.46
C TYR A 57 -11.32 5.71 4.95
N ASN A 58 -11.46 5.83 6.27
CA ASN A 58 -12.71 6.30 6.87
C ASN A 58 -13.85 5.34 6.58
N GLY A 59 -13.57 4.05 6.71
CA GLY A 59 -14.59 3.03 6.47
C GLY A 59 -14.73 2.71 4.99
N GLN A 60 -14.20 3.57 4.14
CA GLN A 60 -14.28 3.37 2.70
C GLN A 60 -13.15 2.45 2.21
N VAL A 61 -13.38 1.79 1.09
CA VAL A 61 -12.39 0.88 0.51
C VAL A 61 -12.42 0.91 -1.00
N GLY A 62 -11.25 1.00 -1.62
CA GLY A 62 -11.16 1.03 -3.07
C GLY A 62 -9.76 0.78 -3.57
N TRP A 63 -9.53 1.04 -4.85
CA TRP A 63 -8.23 0.82 -5.45
C TRP A 63 -7.54 2.15 -5.77
N PHE A 64 -6.40 2.38 -5.13
CA PHE A 64 -5.66 3.63 -5.34
C PHE A 64 -4.21 3.33 -5.72
N PRO A 65 -3.61 4.23 -6.50
CA PRO A 65 -2.21 4.08 -6.95
C PRO A 65 -1.22 4.27 -5.81
N SER A 66 -0.43 3.22 -5.55
CA SER A 66 0.57 3.26 -4.49
C SER A 66 1.54 4.42 -4.70
N ASN A 67 1.85 4.71 -5.96
CA ASN A 67 2.76 5.79 -6.29
C ASN A 67 2.35 7.10 -5.61
N TYR A 68 1.06 7.21 -5.33
CA TYR A 68 0.52 8.41 -4.68
C TYR A 68 0.76 8.36 -3.17
N VAL A 69 0.78 7.15 -2.63
CA VAL A 69 1.01 6.96 -1.19
C VAL A 69 2.41 6.44 -0.92
N THR A 70 2.79 6.45 0.36
CA THR A 70 4.11 5.98 0.76
C THR A 70 4.04 5.19 2.07
N GLU A 71 4.68 4.02 2.08
CA GLU A 71 4.69 3.17 3.26
C GLU A 71 5.22 3.93 4.47
N GLU A 72 4.30 4.50 5.25
CA GLU A 72 4.67 5.25 6.44
C GLU A 72 5.23 4.33 7.52
N GLY A 73 4.58 3.18 7.70
CA GLY A 73 5.02 2.23 8.70
C GLY A 73 5.04 0.81 8.18
N ASP A 74 5.67 -0.09 8.93
CA ASP A 74 5.76 -1.49 8.54
C ASP A 74 5.82 -2.40 9.76
N SER A 75 5.24 -3.58 9.65
CA SER A 75 5.23 -4.54 10.76
C SER A 75 6.09 -5.74 10.43
N PRO A 76 6.77 -6.29 11.46
CA PRO A 76 7.64 -7.45 11.30
C PRO A 76 6.85 -8.74 11.02
N LEU A 77 7.26 -9.44 9.97
CA LEU A 77 6.59 -10.68 9.59
C LEU A 77 6.93 -11.81 10.56
N GLY A 78 6.05 -12.01 11.55
CA GLY A 78 6.27 -13.06 12.53
C GLY A 78 5.13 -14.06 12.59
N ASP A 79 4.10 -13.73 13.36
CA ASP A 79 2.94 -14.61 13.49
C ASP A 79 1.96 -14.39 12.35
N HIS A 80 1.74 -15.44 11.56
CA HIS A 80 0.83 -15.37 10.43
C HIS A 80 0.54 -16.77 9.87
N VAL A 81 -0.65 -17.28 10.14
CA VAL A 81 -1.05 -18.60 9.67
C VAL A 81 -1.83 -18.50 8.37
N GLY A 82 -1.32 -19.17 7.33
CA GLY A 82 -1.98 -19.15 6.04
C GLY A 82 -1.01 -18.91 4.90
N SER A 83 -0.87 -17.65 4.50
CA SER A 83 0.02 -17.28 3.41
C SER A 83 1.47 -17.67 3.74
N GLY A 84 2.21 -18.05 2.70
CA GLY A 84 3.60 -18.45 2.90
C GLY A 84 4.56 -17.63 2.06
N PRO A 85 5.71 -17.28 2.64
CA PRO A 85 6.74 -16.49 1.96
C PRO A 85 7.43 -17.27 0.84
N SER A 86 7.11 -18.56 0.75
CA SER A 86 7.71 -19.42 -0.26
C SER A 86 6.62 -20.16 -1.04
N SER A 87 6.69 -20.08 -2.36
CA SER A 87 5.71 -20.75 -3.22
C SER A 87 6.32 -21.97 -3.89
N GLY A 88 7.39 -21.75 -4.65
CA GLY A 88 8.05 -22.85 -5.35
C GLY A 88 7.24 -23.35 -6.52
N GLY A 1 17.40 -22.41 -15.84
CA GLY A 1 18.11 -23.05 -16.93
C GLY A 1 17.91 -24.55 -16.94
N SER A 2 18.02 -25.17 -15.77
CA SER A 2 17.86 -26.61 -15.64
C SER A 2 16.40 -26.98 -15.41
N SER A 3 15.78 -26.33 -14.44
CA SER A 3 14.38 -26.59 -14.12
C SER A 3 13.51 -26.49 -15.36
N GLY A 4 12.39 -27.23 -15.35
CA GLY A 4 11.49 -27.21 -16.48
C GLY A 4 10.77 -25.89 -16.64
N SER A 5 9.54 -25.81 -16.15
CA SER A 5 8.75 -24.60 -16.23
C SER A 5 7.58 -24.63 -15.25
N SER A 6 7.38 -23.54 -14.54
CA SER A 6 6.30 -23.45 -13.55
C SER A 6 5.05 -22.85 -14.19
N GLY A 7 3.89 -23.32 -13.75
CA GLY A 7 2.63 -22.81 -14.27
C GLY A 7 1.73 -22.26 -13.20
N ASP A 8 2.28 -21.40 -12.35
CA ASP A 8 1.52 -20.79 -11.26
C ASP A 8 0.81 -19.52 -11.74
N PRO A 9 -0.41 -19.29 -11.22
CA PRO A 9 -1.22 -18.12 -11.58
C PRO A 9 -0.62 -16.82 -11.04
N GLY A 10 -0.03 -16.89 -9.85
CA GLY A 10 0.55 -15.72 -9.24
C GLY A 10 0.53 -15.76 -7.73
N GLU A 11 0.38 -14.61 -7.10
CA GLU A 11 0.34 -14.53 -5.65
C GLU A 11 -0.65 -13.46 -5.18
N ARG A 12 -1.73 -13.91 -4.56
CA ARG A 12 -2.76 -13.00 -4.07
C ARG A 12 -2.37 -12.41 -2.71
N LEU A 13 -1.76 -11.22 -2.74
CA LEU A 13 -1.33 -10.56 -1.52
C LEU A 13 -2.48 -9.79 -0.88
N TYR A 14 -2.93 -10.25 0.28
CA TYR A 14 -4.04 -9.61 0.98
C TYR A 14 -3.78 -9.57 2.48
N ASP A 15 -4.72 -9.02 3.23
CA ASP A 15 -4.59 -8.92 4.68
C ASP A 15 -3.23 -8.33 5.06
N LEU A 16 -2.82 -7.28 4.37
CA LEU A 16 -1.54 -6.64 4.63
C LEU A 16 -1.65 -5.69 5.82
N ASN A 17 -2.70 -4.88 5.84
CA ASN A 17 -2.92 -3.93 6.93
C ASN A 17 -1.72 -2.99 7.08
N MET A 18 -1.07 -2.69 5.96
CA MET A 18 0.08 -1.81 5.97
C MET A 18 -0.34 -0.35 5.86
N PRO A 19 -0.03 0.44 6.88
CA PRO A 19 -0.37 1.87 6.93
C PRO A 19 0.43 2.69 5.92
N ALA A 20 -0.27 3.30 4.97
CA ALA A 20 0.38 4.12 3.96
C ALA A 20 0.12 5.61 4.19
N TYR A 21 0.79 6.45 3.43
CA TYR A 21 0.63 7.90 3.55
C TYR A 21 0.35 8.53 2.19
N VAL A 22 -0.87 9.04 2.02
CA VAL A 22 -1.27 9.68 0.77
C VAL A 22 -0.46 10.93 0.51
N LYS A 23 0.54 10.82 -0.36
CA LYS A 23 1.40 11.95 -0.70
C LYS A 23 0.70 12.88 -1.68
N PHE A 24 -0.15 12.31 -2.54
CA PHE A 24 -0.88 13.10 -3.52
C PHE A 24 -2.36 12.71 -3.53
N ASN A 25 -3.23 13.72 -3.51
CA ASN A 25 -4.66 13.49 -3.52
C ASN A 25 -5.11 12.81 -4.81
N TYR A 26 -5.77 11.67 -4.67
CA TYR A 26 -6.24 10.92 -5.84
C TYR A 26 -7.76 11.01 -5.97
N MET A 27 -8.22 11.46 -7.14
CA MET A 27 -9.64 11.60 -7.40
C MET A 27 -10.19 10.37 -8.11
N ALA A 28 -10.95 9.55 -7.38
CA ALA A 28 -11.53 8.34 -7.94
C ALA A 28 -12.78 8.66 -8.75
N GLU A 29 -13.09 7.81 -9.72
CA GLU A 29 -14.27 8.00 -10.56
C GLU A 29 -15.19 6.79 -10.50
N ARG A 30 -14.63 5.65 -10.08
CA ARG A 30 -15.40 4.42 -9.97
C ARG A 30 -15.55 3.99 -8.52
N GLU A 31 -16.75 3.55 -8.16
CA GLU A 31 -17.02 3.10 -6.79
C GLU A 31 -15.91 2.19 -6.29
N ASP A 32 -15.39 1.35 -7.18
CA ASP A 32 -14.34 0.42 -6.83
C ASP A 32 -13.06 1.17 -6.42
N GLU A 33 -12.85 2.32 -7.04
CA GLU A 33 -11.67 3.13 -6.74
C GLU A 33 -11.92 4.02 -5.51
N LEU A 34 -10.84 4.34 -4.80
CA LEU A 34 -10.94 5.19 -3.61
C LEU A 34 -10.20 6.51 -3.82
N SER A 35 -10.79 7.59 -3.30
CA SER A 35 -10.18 8.91 -3.43
C SER A 35 -9.26 9.20 -2.26
N LEU A 36 -7.96 9.30 -2.54
CA LEU A 36 -6.97 9.58 -1.50
C LEU A 36 -6.84 11.07 -1.26
N ILE A 37 -6.38 11.44 -0.08
CA ILE A 37 -6.20 12.84 0.29
C ILE A 37 -4.78 13.12 0.74
N LYS A 38 -4.11 14.03 0.04
CA LYS A 38 -2.73 14.38 0.38
C LYS A 38 -2.64 14.94 1.80
N GLY A 39 -1.96 14.20 2.68
CA GLY A 39 -1.82 14.62 4.06
C GLY A 39 -2.55 13.72 5.02
N THR A 40 -2.87 12.51 4.58
CA THR A 40 -3.58 11.55 5.40
C THR A 40 -2.89 10.18 5.40
N LYS A 41 -3.49 9.22 6.08
CA LYS A 41 -2.93 7.87 6.14
C LYS A 41 -3.99 6.83 5.85
N VAL A 42 -3.64 5.84 5.05
CA VAL A 42 -4.57 4.77 4.69
C VAL A 42 -4.06 3.41 5.15
N ILE A 43 -4.90 2.39 5.01
CA ILE A 43 -4.52 1.04 5.43
C ILE A 43 -4.56 0.07 4.24
N VAL A 44 -3.39 -0.25 3.71
CA VAL A 44 -3.29 -1.16 2.58
C VAL A 44 -3.62 -2.59 2.99
N MET A 45 -4.55 -3.21 2.27
CA MET A 45 -4.95 -4.58 2.56
C MET A 45 -4.53 -5.52 1.44
N GLU A 46 -4.56 -5.02 0.21
CA GLU A 46 -4.17 -5.82 -0.94
C GLU A 46 -3.31 -5.01 -1.91
N LYS A 47 -2.48 -5.70 -2.68
CA LYS A 47 -1.60 -5.05 -3.64
C LYS A 47 -1.63 -5.77 -4.99
N CYS A 48 -1.62 -5.00 -6.07
CA CYS A 48 -1.65 -5.56 -7.41
C CYS A 48 -0.26 -5.50 -8.06
N SER A 49 -0.09 -6.26 -9.14
CA SER A 49 1.19 -6.28 -9.85
C SER A 49 1.38 -5.02 -10.69
N ASP A 50 0.49 -4.83 -11.67
CA ASP A 50 0.56 -3.67 -12.53
C ASP A 50 1.05 -2.44 -11.77
N GLY A 51 0.40 -2.16 -10.64
CA GLY A 51 0.79 -1.02 -9.83
C GLY A 51 -0.40 -0.37 -9.14
N TRP A 52 -1.36 -1.19 -8.76
CA TRP A 52 -2.56 -0.70 -8.07
C TRP A 52 -2.69 -1.32 -6.69
N TRP A 53 -2.95 -0.47 -5.70
CA TRP A 53 -3.10 -0.94 -4.32
C TRP A 53 -4.55 -0.86 -3.88
N ARG A 54 -4.87 -1.61 -2.82
CA ARG A 54 -6.24 -1.62 -2.30
C ARG A 54 -6.24 -1.49 -0.77
N GLY A 55 -6.69 -0.33 -0.29
CA GLY A 55 -6.73 -0.10 1.14
C GLY A 55 -8.03 0.55 1.59
N SER A 56 -8.05 1.02 2.83
CA SER A 56 -9.25 1.66 3.38
C SER A 56 -8.96 3.10 3.79
N TYR A 57 -10.00 3.87 4.00
CA TYR A 57 -9.86 5.27 4.40
C TYR A 57 -11.16 5.81 4.98
N ASN A 58 -11.17 5.97 6.31
CA ASN A 58 -12.36 6.47 7.00
C ASN A 58 -13.54 5.54 6.81
N GLY A 59 -13.29 4.23 6.93
CA GLY A 59 -14.35 3.26 6.76
C GLY A 59 -14.57 2.87 5.31
N GLN A 60 -14.03 3.68 4.40
CA GLN A 60 -14.17 3.42 2.98
C GLN A 60 -13.10 2.45 2.49
N VAL A 61 -13.37 1.79 1.36
CA VAL A 61 -12.44 0.84 0.79
C VAL A 61 -12.51 0.83 -0.73
N GLY A 62 -11.35 0.89 -1.37
CA GLY A 62 -11.30 0.90 -2.82
C GLY A 62 -9.89 0.73 -3.36
N TRP A 63 -9.74 0.90 -4.66
CA TRP A 63 -8.43 0.76 -5.31
C TRP A 63 -7.83 2.13 -5.58
N PHE A 64 -6.57 2.31 -5.18
CA PHE A 64 -5.88 3.58 -5.39
C PHE A 64 -4.43 3.34 -5.79
N PRO A 65 -3.86 4.28 -6.56
CA PRO A 65 -2.47 4.19 -7.02
C PRO A 65 -1.47 4.38 -5.89
N SER A 66 -0.60 3.39 -5.71
CA SER A 66 0.41 3.44 -4.66
C SER A 66 1.36 4.61 -4.88
N ASN A 67 1.71 4.86 -6.14
CA ASN A 67 2.62 5.95 -6.48
C ASN A 67 2.21 7.24 -5.78
N TYR A 68 0.95 7.31 -5.38
CA TYR A 68 0.43 8.49 -4.69
C TYR A 68 0.67 8.39 -3.19
N VAL A 69 0.65 7.17 -2.67
CA VAL A 69 0.87 6.94 -1.25
C VAL A 69 2.27 6.39 -0.99
N THR A 70 2.65 6.34 0.29
CA THR A 70 3.96 5.83 0.68
C THR A 70 3.89 5.06 1.98
N GLU A 71 4.76 4.06 2.12
CA GLU A 71 4.79 3.24 3.32
C GLU A 71 5.54 3.96 4.45
N GLU A 72 4.85 4.90 5.09
CA GLU A 72 5.46 5.66 6.18
C GLU A 72 6.00 4.72 7.26
N GLY A 73 5.41 3.53 7.35
CA GLY A 73 5.85 2.56 8.35
C GLY A 73 7.36 2.53 8.49
N ASP A 74 8.06 2.41 7.37
CA ASP A 74 9.52 2.37 7.37
C ASP A 74 10.10 3.75 7.15
N SER A 75 10.02 4.60 8.18
CA SER A 75 10.54 5.96 8.09
C SER A 75 11.54 6.23 9.20
N PRO A 76 12.53 7.09 8.92
CA PRO A 76 13.57 7.45 9.88
C PRO A 76 13.03 8.30 11.03
N LEU A 77 12.97 7.71 12.22
CA LEU A 77 12.48 8.41 13.40
C LEU A 77 13.27 9.70 13.64
N GLY A 78 12.55 10.78 13.90
CA GLY A 78 13.19 12.06 14.14
C GLY A 78 12.66 12.74 15.38
N ASP A 79 11.49 13.38 15.27
CA ASP A 79 10.89 14.09 16.38
C ASP A 79 10.63 13.12 17.55
N HIS A 80 10.26 13.68 18.69
CA HIS A 80 9.98 12.88 19.88
C HIS A 80 8.64 13.27 20.50
N VAL A 81 7.89 12.27 20.94
CA VAL A 81 6.59 12.51 21.56
C VAL A 81 6.50 11.85 22.93
N GLY A 82 5.86 12.53 23.87
CA GLY A 82 5.71 11.99 25.22
C GLY A 82 4.33 12.25 25.79
N SER A 83 4.12 11.78 27.02
CA SER A 83 2.83 11.96 27.68
C SER A 83 2.97 11.79 29.19
N GLY A 84 1.89 12.06 29.92
CA GLY A 84 1.91 11.94 31.36
C GLY A 84 0.62 11.38 31.91
N PRO A 85 0.72 10.58 32.98
CA PRO A 85 -0.44 9.96 33.63
C PRO A 85 -1.30 10.98 34.36
N SER A 86 -2.39 10.50 34.96
CA SER A 86 -3.31 11.38 35.68
C SER A 86 -4.31 10.56 36.49
N SER A 87 -5.03 11.23 37.38
CA SER A 87 -6.03 10.56 38.22
C SER A 87 -7.44 10.87 37.73
N GLY A 88 -7.62 10.86 36.41
CA GLY A 88 -8.93 11.14 35.84
C GLY A 88 -9.05 12.55 35.33
N GLY A 1 -1.44 -25.28 -30.34
CA GLY A 1 -0.76 -24.02 -30.19
C GLY A 1 -1.44 -23.10 -29.20
N SER A 2 -0.67 -22.58 -28.24
CA SER A 2 -1.20 -21.70 -27.22
C SER A 2 -0.65 -20.28 -27.39
N SER A 3 -1.49 -19.29 -27.10
CA SER A 3 -1.08 -17.89 -27.22
C SER A 3 -0.76 -17.30 -25.85
N GLY A 4 -1.76 -17.30 -24.96
CA GLY A 4 -1.55 -16.77 -23.63
C GLY A 4 -2.86 -16.47 -22.92
N SER A 5 -3.19 -17.30 -21.93
CA SER A 5 -4.43 -17.12 -21.18
C SER A 5 -4.14 -16.93 -19.69
N SER A 6 -3.92 -15.68 -19.30
CA SER A 6 -3.63 -15.35 -17.90
C SER A 6 -4.90 -15.34 -17.07
N GLY A 7 -5.19 -16.48 -16.43
CA GLY A 7 -6.38 -16.57 -15.61
C GLY A 7 -6.23 -15.87 -14.28
N ASP A 8 -5.13 -16.14 -13.59
CA ASP A 8 -4.86 -15.52 -12.29
C ASP A 8 -3.66 -14.59 -12.37
N PRO A 9 -3.67 -13.54 -11.53
CA PRO A 9 -2.59 -12.55 -11.49
C PRO A 9 -1.29 -13.13 -10.92
N GLY A 10 -1.41 -14.26 -10.23
CA GLY A 10 -0.25 -14.90 -9.65
C GLY A 10 -0.20 -14.75 -8.14
N GLU A 11 0.84 -14.10 -7.64
CA GLU A 11 1.00 -13.88 -6.20
C GLU A 11 -0.21 -13.17 -5.62
N ARG A 12 -0.78 -13.74 -4.57
CA ARG A 12 -1.95 -13.16 -3.92
C ARG A 12 -1.55 -12.45 -2.62
N LEU A 13 -1.62 -11.13 -2.63
CA LEU A 13 -1.26 -10.34 -1.45
C LEU A 13 -2.50 -9.67 -0.85
N TYR A 14 -2.85 -10.07 0.37
CA TYR A 14 -4.01 -9.50 1.05
C TYR A 14 -3.75 -9.38 2.55
N ASP A 15 -4.77 -8.95 3.28
CA ASP A 15 -4.65 -8.78 4.73
C ASP A 15 -3.30 -8.19 5.11
N LEU A 16 -2.87 -7.18 4.35
CA LEU A 16 -1.59 -6.54 4.61
C LEU A 16 -1.68 -5.59 5.80
N ASN A 17 -2.73 -4.77 5.82
CA ASN A 17 -2.94 -3.82 6.91
C ASN A 17 -1.73 -2.91 7.07
N MET A 18 -1.06 -2.62 5.95
CA MET A 18 0.10 -1.75 5.96
C MET A 18 -0.31 -0.28 5.86
N PRO A 19 0.04 0.51 6.88
CA PRO A 19 -0.29 1.94 6.93
C PRO A 19 0.50 2.75 5.91
N ALA A 20 -0.20 3.36 4.96
CA ALA A 20 0.43 4.16 3.92
C ALA A 20 0.16 5.65 4.14
N TYR A 21 0.90 6.49 3.43
CA TYR A 21 0.73 7.93 3.54
C TYR A 21 0.47 8.57 2.17
N VAL A 22 -0.74 9.09 1.99
CA VAL A 22 -1.12 9.71 0.73
C VAL A 22 -0.30 10.97 0.48
N LYS A 23 0.72 10.84 -0.37
CA LYS A 23 1.59 11.97 -0.71
C LYS A 23 0.89 12.93 -1.67
N PHE A 24 -0.01 12.39 -2.49
CA PHE A 24 -0.75 13.19 -3.45
C PHE A 24 -2.23 12.85 -3.44
N ASN A 25 -3.07 13.87 -3.45
CA ASN A 25 -4.52 13.67 -3.43
C ASN A 25 -4.99 13.01 -4.72
N TYR A 26 -5.62 11.84 -4.59
CA TYR A 26 -6.13 11.11 -5.74
C TYR A 26 -7.64 11.02 -5.71
N MET A 27 -8.28 11.44 -6.80
CA MET A 27 -9.73 11.40 -6.90
C MET A 27 -10.19 10.15 -7.64
N ALA A 28 -11.13 9.42 -7.04
CA ALA A 28 -11.65 8.20 -7.63
C ALA A 28 -12.84 8.51 -8.56
N GLU A 29 -12.98 7.70 -9.61
CA GLU A 29 -14.07 7.89 -10.55
C GLU A 29 -15.02 6.70 -10.54
N ARG A 30 -14.58 5.61 -9.92
CA ARG A 30 -15.40 4.40 -9.83
C ARG A 30 -15.55 3.95 -8.38
N GLU A 31 -16.66 3.30 -8.07
CA GLU A 31 -16.93 2.82 -6.72
C GLU A 31 -15.81 1.89 -6.25
N ASP A 32 -15.25 1.13 -7.18
CA ASP A 32 -14.18 0.19 -6.86
C ASP A 32 -12.91 0.94 -6.47
N GLU A 33 -12.76 2.16 -6.99
CA GLU A 33 -11.59 2.97 -6.69
C GLU A 33 -11.87 3.90 -5.51
N LEU A 34 -10.82 4.19 -4.73
CA LEU A 34 -10.95 5.07 -3.58
C LEU A 34 -10.27 6.41 -3.83
N SER A 35 -10.77 7.46 -3.18
CA SER A 35 -10.21 8.79 -3.33
C SER A 35 -9.22 9.10 -2.22
N LEU A 36 -7.95 9.26 -2.59
CA LEU A 36 -6.89 9.56 -1.62
C LEU A 36 -6.79 11.07 -1.38
N ILE A 37 -6.35 11.43 -0.17
CA ILE A 37 -6.21 12.84 0.18
C ILE A 37 -4.79 13.14 0.69
N LYS A 38 -4.10 14.02 -0.01
CA LYS A 38 -2.74 14.40 0.36
C LYS A 38 -2.70 14.96 1.78
N GLY A 39 -2.02 14.26 2.68
CA GLY A 39 -1.93 14.71 4.05
C GLY A 39 -2.67 13.80 5.02
N THR A 40 -2.99 12.60 4.56
CA THR A 40 -3.70 11.63 5.39
C THR A 40 -3.01 10.28 5.36
N LYS A 41 -3.54 9.33 6.13
CA LYS A 41 -2.98 7.99 6.20
C LYS A 41 -4.04 6.94 5.89
N VAL A 42 -3.65 5.92 5.13
CA VAL A 42 -4.56 4.84 4.76
C VAL A 42 -4.01 3.49 5.19
N ILE A 43 -4.85 2.46 5.08
CA ILE A 43 -4.44 1.10 5.45
C ILE A 43 -4.53 0.16 4.26
N VAL A 44 -3.37 -0.19 3.71
CA VAL A 44 -3.32 -1.10 2.56
C VAL A 44 -3.73 -2.52 2.95
N MET A 45 -4.70 -3.06 2.22
CA MET A 45 -5.18 -4.41 2.50
C MET A 45 -4.78 -5.37 1.38
N GLU A 46 -4.80 -4.87 0.14
CA GLU A 46 -4.44 -5.69 -1.01
C GLU A 46 -3.56 -4.90 -1.98
N LYS A 47 -2.76 -5.62 -2.75
CA LYS A 47 -1.87 -4.99 -3.73
C LYS A 47 -1.95 -5.69 -5.08
N CYS A 48 -1.79 -4.92 -6.15
CA CYS A 48 -1.85 -5.48 -7.50
C CYS A 48 -0.46 -5.47 -8.15
N SER A 49 -0.31 -6.23 -9.23
CA SER A 49 0.95 -6.32 -9.94
C SER A 49 1.20 -5.07 -10.77
N ASP A 50 0.33 -4.84 -11.75
CA ASP A 50 0.46 -3.68 -12.62
C ASP A 50 0.95 -2.47 -11.84
N GLY A 51 0.35 -2.23 -10.68
CA GLY A 51 0.76 -1.10 -9.86
C GLY A 51 -0.42 -0.44 -9.17
N TRP A 52 -1.41 -1.24 -8.79
CA TRP A 52 -2.60 -0.73 -8.12
C TRP A 52 -2.76 -1.34 -6.74
N TRP A 53 -2.97 -0.50 -5.74
CA TRP A 53 -3.14 -0.97 -4.37
C TRP A 53 -4.60 -0.86 -3.93
N ARG A 54 -4.93 -1.50 -2.81
CA ARG A 54 -6.29 -1.47 -2.29
C ARG A 54 -6.29 -1.36 -0.78
N GLY A 55 -6.65 -0.18 -0.27
CA GLY A 55 -6.68 0.04 1.16
C GLY A 55 -8.01 0.58 1.64
N SER A 56 -8.02 1.16 2.84
CA SER A 56 -9.23 1.73 3.41
C SER A 56 -9.01 3.16 3.87
N TYR A 57 -10.09 3.92 4.01
CA TYR A 57 -10.01 5.31 4.43
C TYR A 57 -11.35 5.78 4.98
N ASN A 58 -11.43 5.92 6.30
CA ASN A 58 -12.66 6.37 6.95
C ASN A 58 -13.78 5.34 6.78
N GLY A 59 -13.41 4.06 6.82
CA GLY A 59 -14.39 3.01 6.67
C GLY A 59 -14.60 2.61 5.22
N GLN A 60 -14.15 3.46 4.31
CA GLN A 60 -14.28 3.19 2.88
C GLN A 60 -13.16 2.29 2.38
N VAL A 61 -13.38 1.68 1.23
CA VAL A 61 -12.37 0.79 0.63
C VAL A 61 -12.40 0.87 -0.89
N GLY A 62 -11.21 0.94 -1.49
CA GLY A 62 -11.12 1.01 -2.94
C GLY A 62 -9.71 0.88 -3.44
N TRP A 63 -9.55 0.80 -4.75
CA TRP A 63 -8.22 0.66 -5.36
C TRP A 63 -7.63 2.03 -5.69
N PHE A 64 -6.43 2.29 -5.20
CA PHE A 64 -5.77 3.56 -5.45
C PHE A 64 -4.31 3.34 -5.85
N PRO A 65 -3.75 4.30 -6.61
CA PRO A 65 -2.37 4.23 -7.08
C PRO A 65 -1.37 4.42 -5.95
N SER A 66 -0.59 3.38 -5.68
CA SER A 66 0.41 3.42 -4.62
C SER A 66 1.40 4.56 -4.85
N ASN A 67 1.73 4.81 -6.12
CA ASN A 67 2.66 5.87 -6.48
C ASN A 67 2.29 7.17 -5.78
N TYR A 68 1.03 7.29 -5.37
CA TYR A 68 0.55 8.49 -4.69
C TYR A 68 0.78 8.39 -3.19
N VAL A 69 0.78 7.17 -2.67
CA VAL A 69 0.99 6.93 -1.25
C VAL A 69 2.36 6.32 -0.99
N THR A 70 2.76 6.31 0.27
CA THR A 70 4.06 5.75 0.66
C THR A 70 3.94 4.93 1.94
N GLU A 71 4.67 3.82 1.99
CA GLU A 71 4.65 2.95 3.16
C GLU A 71 5.28 3.65 4.37
N GLU A 72 4.44 4.22 5.22
CA GLU A 72 4.92 4.91 6.41
C GLU A 72 5.46 3.92 7.43
N GLY A 73 6.77 3.96 7.66
CA GLY A 73 7.39 3.07 8.62
C GLY A 73 8.28 3.79 9.60
N ASP A 74 7.73 4.13 10.76
CA ASP A 74 8.49 4.84 11.79
C ASP A 74 8.64 3.98 13.04
N SER A 75 9.80 3.35 13.19
CA SER A 75 10.07 2.49 14.34
C SER A 75 10.74 3.28 15.46
N PRO A 76 10.39 2.94 16.71
CA PRO A 76 10.93 3.60 17.90
C PRO A 76 12.41 3.27 18.11
N LEU A 77 13.25 4.31 18.09
CA LEU A 77 14.68 4.14 18.28
C LEU A 77 15.01 3.93 19.76
N GLY A 78 16.09 3.20 20.03
CA GLY A 78 16.50 2.94 21.40
C GLY A 78 16.65 1.46 21.68
N ASP A 79 15.81 0.94 22.57
CA ASP A 79 15.85 -0.46 22.93
C ASP A 79 15.90 -1.35 21.69
N HIS A 80 16.45 -2.54 21.83
CA HIS A 80 16.57 -3.48 20.73
C HIS A 80 15.28 -4.28 20.57
N VAL A 81 15.15 -4.95 19.42
CA VAL A 81 13.96 -5.76 19.14
C VAL A 81 14.32 -7.23 19.03
N GLY A 82 13.92 -8.02 20.04
CA GLY A 82 14.20 -9.44 20.03
C GLY A 82 14.89 -9.90 21.31
N SER A 83 14.52 -9.28 22.43
CA SER A 83 15.11 -9.63 23.71
C SER A 83 14.85 -11.09 24.05
N GLY A 84 15.86 -11.74 24.62
CA GLY A 84 15.72 -13.14 24.99
C GLY A 84 15.92 -14.07 23.80
N PRO A 85 15.39 -15.30 23.92
CA PRO A 85 15.50 -16.31 22.86
C PRO A 85 14.66 -15.95 21.63
N SER A 86 14.97 -16.60 20.51
CA SER A 86 14.26 -16.34 19.27
C SER A 86 13.09 -17.31 19.11
N SER A 87 11.88 -16.77 19.16
CA SER A 87 10.67 -17.58 19.02
C SER A 87 10.69 -18.36 17.72
N GLY A 88 10.29 -19.64 17.78
CA GLY A 88 10.27 -20.47 16.59
C GLY A 88 9.83 -19.71 15.36
N GLY A 1 17.02 -24.57 2.22
CA GLY A 1 17.13 -25.16 0.91
C GLY A 1 16.55 -24.28 -0.18
N SER A 2 17.35 -23.32 -0.64
CA SER A 2 16.91 -22.40 -1.69
C SER A 2 17.94 -22.31 -2.81
N SER A 3 17.48 -22.53 -4.04
CA SER A 3 18.37 -22.48 -5.21
C SER A 3 17.60 -22.06 -6.45
N GLY A 4 18.34 -21.83 -7.54
CA GLY A 4 17.71 -21.42 -8.79
C GLY A 4 16.44 -22.20 -9.08
N SER A 5 15.35 -21.48 -9.33
CA SER A 5 14.07 -22.11 -9.62
C SER A 5 13.21 -21.22 -10.52
N SER A 6 12.77 -21.77 -11.63
CA SER A 6 11.94 -21.03 -12.58
C SER A 6 10.72 -21.83 -12.99
N GLY A 7 9.54 -21.24 -12.83
CA GLY A 7 8.31 -21.92 -13.19
C GLY A 7 7.24 -21.79 -12.12
N ASP A 8 7.18 -20.61 -11.50
CA ASP A 8 6.19 -20.36 -10.45
C ASP A 8 4.92 -19.75 -11.04
N PRO A 9 3.76 -20.12 -10.47
CA PRO A 9 2.46 -19.63 -10.92
C PRO A 9 2.26 -18.14 -10.59
N GLY A 10 3.07 -17.64 -9.66
CA GLY A 10 2.96 -16.24 -9.27
C GLY A 10 2.83 -16.07 -7.77
N GLU A 11 2.63 -14.83 -7.33
CA GLU A 11 2.49 -14.54 -5.91
C GLU A 11 1.41 -13.48 -5.68
N ARG A 12 0.70 -13.61 -4.56
CA ARG A 12 -0.35 -12.67 -4.22
C ARG A 12 -0.18 -12.14 -2.80
N LEU A 13 -0.64 -10.92 -2.56
CA LEU A 13 -0.53 -10.30 -1.24
C LEU A 13 -1.83 -9.60 -0.87
N TYR A 14 -2.46 -10.08 0.20
CA TYR A 14 -3.72 -9.51 0.67
C TYR A 14 -3.73 -9.40 2.19
N ASP A 15 -4.78 -8.80 2.73
CA ASP A 15 -4.92 -8.62 4.16
C ASP A 15 -3.61 -8.18 4.80
N LEU A 16 -2.90 -7.29 4.10
CA LEU A 16 -1.62 -6.78 4.59
C LEU A 16 -1.82 -5.86 5.79
N ASN A 17 -2.71 -4.88 5.62
CA ASN A 17 -3.00 -3.93 6.69
C ASN A 17 -1.81 -2.99 6.92
N MET A 18 -1.08 -2.68 5.85
CA MET A 18 0.08 -1.80 5.93
C MET A 18 -0.34 -0.35 5.79
N PRO A 19 -0.01 0.47 6.81
CA PRO A 19 -0.35 1.89 6.82
C PRO A 19 0.47 2.68 5.81
N ALA A 20 -0.23 3.41 4.94
CA ALA A 20 0.43 4.21 3.91
C ALA A 20 0.16 5.69 4.13
N TYR A 21 0.89 6.53 3.39
CA TYR A 21 0.73 7.98 3.51
C TYR A 21 0.44 8.60 2.14
N VAL A 22 -0.79 9.11 1.99
CA VAL A 22 -1.20 9.73 0.74
C VAL A 22 -0.38 10.99 0.46
N LYS A 23 0.65 10.84 -0.37
CA LYS A 23 1.51 11.96 -0.72
C LYS A 23 0.78 12.94 -1.63
N PHE A 24 -0.09 12.41 -2.49
CA PHE A 24 -0.85 13.23 -3.42
C PHE A 24 -2.33 12.87 -3.38
N ASN A 25 -3.19 13.89 -3.43
CA ASN A 25 -4.62 13.68 -3.39
C ASN A 25 -5.11 13.01 -4.68
N TYR A 26 -5.68 11.82 -4.55
CA TYR A 26 -6.19 11.08 -5.69
C TYR A 26 -7.71 11.06 -5.70
N MET A 27 -8.30 11.52 -6.80
CA MET A 27 -9.75 11.56 -6.93
C MET A 27 -10.27 10.27 -7.58
N ALA A 28 -11.29 9.68 -6.97
CA ALA A 28 -11.87 8.44 -7.47
C ALA A 28 -13.11 8.73 -8.30
N GLU A 29 -13.38 7.87 -9.28
CA GLU A 29 -14.53 8.02 -10.16
C GLU A 29 -15.45 6.81 -10.07
N ARG A 30 -14.86 5.64 -9.85
CA ARG A 30 -15.62 4.40 -9.74
C ARG A 30 -15.66 3.90 -8.30
N GLU A 31 -16.79 3.33 -7.90
CA GLU A 31 -16.95 2.81 -6.54
C GLU A 31 -15.73 1.97 -6.15
N ASP A 32 -15.16 1.26 -7.11
CA ASP A 32 -14.00 0.42 -6.86
C ASP A 32 -12.79 1.27 -6.47
N GLU A 33 -12.71 2.47 -7.03
CA GLU A 33 -11.60 3.38 -6.75
C GLU A 33 -11.87 4.17 -5.48
N LEU A 34 -10.80 4.51 -4.76
CA LEU A 34 -10.91 5.27 -3.52
C LEU A 34 -10.26 6.64 -3.66
N SER A 35 -10.96 7.67 -3.19
CA SER A 35 -10.45 9.03 -3.26
C SER A 35 -9.44 9.30 -2.15
N LEU A 36 -8.17 9.46 -2.53
CA LEU A 36 -7.12 9.72 -1.56
C LEU A 36 -6.96 11.22 -1.32
N ILE A 37 -6.36 11.57 -0.18
CA ILE A 37 -6.15 12.97 0.16
C ILE A 37 -4.71 13.21 0.60
N LYS A 38 -4.06 14.19 -0.01
CA LYS A 38 -2.68 14.53 0.32
C LYS A 38 -2.57 15.05 1.75
N GLY A 39 -1.85 14.30 2.59
CA GLY A 39 -1.68 14.71 3.97
C GLY A 39 -2.46 13.83 4.93
N THR A 40 -2.80 12.63 4.48
CA THR A 40 -3.56 11.70 5.31
C THR A 40 -2.88 10.33 5.36
N LYS A 41 -3.52 9.38 6.03
CA LYS A 41 -2.98 8.04 6.15
C LYS A 41 -4.05 6.99 5.85
N VAL A 42 -3.66 5.96 5.09
CA VAL A 42 -4.59 4.89 4.72
C VAL A 42 -4.05 3.53 5.15
N ILE A 43 -4.89 2.50 5.04
CA ILE A 43 -4.50 1.15 5.41
C ILE A 43 -4.59 0.21 4.22
N VAL A 44 -3.44 -0.21 3.71
CA VAL A 44 -3.38 -1.11 2.57
C VAL A 44 -3.79 -2.53 2.97
N MET A 45 -4.66 -3.13 2.17
CA MET A 45 -5.14 -4.49 2.44
C MET A 45 -4.72 -5.44 1.33
N GLU A 46 -4.58 -4.91 0.12
CA GLU A 46 -4.19 -5.73 -1.03
C GLU A 46 -3.31 -4.93 -1.98
N LYS A 47 -2.51 -5.62 -2.78
CA LYS A 47 -1.63 -4.97 -3.75
C LYS A 47 -1.64 -5.72 -5.08
N CYS A 48 -1.75 -4.97 -6.17
CA CYS A 48 -1.77 -5.57 -7.50
C CYS A 48 -0.39 -5.45 -8.16
N SER A 49 0.21 -6.59 -8.46
CA SER A 49 1.53 -6.62 -9.09
C SER A 49 1.63 -5.57 -10.19
N ASP A 50 0.48 -5.25 -10.79
CA ASP A 50 0.43 -4.25 -11.86
C ASP A 50 0.92 -2.89 -11.36
N GLY A 51 0.47 -2.51 -10.17
CA GLY A 51 0.88 -1.23 -9.60
C GLY A 51 -0.22 -0.61 -8.75
N TRP A 52 -1.45 -1.02 -8.99
CA TRP A 52 -2.58 -0.50 -8.22
C TRP A 52 -2.69 -1.18 -6.86
N TRP A 53 -3.06 -0.41 -5.85
CA TRP A 53 -3.19 -0.95 -4.49
C TRP A 53 -4.63 -0.83 -4.01
N ARG A 54 -4.96 -1.57 -2.95
CA ARG A 54 -6.31 -1.55 -2.40
C ARG A 54 -6.27 -1.41 -0.88
N GLY A 55 -6.62 -0.22 -0.39
CA GLY A 55 -6.61 0.02 1.04
C GLY A 55 -7.95 0.53 1.54
N SER A 56 -7.95 1.08 2.75
CA SER A 56 -9.17 1.59 3.36
C SER A 56 -8.94 2.99 3.94
N TYR A 57 -9.96 3.84 3.84
CA TYR A 57 -9.86 5.20 4.35
C TYR A 57 -11.22 5.69 4.86
N ASN A 58 -11.34 5.79 6.17
CA ASN A 58 -12.58 6.24 6.79
C ASN A 58 -13.70 5.22 6.58
N GLY A 59 -13.37 3.95 6.76
CA GLY A 59 -14.36 2.90 6.58
C GLY A 59 -14.57 2.55 5.12
N GLN A 60 -14.08 3.40 4.23
CA GLN A 60 -14.22 3.17 2.79
C GLN A 60 -13.11 2.27 2.28
N VAL A 61 -13.37 1.60 1.16
CA VAL A 61 -12.39 0.71 0.55
C VAL A 61 -12.43 0.78 -0.96
N GLY A 62 -11.27 0.84 -1.59
CA GLY A 62 -11.20 0.91 -3.04
C GLY A 62 -9.82 0.59 -3.57
N TRP A 63 -9.56 0.99 -4.81
CA TRP A 63 -8.26 0.73 -5.44
C TRP A 63 -7.58 2.04 -5.83
N PHE A 64 -6.45 2.32 -5.19
CA PHE A 64 -5.70 3.54 -5.47
C PHE A 64 -4.26 3.22 -5.84
N PRO A 65 -3.63 4.11 -6.63
CA PRO A 65 -2.25 3.95 -7.07
C PRO A 65 -1.25 4.11 -5.93
N SER A 66 -0.34 3.14 -5.79
CA SER A 66 0.66 3.17 -4.74
C SER A 66 1.69 4.26 -5.00
N ASN A 67 1.57 4.91 -6.16
CA ASN A 67 2.50 5.97 -6.55
C ASN A 67 2.14 7.27 -5.83
N TYR A 68 0.89 7.39 -5.41
CA TYR A 68 0.43 8.59 -4.72
C TYR A 68 0.65 8.46 -3.21
N VAL A 69 0.71 7.23 -2.73
CA VAL A 69 0.93 6.97 -1.31
C VAL A 69 2.30 6.35 -1.07
N THR A 70 2.72 6.33 0.20
CA THR A 70 4.01 5.77 0.57
C THR A 70 3.91 4.97 1.86
N GLU A 71 4.58 3.82 1.90
CA GLU A 71 4.57 2.97 3.08
C GLU A 71 5.18 3.69 4.27
N GLU A 72 4.33 4.12 5.19
CA GLU A 72 4.78 4.83 6.38
C GLU A 72 5.09 3.85 7.50
N GLY A 73 6.31 3.94 8.04
CA GLY A 73 6.72 3.05 9.10
C GLY A 73 8.00 2.31 8.79
N ASP A 74 8.74 1.92 9.82
CA ASP A 74 9.99 1.19 9.65
C ASP A 74 11.00 2.04 8.87
N SER A 75 11.04 3.33 9.16
CA SER A 75 11.94 4.24 8.49
C SER A 75 13.20 4.49 9.32
N PRO A 76 14.34 4.63 8.64
CA PRO A 76 15.63 4.88 9.30
C PRO A 76 15.71 6.26 9.93
N LEU A 77 15.98 6.30 11.23
CA LEU A 77 16.09 7.57 11.94
C LEU A 77 17.33 8.34 11.52
N GLY A 78 17.20 9.65 11.39
CA GLY A 78 18.32 10.48 10.98
C GLY A 78 18.98 11.17 12.17
N ASP A 79 19.42 12.41 11.96
CA ASP A 79 20.07 13.18 13.01
C ASP A 79 19.42 14.55 13.16
N HIS A 80 19.20 14.96 14.42
CA HIS A 80 18.59 16.26 14.69
C HIS A 80 19.64 17.36 14.70
N VAL A 81 19.52 18.27 13.74
CA VAL A 81 20.46 19.39 13.64
C VAL A 81 19.82 20.70 14.08
N GLY A 82 20.33 21.25 15.17
CA GLY A 82 19.79 22.50 15.69
C GLY A 82 19.97 23.66 14.72
N SER A 83 20.72 24.67 15.15
CA SER A 83 20.96 25.85 14.32
C SER A 83 21.79 25.47 13.09
N GLY A 84 22.79 24.62 13.30
CA GLY A 84 23.65 24.20 12.20
C GLY A 84 25.12 24.37 12.52
N PRO A 85 25.94 23.45 11.99
CA PRO A 85 27.40 23.48 12.22
C PRO A 85 28.07 24.64 11.50
N SER A 86 29.38 24.75 11.66
CA SER A 86 30.15 25.82 11.03
C SER A 86 30.93 25.31 9.83
N SER A 87 30.83 26.02 8.72
CA SER A 87 31.52 25.63 7.49
C SER A 87 32.66 26.60 7.19
N GLY A 88 33.83 26.06 6.87
CA GLY A 88 34.99 26.88 6.56
C GLY A 88 34.71 27.85 5.42
N GLY A 1 5.48 -28.76 1.15
CA GLY A 1 5.91 -28.81 -0.22
C GLY A 1 4.92 -28.16 -1.17
N SER A 2 5.21 -28.22 -2.47
CA SER A 2 4.34 -27.63 -3.48
C SER A 2 3.50 -28.70 -4.17
N SER A 3 2.61 -28.26 -5.05
CA SER A 3 1.75 -29.18 -5.78
C SER A 3 1.98 -29.06 -7.29
N GLY A 4 2.08 -27.83 -7.77
CA GLY A 4 2.31 -27.61 -9.19
C GLY A 4 3.69 -27.08 -9.48
N SER A 5 3.92 -26.65 -10.71
CA SER A 5 5.23 -26.13 -11.12
C SER A 5 5.33 -24.64 -10.80
N SER A 6 5.81 -24.34 -9.58
CA SER A 6 5.96 -22.96 -9.14
C SER A 6 6.96 -22.22 -10.02
N GLY A 7 6.77 -20.91 -10.16
CA GLY A 7 7.67 -20.12 -10.97
C GLY A 7 7.01 -18.86 -11.49
N ASP A 8 5.85 -19.02 -12.13
CA ASP A 8 5.11 -17.88 -12.68
C ASP A 8 5.16 -16.69 -11.74
N PRO A 9 5.10 -15.48 -12.31
CA PRO A 9 5.14 -14.23 -11.53
C PRO A 9 3.87 -14.03 -10.72
N GLY A 10 4.01 -13.38 -9.56
CA GLY A 10 2.87 -13.13 -8.71
C GLY A 10 3.28 -12.62 -7.34
N GLU A 11 3.09 -11.32 -7.11
CA GLU A 11 3.45 -10.71 -5.84
C GLU A 11 2.25 -9.96 -5.24
N ARG A 12 1.14 -10.67 -5.10
CA ARG A 12 -0.07 -10.07 -4.54
C ARG A 12 -0.22 -10.42 -3.07
N LEU A 13 -0.10 -9.41 -2.21
CA LEU A 13 -0.22 -9.61 -0.77
C LEU A 13 -1.52 -9.00 -0.24
N TYR A 14 -2.42 -9.87 0.22
CA TYR A 14 -3.70 -9.42 0.75
C TYR A 14 -3.62 -9.17 2.25
N ASP A 15 -4.73 -8.75 2.84
CA ASP A 15 -4.78 -8.48 4.27
C ASP A 15 -3.43 -7.96 4.77
N LEU A 16 -2.89 -6.96 4.08
CA LEU A 16 -1.62 -6.37 4.45
C LEU A 16 -1.77 -5.49 5.69
N ASN A 17 -2.84 -4.72 5.73
CA ASN A 17 -3.11 -3.82 6.85
C ASN A 17 -1.93 -2.89 7.10
N MET A 18 -1.17 -2.62 6.04
CA MET A 18 -0.01 -1.74 6.13
C MET A 18 -0.43 -0.27 5.98
N PRO A 19 -0.13 0.53 7.01
CA PRO A 19 -0.48 1.96 7.01
C PRO A 19 0.37 2.76 6.03
N ALA A 20 -0.28 3.35 5.04
CA ALA A 20 0.40 4.14 4.02
C ALA A 20 0.13 5.63 4.22
N TYR A 21 0.86 6.46 3.49
CA TYR A 21 0.71 7.91 3.59
C TYR A 21 0.41 8.52 2.21
N VAL A 22 -0.78 9.08 2.08
CA VAL A 22 -1.19 9.70 0.82
C VAL A 22 -0.35 10.93 0.51
N LYS A 23 0.62 10.76 -0.38
CA LYS A 23 1.50 11.87 -0.76
C LYS A 23 0.78 12.84 -1.70
N PHE A 24 -0.07 12.30 -2.57
CA PHE A 24 -0.82 13.12 -3.51
C PHE A 24 -2.31 12.83 -3.41
N ASN A 25 -3.12 13.83 -3.73
CA ASN A 25 -4.58 13.70 -3.66
C ASN A 25 -5.10 12.99 -4.91
N TYR A 26 -5.70 11.81 -4.72
CA TYR A 26 -6.24 11.04 -5.83
C TYR A 26 -7.77 11.10 -5.84
N MET A 27 -8.32 11.54 -6.96
CA MET A 27 -9.78 11.65 -7.10
C MET A 27 -10.35 10.42 -7.79
N ALA A 28 -11.20 9.68 -7.08
CA ALA A 28 -11.82 8.48 -7.62
C ALA A 28 -13.09 8.82 -8.39
N GLU A 29 -13.39 8.03 -9.41
CA GLU A 29 -14.58 8.24 -10.23
C GLU A 29 -15.48 7.00 -10.21
N ARG A 30 -14.89 5.85 -9.89
CA ARG A 30 -15.64 4.60 -9.84
C ARG A 30 -15.80 4.12 -8.40
N GLU A 31 -16.97 3.54 -8.11
CA GLU A 31 -17.25 3.05 -6.77
C GLU A 31 -16.16 2.08 -6.31
N ASP A 32 -15.49 1.44 -7.27
CA ASP A 32 -14.43 0.50 -6.96
C ASP A 32 -13.15 1.22 -6.58
N GLU A 33 -13.00 2.44 -7.08
CA GLU A 33 -11.81 3.24 -6.81
C GLU A 33 -12.02 4.11 -5.57
N LEU A 34 -10.94 4.35 -4.82
CA LEU A 34 -11.00 5.16 -3.62
C LEU A 34 -10.24 6.47 -3.80
N SER A 35 -10.75 7.54 -3.20
CA SER A 35 -10.12 8.85 -3.30
C SER A 35 -9.12 9.06 -2.16
N LEU A 36 -7.90 9.46 -2.51
CA LEU A 36 -6.86 9.71 -1.53
C LEU A 36 -6.63 11.19 -1.33
N ILE A 37 -6.41 11.61 -0.09
CA ILE A 37 -6.18 13.01 0.23
C ILE A 37 -4.72 13.24 0.63
N LYS A 38 -4.08 14.19 -0.04
CA LYS A 38 -2.69 14.51 0.25
C LYS A 38 -2.54 15.05 1.67
N GLY A 39 -1.92 14.24 2.53
CA GLY A 39 -1.71 14.65 3.91
C GLY A 39 -2.46 13.76 4.90
N THR A 40 -2.87 12.58 4.43
CA THR A 40 -3.59 11.64 5.27
C THR A 40 -2.91 10.26 5.28
N LYS A 41 -3.46 9.34 6.06
CA LYS A 41 -2.91 8.00 6.15
C LYS A 41 -3.98 6.96 5.84
N VAL A 42 -3.64 5.99 4.98
CA VAL A 42 -4.57 4.94 4.61
C VAL A 42 -4.08 3.57 5.09
N ILE A 43 -4.92 2.56 4.94
CA ILE A 43 -4.57 1.20 5.35
C ILE A 43 -4.60 0.24 4.17
N VAL A 44 -3.43 -0.20 3.74
CA VAL A 44 -3.33 -1.13 2.62
C VAL A 44 -3.78 -2.53 3.02
N MET A 45 -4.50 -3.20 2.12
CA MET A 45 -4.99 -4.54 2.38
C MET A 45 -4.57 -5.50 1.26
N GLU A 46 -4.46 -4.97 0.05
CA GLU A 46 -4.07 -5.79 -1.10
C GLU A 46 -3.20 -4.98 -2.07
N LYS A 47 -2.22 -5.65 -2.66
CA LYS A 47 -1.32 -5.00 -3.61
C LYS A 47 -1.21 -5.81 -4.90
N CYS A 48 -1.50 -5.16 -6.02
CA CYS A 48 -1.42 -5.82 -7.32
C CYS A 48 -0.15 -5.42 -8.06
N SER A 49 0.65 -6.42 -8.43
CA SER A 49 1.90 -6.17 -9.14
C SER A 49 1.74 -5.04 -10.15
N ASP A 50 0.67 -5.10 -10.93
CA ASP A 50 0.39 -4.07 -11.94
C ASP A 50 0.82 -2.70 -11.44
N GLY A 51 0.35 -2.34 -10.25
CA GLY A 51 0.69 -1.04 -9.69
C GLY A 51 -0.39 -0.50 -8.77
N TRP A 52 -1.63 -0.80 -9.09
CA TRP A 52 -2.76 -0.34 -8.30
C TRP A 52 -2.84 -1.09 -6.97
N TRP A 53 -3.15 -0.37 -5.90
CA TRP A 53 -3.26 -0.98 -4.58
C TRP A 53 -4.70 -0.93 -4.07
N ARG A 54 -4.98 -1.69 -3.02
CA ARG A 54 -6.31 -1.73 -2.44
C ARG A 54 -6.24 -1.61 -0.92
N GLY A 55 -6.68 -0.48 -0.39
CA GLY A 55 -6.65 -0.27 1.05
C GLY A 55 -7.97 0.27 1.58
N SER A 56 -7.91 0.93 2.73
CA SER A 56 -9.11 1.50 3.35
C SER A 56 -8.83 2.90 3.89
N TYR A 57 -9.85 3.74 3.89
CA TYR A 57 -9.71 5.10 4.39
C TYR A 57 -11.04 5.62 4.94
N ASN A 58 -11.10 5.76 6.27
CA ASN A 58 -12.31 6.24 6.92
C ASN A 58 -13.44 5.23 6.80
N GLY A 59 -13.10 3.95 6.87
CA GLY A 59 -14.09 2.90 6.75
C GLY A 59 -14.40 2.55 5.32
N GLN A 60 -13.89 3.35 4.39
CA GLN A 60 -14.12 3.13 2.96
C GLN A 60 -13.06 2.18 2.38
N VAL A 61 -13.38 1.57 1.25
CA VAL A 61 -12.45 0.65 0.59
C VAL A 61 -12.53 0.79 -0.93
N GLY A 62 -11.36 0.79 -1.57
CA GLY A 62 -11.31 0.92 -3.00
C GLY A 62 -9.91 0.74 -3.56
N TRP A 63 -9.76 0.93 -4.87
CA TRP A 63 -8.47 0.77 -5.51
C TRP A 63 -7.81 2.13 -5.76
N PHE A 64 -6.57 2.27 -5.31
CA PHE A 64 -5.84 3.51 -5.47
C PHE A 64 -4.38 3.25 -5.84
N PRO A 65 -3.79 4.17 -6.61
CA PRO A 65 -2.39 4.05 -7.04
C PRO A 65 -1.40 4.23 -5.89
N SER A 66 -0.64 3.18 -5.60
CA SER A 66 0.34 3.22 -4.53
C SER A 66 1.35 4.34 -4.76
N ASN A 67 1.62 4.64 -6.03
CA ASN A 67 2.57 5.68 -6.39
C ASN A 67 2.21 7.00 -5.71
N TYR A 68 0.94 7.14 -5.36
CA TYR A 68 0.47 8.36 -4.70
C TYR A 68 0.65 8.28 -3.19
N VAL A 69 0.78 7.06 -2.68
CA VAL A 69 0.97 6.85 -1.25
C VAL A 69 2.34 6.25 -0.95
N THR A 70 2.71 6.23 0.31
CA THR A 70 4.00 5.69 0.73
C THR A 70 3.89 4.92 2.04
N GLU A 71 4.56 3.77 2.11
CA GLU A 71 4.53 2.95 3.31
C GLU A 71 5.06 3.71 4.52
N GLU A 72 4.19 3.96 5.49
CA GLU A 72 4.57 4.67 6.69
C GLU A 72 4.87 3.71 7.84
N GLY A 73 6.15 3.52 8.11
CA GLY A 73 6.56 2.61 9.18
C GLY A 73 6.18 3.13 10.56
N ASP A 74 5.01 2.71 11.05
CA ASP A 74 4.54 3.14 12.36
C ASP A 74 5.60 2.90 13.43
N SER A 75 6.36 3.95 13.75
CA SER A 75 7.42 3.85 14.75
C SER A 75 6.83 3.89 16.16
N PRO A 76 7.46 3.14 17.08
CA PRO A 76 7.02 3.07 18.47
C PRO A 76 7.25 4.37 19.23
N LEU A 77 6.20 4.88 19.86
CA LEU A 77 6.29 6.13 20.61
C LEU A 77 6.84 5.87 22.01
N GLY A 78 7.58 6.85 22.54
CA GLY A 78 8.14 6.72 23.87
C GLY A 78 7.56 7.71 24.86
N ASP A 79 7.75 7.44 26.14
CA ASP A 79 7.23 8.31 27.19
C ASP A 79 7.30 9.77 26.76
N HIS A 80 8.43 10.17 26.17
CA HIS A 80 8.61 11.53 25.72
C HIS A 80 8.41 12.53 26.86
N VAL A 81 8.91 12.18 28.04
CA VAL A 81 8.79 13.03 29.21
C VAL A 81 10.13 13.64 29.58
N GLY A 82 10.16 14.96 29.72
CA GLY A 82 11.38 15.65 30.08
C GLY A 82 11.21 16.58 31.26
N SER A 83 10.13 17.35 31.25
CA SER A 83 9.84 18.29 32.33
C SER A 83 10.06 17.64 33.69
N GLY A 84 9.53 16.42 33.85
CA GLY A 84 9.67 15.71 35.11
C GLY A 84 8.71 16.21 36.17
N PRO A 85 9.04 15.95 37.44
CA PRO A 85 8.21 16.36 38.57
C PRO A 85 8.22 17.87 38.78
N SER A 86 7.10 18.50 38.46
CA SER A 86 6.97 19.95 38.61
C SER A 86 6.73 20.33 40.07
N SER A 87 5.69 19.73 40.67
CA SER A 87 5.34 20.01 42.05
C SER A 87 4.89 21.45 42.22
N GLY A 88 4.12 21.95 41.26
CA GLY A 88 3.63 23.31 41.32
C GLY A 88 2.18 23.39 41.73
N GLY A 1 -10.48 -36.51 -12.25
CA GLY A 1 -11.35 -35.41 -12.59
C GLY A 1 -10.84 -34.08 -12.06
N SER A 2 -9.64 -33.69 -12.47
CA SER A 2 -9.03 -32.45 -12.02
C SER A 2 -8.90 -31.47 -13.19
N SER A 3 -9.76 -30.45 -13.20
CA SER A 3 -9.75 -29.44 -14.25
C SER A 3 -9.21 -28.11 -13.73
N GLY A 4 -7.97 -27.80 -14.10
CA GLY A 4 -7.35 -26.56 -13.66
C GLY A 4 -5.91 -26.75 -13.25
N SER A 5 -5.09 -25.74 -13.51
CA SER A 5 -3.67 -25.80 -13.17
C SER A 5 -3.36 -24.90 -11.96
N SER A 6 -2.52 -25.40 -11.07
CA SER A 6 -2.14 -24.66 -9.87
C SER A 6 -0.63 -24.56 -9.75
N GLY A 7 -0.15 -23.37 -9.38
CA GLY A 7 1.28 -23.17 -9.23
C GLY A 7 1.79 -22.02 -10.08
N ASP A 8 1.10 -20.88 -10.02
CA ASP A 8 1.49 -19.70 -10.78
C ASP A 8 2.63 -18.96 -10.09
N PRO A 9 3.40 -18.21 -10.88
CA PRO A 9 4.54 -17.44 -10.37
C PRO A 9 4.09 -16.24 -9.53
N GLY A 10 4.95 -15.82 -8.62
CA GLY A 10 4.64 -14.69 -7.76
C GLY A 10 3.46 -14.98 -6.84
N GLU A 11 3.68 -14.88 -5.54
CA GLU A 11 2.63 -15.12 -4.56
C GLU A 11 1.75 -13.89 -4.38
N ARG A 12 0.51 -14.12 -3.96
CA ARG A 12 -0.43 -13.03 -3.75
C ARG A 12 -0.25 -12.41 -2.37
N LEU A 13 -0.69 -11.16 -2.21
CA LEU A 13 -0.56 -10.46 -0.95
C LEU A 13 -1.84 -9.67 -0.63
N TYR A 14 -2.53 -10.06 0.42
CA TYR A 14 -3.77 -9.40 0.83
C TYR A 14 -3.86 -9.28 2.35
N ASP A 15 -4.90 -8.62 2.82
CA ASP A 15 -5.10 -8.44 4.26
C ASP A 15 -3.79 -8.10 4.96
N LEU A 16 -3.00 -7.25 4.32
CA LEU A 16 -1.71 -6.83 4.88
C LEU A 16 -1.90 -5.85 6.03
N ASN A 17 -2.70 -4.81 5.78
CA ASN A 17 -2.96 -3.81 6.81
C ASN A 17 -1.76 -2.89 6.99
N MET A 18 -1.04 -2.64 5.90
CA MET A 18 0.13 -1.78 5.94
C MET A 18 -0.27 -0.31 5.80
N PRO A 19 0.07 0.50 6.82
CA PRO A 19 -0.24 1.93 6.83
C PRO A 19 0.59 2.71 5.81
N ALA A 20 -0.10 3.45 4.94
CA ALA A 20 0.57 4.24 3.92
C ALA A 20 0.28 5.73 4.10
N TYR A 21 1.08 6.57 3.46
CA TYR A 21 0.92 8.01 3.55
C TYR A 21 0.64 8.62 2.19
N VAL A 22 -0.54 9.21 2.03
CA VAL A 22 -0.93 9.84 0.78
C VAL A 22 -0.11 11.10 0.50
N LYS A 23 0.77 11.03 -0.49
CA LYS A 23 1.61 12.16 -0.85
C LYS A 23 0.89 13.08 -1.83
N PHE A 24 -0.09 12.53 -2.55
CA PHE A 24 -0.85 13.30 -3.51
C PHE A 24 -2.32 12.88 -3.52
N ASN A 25 -3.20 13.87 -3.41
CA ASN A 25 -4.64 13.60 -3.40
C ASN A 25 -5.09 12.93 -4.70
N TYR A 26 -5.82 11.83 -4.57
CA TYR A 26 -6.30 11.10 -5.73
C TYR A 26 -7.83 11.08 -5.76
N MET A 27 -8.40 11.57 -6.85
CA MET A 27 -9.85 11.60 -7.01
C MET A 27 -10.35 10.37 -7.76
N ALA A 28 -11.20 9.59 -7.11
CA ALA A 28 -11.75 8.38 -7.71
C ALA A 28 -12.90 8.71 -8.65
N GLU A 29 -13.08 7.89 -9.68
CA GLU A 29 -14.14 8.10 -10.66
C GLU A 29 -15.14 6.94 -10.64
N ARG A 30 -14.71 5.82 -10.07
CA ARG A 30 -15.55 4.63 -9.99
C ARG A 30 -15.65 4.12 -8.55
N GLU A 31 -16.82 3.61 -8.18
CA GLU A 31 -17.04 3.09 -6.84
C GLU A 31 -15.90 2.17 -6.42
N ASP A 32 -15.44 1.34 -7.36
CA ASP A 32 -14.35 0.41 -7.08
C ASP A 32 -13.08 1.16 -6.70
N GLU A 33 -12.92 2.37 -7.23
CA GLU A 33 -11.75 3.18 -6.94
C GLU A 33 -11.94 3.99 -5.66
N LEU A 34 -10.84 4.31 -4.99
CA LEU A 34 -10.89 5.07 -3.75
C LEU A 34 -10.29 6.46 -3.95
N SER A 35 -10.81 7.44 -3.22
CA SER A 35 -10.32 8.81 -3.31
C SER A 35 -9.35 9.11 -2.18
N LEU A 36 -8.06 9.23 -2.53
CA LEU A 36 -7.03 9.53 -1.55
C LEU A 36 -6.94 11.02 -1.28
N ILE A 37 -6.39 11.37 -0.12
CA ILE A 37 -6.25 12.78 0.25
C ILE A 37 -4.85 13.06 0.77
N LYS A 38 -4.17 14.04 0.15
CA LYS A 38 -2.82 14.40 0.56
C LYS A 38 -2.81 14.94 1.99
N GLY A 39 -2.03 14.29 2.85
CA GLY A 39 -1.94 14.72 4.23
C GLY A 39 -2.67 13.77 5.18
N THR A 40 -2.92 12.55 4.72
CA THR A 40 -3.61 11.55 5.53
C THR A 40 -2.90 10.21 5.45
N LYS A 41 -3.41 9.23 6.20
CA LYS A 41 -2.82 7.90 6.23
C LYS A 41 -3.88 6.84 5.93
N VAL A 42 -3.56 5.93 5.00
CA VAL A 42 -4.47 4.87 4.63
C VAL A 42 -3.95 3.51 5.06
N ILE A 43 -4.79 2.48 4.95
CA ILE A 43 -4.41 1.13 5.33
C ILE A 43 -4.50 0.18 4.15
N VAL A 44 -3.34 -0.18 3.59
CA VAL A 44 -3.29 -1.09 2.46
C VAL A 44 -3.68 -2.50 2.86
N MET A 45 -4.65 -3.08 2.14
CA MET A 45 -5.10 -4.43 2.43
C MET A 45 -4.74 -5.38 1.30
N GLU A 46 -4.68 -4.85 0.08
CA GLU A 46 -4.35 -5.65 -1.09
C GLU A 46 -3.41 -4.90 -2.02
N LYS A 47 -2.57 -5.64 -2.75
CA LYS A 47 -1.63 -5.03 -3.68
C LYS A 47 -1.54 -5.84 -4.97
N CYS A 48 -1.79 -5.18 -6.09
CA CYS A 48 -1.74 -5.85 -7.39
C CYS A 48 -0.38 -5.61 -8.07
N SER A 49 0.38 -6.69 -8.27
CA SER A 49 1.69 -6.60 -8.89
C SER A 49 1.70 -5.51 -9.97
N ASP A 50 0.60 -5.40 -10.70
CA ASP A 50 0.49 -4.40 -11.76
C ASP A 50 0.95 -3.04 -11.27
N GLY A 51 0.38 -2.58 -10.15
CA GLY A 51 0.75 -1.29 -9.60
C GLY A 51 -0.35 -0.69 -8.75
N TRP A 52 -1.60 -0.99 -9.09
CA TRP A 52 -2.73 -0.48 -8.35
C TRP A 52 -2.83 -1.13 -6.97
N TRP A 53 -3.09 -0.31 -5.95
CA TRP A 53 -3.20 -0.80 -4.60
C TRP A 53 -4.65 -0.70 -4.10
N ARG A 54 -4.98 -1.50 -3.08
CA ARG A 54 -6.32 -1.52 -2.53
C ARG A 54 -6.28 -1.37 -1.01
N GLY A 55 -6.65 -0.19 -0.52
CA GLY A 55 -6.65 0.05 0.91
C GLY A 55 -7.98 0.58 1.41
N SER A 56 -7.98 1.15 2.61
CA SER A 56 -9.19 1.69 3.21
C SER A 56 -8.95 3.09 3.76
N TYR A 57 -9.98 3.92 3.74
CA TYR A 57 -9.89 5.29 4.23
C TYR A 57 -11.20 5.73 4.89
N ASN A 58 -11.16 5.85 6.21
CA ASN A 58 -12.36 6.26 6.96
C ASN A 58 -13.38 5.13 7.03
N GLY A 59 -12.89 3.90 6.91
CA GLY A 59 -13.78 2.75 6.97
C GLY A 59 -14.15 2.25 5.59
N GLN A 60 -13.92 3.07 4.58
CA GLN A 60 -14.25 2.71 3.20
C GLN A 60 -13.12 1.88 2.58
N VAL A 61 -13.41 1.28 1.43
CA VAL A 61 -12.43 0.46 0.73
C VAL A 61 -12.54 0.63 -0.78
N GLY A 62 -11.40 0.71 -1.46
CA GLY A 62 -11.40 0.85 -2.90
C GLY A 62 -10.03 0.65 -3.51
N TRP A 63 -9.85 1.13 -4.73
CA TRP A 63 -8.57 0.98 -5.42
C TRP A 63 -7.92 2.34 -5.65
N PHE A 64 -6.65 2.45 -5.29
CA PHE A 64 -5.91 3.71 -5.46
C PHE A 64 -4.46 3.44 -5.83
N PRO A 65 -3.87 4.34 -6.61
CA PRO A 65 -2.48 4.23 -7.06
C PRO A 65 -1.49 4.41 -5.92
N SER A 66 -0.71 3.37 -5.64
CA SER A 66 0.28 3.43 -4.57
C SER A 66 1.31 4.52 -4.83
N ASN A 67 1.56 4.79 -6.11
CA ASN A 67 2.52 5.81 -6.51
C ASN A 67 2.21 7.14 -5.83
N TYR A 68 0.95 7.32 -5.43
CA TYR A 68 0.53 8.55 -4.77
C TYR A 68 0.83 8.49 -3.27
N VAL A 69 0.77 7.30 -2.71
CA VAL A 69 1.04 7.11 -1.29
C VAL A 69 2.41 6.50 -1.06
N THR A 70 2.83 6.44 0.20
CA THR A 70 4.14 5.89 0.55
C THR A 70 4.07 5.08 1.84
N GLU A 71 4.60 3.88 1.81
CA GLU A 71 4.60 3.00 2.99
C GLU A 71 5.24 3.71 4.18
N GLU A 72 4.41 4.17 5.11
CA GLU A 72 4.89 4.86 6.29
C GLU A 72 5.35 3.87 7.36
N GLY A 73 4.54 2.83 7.58
CA GLY A 73 4.87 1.82 8.57
C GLY A 73 6.16 1.10 8.25
N ASP A 74 6.08 0.12 7.35
CA ASP A 74 7.25 -0.66 6.95
C ASP A 74 8.50 0.22 6.93
N SER A 75 9.52 -0.20 7.67
CA SER A 75 10.77 0.54 7.73
C SER A 75 11.95 -0.32 7.28
N PRO A 76 12.92 0.31 6.61
CA PRO A 76 14.12 -0.38 6.11
C PRO A 76 15.04 -0.81 7.24
N LEU A 77 15.94 -1.73 6.94
CA LEU A 77 16.89 -2.24 7.93
C LEU A 77 17.72 -1.10 8.50
N GLY A 78 17.86 -1.08 9.82
CA GLY A 78 18.63 -0.03 10.48
C GLY A 78 18.07 1.35 10.22
N ASP A 79 17.01 1.70 10.95
CA ASP A 79 16.38 3.01 10.80
C ASP A 79 16.82 3.96 11.91
N HIS A 80 16.73 3.47 13.16
CA HIS A 80 17.11 4.27 14.32
C HIS A 80 18.32 5.13 14.00
N VAL A 81 19.32 4.54 13.35
CA VAL A 81 20.53 5.25 13.00
C VAL A 81 20.48 5.74 11.55
N GLY A 82 21.01 6.94 11.33
CA GLY A 82 21.01 7.51 9.99
C GLY A 82 22.23 8.37 9.72
N SER A 83 22.18 9.62 10.16
CA SER A 83 23.29 10.55 9.96
C SER A 83 24.61 9.91 10.35
N GLY A 84 24.70 9.46 11.60
CA GLY A 84 25.91 8.82 12.08
C GLY A 84 26.47 9.49 13.32
N PRO A 85 27.44 10.39 13.13
CA PRO A 85 28.07 11.11 14.23
C PRO A 85 27.13 12.13 14.87
N SER A 86 27.30 12.34 16.18
CA SER A 86 26.45 13.28 16.92
C SER A 86 26.98 13.48 18.33
N SER A 87 27.27 14.74 18.67
CA SER A 87 27.79 15.07 19.99
C SER A 87 27.28 16.45 20.43
N GLY A 88 26.52 16.47 21.52
CA GLY A 88 25.99 17.72 22.04
C GLY A 88 27.00 18.49 22.84
#